data_4V0I
#
_entry.id   4V0I
#
_cell.length_a   62.000
_cell.length_b   216.430
_cell.length_c   76.970
_cell.angle_alpha   90.00
_cell.angle_beta   113.29
_cell.angle_gamma   90.00
#
_symmetry.space_group_name_H-M   'P 1 21 1'
#
loop_
_entity.id
_entity.type
_entity.pdbx_description
1 polymer 'PHOSPHATIDYLINOSITOL-4,5-BISPHOSPHATE 3-KINASE CATALYTIC SUBUNIT DELTA ISOFORM'
2 non-polymer 2-[2-(2-METHYL-2,3-DIHYDRO-INDOL-1-YL)-2-OXO-ETHYL]-6-MORPHOLIN-4-YL-3H-PYRIMIDIN-4-ONE
3 water water
#
_entity_poly.entity_id   1
_entity_poly.type   'polypeptide(L)'
_entity_poly.pdbx_seq_one_letter_code
;GGDRVKKLINSQISLLIGKGLHEFDSLRDPEVNDFRTKMRQFCEEAAAHRQQLGWVEWLQYSFPLQLEPSARGWRAGLLR
VSNRALLVNVKFEGSEESFTFQVSTKDMPLALMACALRKKATVFRQPLVEQPEEYALQVNGRHEYLYGNYPLCHFQYICS
CLHSGLTPHLTMVHSSSILAMRDEQSNPAPQVQKPRAKPPPIPAKKPSSVSLWSLEQPFSIELIEGRKVNADERMKLVVQ
AGLFHGNEMLCKTVSSSEVNVCSEPVWKQRLEFDISVCDLPRMARLCFALYAVVEKAKKARSTKKKSKKADCPIAWANLM
LFDYKDQLKTGERCLYMWPSVPDEKGELLNPAGTVRGNPNTESAAALVIYLPEVAPHPVYFPALEKILELGRHGERGRIT
EEEQLQLREILERRGSGELYEHEKDLVWKMRHEVQEHFPEALARLLLVTKWNKHEDVAQMLYLLCSWPELPVLSALELLD
FSFPDCYVGSFAIKSLRKLTDDELFQYLLQLVQVLKYESYLDCELTKFLLGRALANRKIGHFLFWHLRSEMHVPSVALRF
GLIMEAYCRGSTHHMKVLMKQGEALSKLKALNDFVKVSSQKTTKPQTKEMMHMCMRQETYMEALSHLQSPLDPSTLLEEV
CVEQCTFMDSKMKPLWIMYSSEEAGSAGNVGIIFKNGDDLRQDMLTLQMIQLMDVLWKQEGLDLRMTPYGCLPTGDRTGL
IEVVLHSDTIANIQLNKSNMAATAAFNKDALLNWLKSKNPGEALDRAIEEFTLSCAGYCVATYVLGIGDRHSDNIMIRES
GQLFHIDFGHFLGNFKTKFGINRERVPFILTYDFVHVIQQGKTNNSEKFERFRGYCERAYTILRRHGLLFLHLFALMRAA
GLPELSCSKDIQYLKDSLALGKTEEEALKHFRVKFNEALRESWKTKVNWLAHNVSKDNRQ
;
_entity_poly.pdbx_strand_id   A,B
#
loop_
_chem_comp.id
_chem_comp.type
_chem_comp.name
_chem_comp.formula
J82 non-polymer 2-[2-(2-METHYL-2,3-DIHYDRO-INDOL-1-YL)-2-OXO-ETHYL]-6-MORPHOLIN-4-YL-3H-PYRIMIDIN-4-ONE 'C19 H22 N4 O3'
#
# COMPACT_ATOMS: atom_id res chain seq x y z
N LYS A 6 -20.54 36.01 -39.78
CA LYS A 6 -19.81 36.95 -40.64
C LYS A 6 -19.67 38.34 -39.99
N LYS A 7 -20.45 38.63 -38.93
CA LYS A 7 -20.41 39.93 -38.26
C LYS A 7 -20.57 39.86 -36.73
N LEU A 8 -21.42 38.94 -36.23
CA LEU A 8 -21.72 38.81 -34.81
C LEU A 8 -20.62 38.22 -33.93
N ILE A 9 -19.88 37.20 -34.42
CA ILE A 9 -18.83 36.49 -33.69
C ILE A 9 -17.91 37.41 -32.88
N ASN A 10 -17.40 38.48 -33.52
CA ASN A 10 -16.53 39.48 -32.90
C ASN A 10 -17.17 40.19 -31.70
N SER A 11 -18.49 40.44 -31.76
CA SER A 11 -19.21 41.08 -30.65
C SER A 11 -19.64 40.05 -29.60
N GLN A 12 -19.86 38.80 -30.06
CA GLN A 12 -20.24 37.66 -29.23
C GLN A 12 -19.11 37.28 -28.29
N ILE A 13 -17.85 37.24 -28.79
CA ILE A 13 -16.64 36.95 -28.00
C ILE A 13 -16.46 38.07 -26.97
N SER A 14 -16.56 39.34 -27.43
CA SER A 14 -16.43 40.56 -26.62
C SER A 14 -17.34 40.56 -25.39
N LEU A 15 -18.61 40.14 -25.57
CA LEU A 15 -19.59 40.08 -24.49
C LEU A 15 -19.33 38.90 -23.55
N LEU A 16 -18.87 37.76 -24.11
CA LEU A 16 -18.55 36.54 -23.38
C LEU A 16 -17.29 36.69 -22.51
N ILE A 17 -16.24 37.35 -23.03
CA ILE A 17 -14.99 37.55 -22.29
C ILE A 17 -15.04 38.77 -21.36
N GLY A 18 -15.99 39.68 -21.61
CA GLY A 18 -16.20 40.90 -20.82
C GLY A 18 -15.23 42.01 -21.16
N LYS A 19 -14.70 42.02 -22.39
CA LYS A 19 -13.75 43.00 -22.91
C LYS A 19 -13.85 43.03 -24.44
N GLY A 20 -13.92 44.23 -25.00
CA GLY A 20 -14.00 44.44 -26.45
C GLY A 20 -12.73 44.03 -27.16
N LEU A 21 -12.86 43.31 -28.29
CA LEU A 21 -11.73 42.82 -29.10
C LEU A 21 -10.85 43.93 -29.67
N HIS A 22 -11.42 45.14 -29.86
CA HIS A 22 -10.73 46.33 -30.36
C HIS A 22 -9.64 46.80 -29.40
N GLU A 23 -9.83 46.56 -28.08
CA GLU A 23 -8.90 46.91 -27.00
C GLU A 23 -7.54 46.20 -27.16
N PHE A 24 -7.52 45.05 -27.85
CA PHE A 24 -6.30 44.30 -28.15
C PHE A 24 -5.59 44.98 -29.33
N ASP A 25 -6.37 45.41 -30.35
CA ASP A 25 -5.89 46.10 -31.54
C ASP A 25 -5.36 47.49 -31.24
N SER A 26 -6.04 48.24 -30.32
CA SER A 26 -5.68 49.60 -29.91
C SER A 26 -4.32 49.67 -29.20
N LEU A 27 -3.82 48.53 -28.67
CA LEU A 27 -2.53 48.43 -28.00
C LEU A 27 -1.36 48.61 -28.98
N ARG A 28 -1.60 48.30 -30.29
CA ARG A 28 -0.65 48.37 -31.42
C ARG A 28 0.61 47.51 -31.15
N ASP A 29 0.41 46.38 -30.44
CA ASP A 29 1.47 45.44 -30.06
C ASP A 29 1.68 44.35 -31.11
N PRO A 30 2.93 44.15 -31.62
CA PRO A 30 3.14 43.09 -32.62
C PRO A 30 2.99 41.68 -32.07
N GLU A 31 3.34 41.48 -30.77
CA GLU A 31 3.23 40.21 -30.06
C GLU A 31 1.76 39.78 -29.91
N VAL A 32 0.87 40.76 -29.59
CA VAL A 32 -0.57 40.55 -29.42
C VAL A 32 -1.21 40.12 -30.75
N ASN A 33 -0.89 40.83 -31.86
CA ASN A 33 -1.39 40.54 -33.20
C ASN A 33 -0.90 39.19 -33.74
N ASP A 34 0.38 38.85 -33.48
CA ASP A 34 1.01 37.59 -33.89
C ASP A 34 0.38 36.39 -33.19
N PHE A 35 0.04 36.54 -31.89
CA PHE A 35 -0.63 35.51 -31.10
C PHE A 35 -2.05 35.29 -31.63
N ARG A 36 -2.78 36.39 -31.93
CA ARG A 36 -4.15 36.37 -32.45
C ARG A 36 -4.27 35.65 -33.80
N THR A 37 -3.36 35.93 -34.75
CA THR A 37 -3.37 35.32 -36.08
C THR A 37 -2.95 33.85 -36.08
N LYS A 38 -1.87 33.50 -35.34
CA LYS A 38 -1.34 32.13 -35.26
C LYS A 38 -2.26 31.19 -34.45
N MET A 39 -2.80 31.65 -33.31
CA MET A 39 -3.70 30.83 -32.49
C MET A 39 -5.07 30.64 -33.12
N ARG A 40 -5.53 31.62 -33.92
CA ARG A 40 -6.80 31.52 -34.67
C ARG A 40 -6.63 30.39 -35.69
N GLN A 41 -5.46 30.35 -36.36
CA GLN A 41 -5.07 29.34 -37.34
C GLN A 41 -4.99 27.96 -36.67
N PHE A 42 -4.36 27.90 -35.46
CA PHE A 42 -4.20 26.68 -34.66
C PHE A 42 -5.55 26.09 -34.22
N CYS A 43 -6.47 26.96 -33.75
CA CYS A 43 -7.79 26.57 -33.27
C CYS A 43 -8.78 26.23 -34.38
N GLU A 44 -8.67 26.89 -35.55
CA GLU A 44 -9.55 26.63 -36.70
C GLU A 44 -9.23 25.29 -37.36
N GLU A 45 -7.93 24.91 -37.39
CA GLU A 45 -7.45 23.63 -37.93
C GLU A 45 -7.95 22.48 -37.08
N ALA A 46 -7.97 22.67 -35.73
CA ALA A 46 -8.46 21.70 -34.75
C ALA A 46 -9.96 21.49 -34.89
N ALA A 47 -10.70 22.58 -35.23
CA ALA A 47 -12.13 22.57 -35.47
C ALA A 47 -12.47 21.82 -36.75
N ALA A 48 -11.60 21.93 -37.78
CA ALA A 48 -11.75 21.27 -39.08
C ALA A 48 -11.58 19.75 -38.97
N HIS A 49 -10.57 19.31 -38.18
CA HIS A 49 -10.27 17.90 -37.90
C HIS A 49 -11.43 17.26 -37.15
N ARG A 50 -12.02 18.02 -36.21
CA ARG A 50 -13.15 17.67 -35.36
C ARG A 50 -14.42 17.40 -36.17
N GLN A 51 -14.60 18.12 -37.28
CA GLN A 51 -15.76 17.98 -38.17
C GLN A 51 -15.71 16.71 -39.04
N GLN A 52 -14.56 16.01 -39.07
CA GLN A 52 -14.35 14.79 -39.84
C GLN A 52 -14.31 13.53 -38.97
N LEU A 53 -14.40 13.69 -37.62
CA LEU A 53 -14.38 12.59 -36.65
C LEU A 53 -15.56 11.63 -36.81
N GLY A 54 -15.34 10.37 -36.39
CA GLY A 54 -16.37 9.35 -36.37
C GLY A 54 -17.38 9.66 -35.27
N TRP A 55 -18.63 9.18 -35.40
CA TRP A 55 -19.69 9.47 -34.43
C TRP A 55 -19.36 9.23 -32.96
N VAL A 56 -18.65 8.13 -32.62
CA VAL A 56 -18.23 7.82 -31.25
C VAL A 56 -17.07 8.74 -30.84
N GLU A 57 -16.14 9.05 -31.78
CA GLU A 57 -15.01 9.96 -31.56
C GLU A 57 -15.52 11.37 -31.27
N TRP A 58 -16.65 11.76 -31.92
CA TRP A 58 -17.30 13.05 -31.71
C TRP A 58 -17.90 13.06 -30.30
N LEU A 59 -18.52 11.91 -29.89
CA LEU A 59 -19.10 11.73 -28.56
C LEU A 59 -18.00 11.81 -27.50
N GLN A 60 -16.79 11.28 -27.79
CA GLN A 60 -15.63 11.33 -26.88
C GLN A 60 -15.17 12.77 -26.63
N TYR A 61 -15.56 13.71 -27.52
CA TYR A 61 -15.26 15.13 -27.42
C TYR A 61 -16.42 15.89 -26.76
N SER A 62 -17.64 15.77 -27.34
CA SER A 62 -18.85 16.48 -26.94
C SER A 62 -19.51 15.96 -25.66
N PHE A 63 -19.52 14.64 -25.46
CA PHE A 63 -20.11 13.99 -24.30
C PHE A 63 -19.11 13.01 -23.67
N PRO A 64 -17.95 13.49 -23.11
CA PRO A 64 -16.98 12.56 -22.53
C PRO A 64 -17.60 11.74 -21.40
N LEU A 65 -17.35 10.42 -21.42
CA LEU A 65 -17.92 9.45 -20.47
C LEU A 65 -17.82 9.84 -19.02
N GLN A 66 -18.96 9.76 -18.32
CA GLN A 66 -19.06 10.03 -16.89
C GLN A 66 -19.02 8.67 -16.19
N LEU A 67 -17.81 8.25 -15.79
CA LEU A 67 -17.55 6.96 -15.14
C LEU A 67 -17.30 7.11 -13.63
N GLU A 68 -17.35 5.97 -12.90
CA GLU A 68 -17.13 5.91 -11.45
C GLU A 68 -15.69 5.44 -11.12
N PRO A 69 -15.02 6.05 -10.11
CA PRO A 69 -13.65 5.60 -9.78
C PRO A 69 -13.66 4.52 -8.70
N VAL A 81 -18.36 -12.40 -9.25
CA VAL A 81 -18.82 -12.19 -7.88
C VAL A 81 -20.34 -11.87 -7.88
N SER A 82 -20.77 -10.94 -8.75
CA SER A 82 -22.16 -10.49 -8.91
C SER A 82 -22.99 -11.51 -9.73
N ASN A 83 -24.23 -11.93 -9.32
CA ASN A 83 -25.08 -11.63 -8.14
C ASN A 83 -26.18 -10.57 -8.33
N ARG A 84 -26.01 -9.64 -9.30
CA ARG A 84 -26.99 -8.57 -9.53
C ARG A 84 -27.45 -8.42 -11.00
N ALA A 85 -28.65 -7.82 -11.18
CA ALA A 85 -29.33 -7.52 -12.45
C ALA A 85 -30.46 -6.51 -12.18
N LEU A 86 -30.39 -5.31 -12.78
CA LEU A 86 -31.38 -4.25 -12.53
C LEU A 86 -32.16 -3.70 -13.73
N LEU A 87 -33.37 -3.18 -13.46
CA LEU A 87 -34.35 -2.61 -14.40
C LEU A 87 -33.86 -1.34 -15.13
N VAL A 88 -34.41 -1.10 -16.35
CA VAL A 88 -34.08 0.05 -17.21
C VAL A 88 -35.26 0.42 -18.15
N ASN A 89 -35.42 1.73 -18.43
CA ASN A 89 -36.46 2.26 -19.34
C ASN A 89 -35.78 2.83 -20.58
N VAL A 90 -36.17 2.36 -21.77
CA VAL A 90 -35.58 2.78 -23.05
C VAL A 90 -36.61 3.23 -24.08
N LYS A 91 -36.38 4.39 -24.70
CA LYS A 91 -37.23 4.97 -25.74
C LYS A 91 -36.42 5.30 -27.02
N PHE A 92 -37.10 5.77 -28.07
CA PHE A 92 -36.48 6.15 -29.35
C PHE A 92 -36.67 7.64 -29.65
N GLU A 93 -35.90 8.17 -30.63
CA GLU A 93 -35.89 9.58 -31.04
C GLU A 93 -37.26 10.20 -31.39
N GLY A 94 -37.97 9.58 -32.33
CA GLY A 94 -39.27 10.05 -32.79
C GLY A 94 -40.40 9.84 -31.82
N SER A 95 -40.79 8.56 -31.61
CA SER A 95 -41.89 8.14 -30.74
C SER A 95 -41.71 8.49 -29.26
N GLU A 96 -42.85 8.71 -28.58
CA GLU A 96 -42.93 9.04 -27.16
C GLU A 96 -43.00 7.74 -26.32
N GLU A 97 -43.34 6.61 -26.97
CA GLU A 97 -43.48 5.29 -26.37
C GLU A 97 -42.15 4.74 -25.87
N SER A 98 -42.13 4.29 -24.60
CA SER A 98 -40.95 3.72 -23.95
C SER A 98 -41.13 2.24 -23.64
N PHE A 99 -40.02 1.48 -23.65
CA PHE A 99 -40.00 0.05 -23.38
C PHE A 99 -39.18 -0.24 -22.11
N THR A 100 -39.83 -0.82 -21.09
CA THR A 100 -39.21 -1.15 -19.81
C THR A 100 -38.88 -2.65 -19.76
N PHE A 101 -37.61 -2.99 -19.48
CA PHE A 101 -37.11 -4.35 -19.38
C PHE A 101 -35.90 -4.45 -18.44
N GLN A 102 -35.74 -5.60 -17.76
CA GLN A 102 -34.65 -5.82 -16.83
C GLN A 102 -33.39 -6.33 -17.54
N VAL A 103 -32.23 -5.72 -17.21
CA VAL A 103 -30.91 -6.07 -17.76
C VAL A 103 -29.91 -6.41 -16.62
N SER A 104 -28.73 -6.93 -16.97
CA SER A 104 -27.70 -7.30 -15.99
C SER A 104 -26.83 -6.11 -15.59
N THR A 105 -26.28 -6.19 -14.37
CA THR A 105 -25.38 -5.19 -13.76
C THR A 105 -24.01 -5.27 -14.45
N LYS A 106 -23.58 -6.48 -14.83
CA LYS A 106 -22.32 -6.74 -15.52
C LYS A 106 -22.40 -6.45 -17.03
N ASP A 107 -23.64 -6.41 -17.59
CA ASP A 107 -23.90 -6.16 -19.02
C ASP A 107 -23.34 -4.84 -19.53
N MET A 108 -22.95 -4.82 -20.81
CA MET A 108 -22.40 -3.65 -21.48
C MET A 108 -23.49 -2.90 -22.28
N PRO A 109 -23.31 -1.60 -22.66
CA PRO A 109 -24.38 -0.88 -23.36
C PRO A 109 -24.89 -1.52 -24.66
N LEU A 110 -24.01 -2.22 -25.41
CA LEU A 110 -24.34 -2.92 -26.66
C LEU A 110 -25.39 -4.02 -26.44
N ALA A 111 -25.30 -4.74 -25.29
CA ALA A 111 -26.25 -5.80 -24.91
C ALA A 111 -27.63 -5.21 -24.67
N LEU A 112 -27.69 -4.00 -24.03
CA LEU A 112 -28.92 -3.26 -23.75
C LEU A 112 -29.52 -2.79 -25.08
N MET A 113 -28.67 -2.25 -25.98
CA MET A 113 -29.05 -1.74 -27.31
C MET A 113 -29.61 -2.82 -28.21
N ALA A 114 -29.05 -4.05 -28.12
CA ALA A 114 -29.51 -5.21 -28.89
C ALA A 114 -30.86 -5.68 -28.34
N CYS A 115 -31.02 -5.62 -27.00
CA CYS A 115 -32.26 -5.97 -26.29
C CYS A 115 -33.36 -4.95 -26.59
N ALA A 116 -32.97 -3.66 -26.77
CA ALA A 116 -33.89 -2.56 -27.07
C ALA A 116 -34.46 -2.67 -28.49
N LEU A 117 -33.60 -3.04 -29.48
CA LEU A 117 -34.01 -3.20 -30.87
C LEU A 117 -34.90 -4.43 -31.10
N ARG A 118 -34.74 -5.47 -30.26
CA ARG A 118 -35.55 -6.69 -30.31
C ARG A 118 -36.98 -6.40 -29.88
N LYS A 119 -37.14 -5.62 -28.78
CA LYS A 119 -38.45 -5.22 -28.24
C LYS A 119 -39.13 -4.14 -29.09
N LYS A 120 -38.35 -3.39 -29.91
CA LYS A 120 -38.84 -2.35 -30.81
C LYS A 120 -39.56 -2.99 -32.01
N ALA A 121 -38.92 -4.00 -32.64
CA ALA A 121 -39.44 -4.73 -33.81
C ALA A 121 -40.69 -5.56 -33.50
N THR A 122 -40.75 -6.19 -32.31
CA THR A 122 -41.89 -7.01 -31.87
C THR A 122 -43.13 -6.15 -31.58
N VAL A 123 -42.93 -4.92 -31.08
CA VAL A 123 -44.00 -3.97 -30.77
C VAL A 123 -44.11 -2.94 -31.89
N GLN A 131 -29.15 -2.30 -36.43
CA GLN A 131 -28.07 -3.02 -35.76
C GLN A 131 -27.62 -2.29 -34.48
N PRO A 132 -27.41 -3.01 -33.33
CA PRO A 132 -27.02 -2.33 -32.09
C PRO A 132 -25.72 -1.53 -32.12
N GLU A 133 -24.78 -1.91 -33.01
CA GLU A 133 -23.48 -1.25 -33.19
C GLU A 133 -23.60 0.17 -33.76
N GLU A 134 -24.74 0.48 -34.42
CA GLU A 134 -25.03 1.78 -35.03
C GLU A 134 -25.76 2.77 -34.09
N TYR A 135 -25.89 2.44 -32.80
CA TYR A 135 -26.59 3.26 -31.81
C TYR A 135 -25.72 3.68 -30.60
N ALA A 136 -26.23 4.66 -29.84
CA ALA A 136 -25.66 5.20 -28.59
C ALA A 136 -26.83 5.49 -27.64
N LEU A 137 -26.63 5.28 -26.33
CA LEU A 137 -27.68 5.50 -25.34
C LEU A 137 -27.64 6.88 -24.68
N GLN A 138 -28.53 7.79 -25.13
CA GLN A 138 -28.66 9.15 -24.61
C GLN A 138 -29.29 9.12 -23.21
N VAL A 139 -28.69 9.85 -22.25
CA VAL A 139 -29.22 9.95 -20.88
C VAL A 139 -30.25 11.08 -20.87
N ASN A 140 -31.53 10.73 -20.66
CA ASN A 140 -32.69 11.65 -20.65
C ASN A 140 -32.51 12.85 -19.74
N GLY A 141 -32.74 14.04 -20.32
CA GLY A 141 -32.63 15.35 -19.67
C GLY A 141 -31.27 15.69 -19.10
N ARG A 142 -30.23 15.05 -19.64
CA ARG A 142 -28.83 15.24 -19.24
C ARG A 142 -27.94 15.33 -20.48
N HIS A 143 -26.81 16.01 -20.35
CA HIS A 143 -25.83 16.15 -21.43
C HIS A 143 -24.83 15.00 -21.28
N GLU A 144 -25.34 13.75 -21.41
CA GLU A 144 -24.57 12.52 -21.22
C GLU A 144 -25.00 11.41 -22.17
N TYR A 145 -24.06 10.50 -22.49
CA TYR A 145 -24.27 9.34 -23.35
C TYR A 145 -23.62 8.09 -22.74
N LEU A 146 -24.25 6.94 -22.93
CA LEU A 146 -23.79 5.64 -22.43
C LEU A 146 -23.26 4.79 -23.59
N TYR A 147 -21.93 4.85 -23.80
CA TYR A 147 -21.21 4.12 -24.85
C TYR A 147 -19.90 3.52 -24.32
N GLY A 148 -19.27 2.66 -25.12
CA GLY A 148 -18.01 2.00 -24.79
C GLY A 148 -18.14 0.60 -24.24
N ASN A 149 -17.00 -0.10 -24.09
CA ASN A 149 -16.94 -1.46 -23.55
C ASN A 149 -16.76 -1.43 -22.03
N TYR A 150 -17.81 -0.98 -21.32
CA TYR A 150 -17.84 -0.86 -19.86
C TYR A 150 -19.11 -1.48 -19.28
N PRO A 151 -19.06 -2.16 -18.09
CA PRO A 151 -20.31 -2.68 -17.50
C PRO A 151 -21.19 -1.52 -17.02
N LEU A 152 -22.52 -1.65 -17.18
CA LEU A 152 -23.52 -0.62 -16.85
C LEU A 152 -23.35 0.05 -15.49
N CYS A 153 -22.98 -0.73 -14.44
CA CYS A 153 -22.76 -0.25 -13.08
C CYS A 153 -21.59 0.74 -12.95
N HIS A 154 -20.62 0.70 -13.88
CA HIS A 154 -19.47 1.60 -13.88
C HIS A 154 -19.81 3.03 -14.32
N PHE A 155 -20.94 3.22 -15.03
CA PHE A 155 -21.38 4.55 -15.47
C PHE A 155 -22.02 5.29 -14.30
N GLN A 156 -21.58 6.55 -14.07
CA GLN A 156 -22.04 7.45 -13.00
C GLN A 156 -23.56 7.54 -12.88
N TYR A 157 -24.28 7.67 -14.01
CA TYR A 157 -25.74 7.77 -14.04
C TYR A 157 -26.45 6.52 -13.53
N ILE A 158 -26.05 5.33 -14.01
CA ILE A 158 -26.60 4.03 -13.60
C ILE A 158 -26.30 3.76 -12.13
N CYS A 159 -25.05 4.06 -11.71
CA CYS A 159 -24.58 3.90 -10.33
C CYS A 159 -25.40 4.74 -9.35
N SER A 160 -25.63 6.03 -9.68
CA SER A 160 -26.44 6.96 -8.88
C SER A 160 -27.91 6.54 -8.87
N CYS A 161 -28.40 5.93 -9.97
CA CYS A 161 -29.77 5.42 -10.10
C CYS A 161 -29.94 4.20 -9.19
N LEU A 162 -28.88 3.36 -9.10
CA LEU A 162 -28.83 2.14 -8.29
C LEU A 162 -28.76 2.47 -6.79
N HIS A 163 -27.97 3.51 -6.43
CA HIS A 163 -27.78 3.96 -5.04
C HIS A 163 -28.91 4.84 -4.51
N SER A 164 -29.94 5.08 -5.33
CA SER A 164 -31.12 5.88 -4.98
C SER A 164 -32.45 5.23 -5.39
N GLY A 165 -32.38 3.96 -5.80
CA GLY A 165 -33.53 3.16 -6.23
C GLY A 165 -34.34 3.78 -7.35
N LEU A 166 -33.65 4.20 -8.42
CA LEU A 166 -34.26 4.86 -9.57
C LEU A 166 -34.16 4.06 -10.86
N THR A 167 -35.20 4.17 -11.70
CA THR A 167 -35.26 3.51 -13.00
C THR A 167 -34.57 4.39 -14.07
N PRO A 168 -33.42 3.94 -14.64
CA PRO A 168 -32.72 4.77 -15.64
C PRO A 168 -33.51 4.92 -16.93
N HIS A 169 -33.63 6.17 -17.40
CA HIS A 169 -34.34 6.51 -18.62
C HIS A 169 -33.34 6.86 -19.73
N LEU A 170 -33.27 6.00 -20.74
CA LEU A 170 -32.35 6.15 -21.87
C LEU A 170 -33.06 6.28 -23.20
N THR A 171 -32.41 6.94 -24.18
CA THR A 171 -32.95 7.14 -25.52
C THR A 171 -31.97 6.59 -26.56
N MET A 172 -32.48 5.77 -27.49
CA MET A 172 -31.67 5.18 -28.57
C MET A 172 -31.47 6.24 -29.65
N VAL A 173 -30.21 6.67 -29.84
CA VAL A 173 -29.83 7.68 -30.82
C VAL A 173 -28.93 7.04 -31.88
N HIS A 174 -29.40 7.00 -33.14
CA HIS A 174 -28.69 6.42 -34.28
C HIS A 174 -27.46 7.24 -34.67
N SER A 175 -26.45 6.57 -35.26
CA SER A 175 -25.18 7.15 -35.73
C SER A 175 -25.40 8.39 -36.62
N SER A 176 -26.38 8.33 -37.53
CA SER A 176 -26.74 9.40 -38.46
C SER A 176 -27.15 10.68 -37.72
N SER A 177 -27.91 10.53 -36.61
CA SER A 177 -28.37 11.64 -35.77
C SER A 177 -27.19 12.31 -35.05
N ILE A 178 -26.21 11.51 -34.58
CA ILE A 178 -25.00 11.99 -33.91
C ILE A 178 -24.13 12.77 -34.92
N LEU A 179 -24.06 12.28 -36.18
CA LEU A 179 -23.32 12.97 -37.25
C LEU A 179 -24.03 14.26 -37.65
N ALA A 180 -25.38 14.25 -37.64
CA ALA A 180 -26.21 15.42 -37.96
C ALA A 180 -25.97 16.53 -36.92
N MET A 181 -25.83 16.14 -35.64
CA MET A 181 -25.52 17.02 -34.50
C MET A 181 -24.11 17.60 -34.69
N ARG A 182 -23.17 16.75 -35.15
CA ARG A 182 -21.77 17.09 -35.42
C ARG A 182 -21.69 18.12 -36.56
N ASP A 183 -22.46 17.91 -37.65
CA ASP A 183 -22.49 18.78 -38.82
C ASP A 183 -23.05 20.17 -38.51
N GLU A 184 -24.19 20.25 -37.78
CA GLU A 184 -24.82 21.52 -37.40
C GLU A 184 -24.04 22.34 -36.35
N GLN A 185 -23.13 21.69 -35.59
CA GLN A 185 -22.29 22.33 -34.57
C GLN A 185 -20.92 22.79 -35.10
N SER A 186 -20.78 22.89 -36.44
CA SER A 186 -19.55 23.33 -37.12
C SER A 186 -19.36 24.85 -37.04
N ASN A 187 -18.12 25.32 -37.29
CA ASN A 187 -17.77 26.74 -37.25
C ASN A 187 -18.15 27.45 -38.55
N GLN A 217 30.78 42.47 -22.89
CA GLN A 217 30.68 43.74 -22.17
C GLN A 217 29.72 43.66 -20.96
N PRO A 218 29.98 44.36 -19.83
CA PRO A 218 29.06 44.28 -18.68
C PRO A 218 27.70 44.94 -18.97
N PHE A 219 26.60 44.33 -18.49
CA PHE A 219 25.25 44.84 -18.71
C PHE A 219 24.99 46.16 -17.97
N SER A 220 24.43 47.14 -18.71
CA SER A 220 24.13 48.47 -18.21
C SER A 220 22.82 49.02 -18.78
N ILE A 221 22.11 49.86 -18.00
CA ILE A 221 20.85 50.53 -18.36
C ILE A 221 20.84 51.96 -17.83
N GLU A 222 20.35 52.92 -18.63
CA GLU A 222 20.27 54.31 -18.18
C GLU A 222 18.88 54.60 -17.64
N LEU A 223 18.81 54.94 -16.34
CA LEU A 223 17.59 55.29 -15.63
C LEU A 223 17.28 56.77 -15.89
N ILE A 224 16.38 57.04 -16.86
CA ILE A 224 15.99 58.41 -17.24
C ILE A 224 15.01 58.97 -16.21
N VAL A 239 15.44 53.82 -6.68
CA VAL A 239 15.04 52.81 -7.65
C VAL A 239 16.04 51.65 -7.62
N GLN A 240 15.58 50.48 -7.15
CA GLN A 240 16.42 49.28 -7.06
C GLN A 240 16.26 48.43 -8.30
N ALA A 241 17.38 48.08 -8.94
CA ALA A 241 17.41 47.23 -10.13
C ALA A 241 18.10 45.91 -9.79
N GLY A 242 17.61 44.83 -10.38
CA GLY A 242 18.15 43.49 -10.16
C GLY A 242 17.86 42.54 -11.31
N LEU A 243 18.83 41.67 -11.61
CA LEU A 243 18.70 40.66 -12.67
C LEU A 243 18.35 39.29 -12.10
N PHE A 244 17.32 38.65 -12.70
CA PHE A 244 16.81 37.36 -12.26
C PHE A 244 16.55 36.38 -13.38
N HIS A 245 16.75 35.09 -13.08
CA HIS A 245 16.42 33.95 -13.93
C HIS A 245 15.55 33.07 -13.02
N GLY A 246 14.35 33.58 -12.76
CA GLY A 246 13.38 32.97 -11.86
C GLY A 246 13.38 33.64 -10.51
N ASN A 247 13.65 32.85 -9.45
CA ASN A 247 13.68 33.35 -8.08
C ASN A 247 15.09 33.73 -7.60
N GLU A 248 16.13 33.27 -8.32
CA GLU A 248 17.53 33.54 -7.95
C GLU A 248 18.18 34.68 -8.74
N MET A 249 19.00 35.48 -8.04
CA MET A 249 19.72 36.64 -8.58
C MET A 249 20.85 36.20 -9.52
N LEU A 250 20.88 36.76 -10.74
CA LEU A 250 21.92 36.46 -11.73
C LEU A 250 23.21 37.22 -11.42
N CYS A 251 23.09 38.39 -10.76
CA CYS A 251 24.18 39.26 -10.33
C CYS A 251 23.76 40.11 -9.11
N LYS A 252 24.57 41.10 -8.71
CA LYS A 252 24.26 41.98 -7.56
C LYS A 252 23.13 42.96 -7.86
N THR A 253 22.35 43.32 -6.82
CA THR A 253 21.24 44.27 -6.93
C THR A 253 21.73 45.71 -6.80
N ASP A 274 27.84 43.47 -13.00
CA ASP A 274 28.31 42.20 -12.42
C ASP A 274 28.00 41.00 -13.35
N ILE A 275 27.42 41.27 -14.54
CA ILE A 275 27.08 40.24 -15.54
C ILE A 275 27.39 40.72 -16.98
N SER A 276 27.86 39.81 -17.85
CA SER A 276 28.19 40.08 -19.25
C SER A 276 26.95 39.91 -20.14
N VAL A 277 26.95 40.60 -21.30
CA VAL A 277 25.86 40.56 -22.29
C VAL A 277 25.74 39.16 -22.93
N CYS A 278 26.90 38.56 -23.28
CA CYS A 278 27.00 37.21 -23.86
C CYS A 278 26.57 36.14 -22.85
N ASP A 279 26.76 36.43 -21.54
CA ASP A 279 26.43 35.57 -20.42
C ASP A 279 24.92 35.52 -20.13
N LEU A 280 24.17 36.60 -20.45
CA LEU A 280 22.73 36.74 -20.23
C LEU A 280 21.88 35.57 -20.77
N PRO A 281 21.09 34.90 -19.90
CA PRO A 281 20.25 33.79 -20.39
C PRO A 281 19.01 34.29 -21.14
N ARG A 282 18.35 33.39 -21.88
CA ARG A 282 17.15 33.67 -22.67
C ARG A 282 15.96 34.17 -21.83
N MET A 283 15.79 33.63 -20.62
CA MET A 283 14.70 33.99 -19.71
C MET A 283 15.10 34.96 -18.59
N ALA A 284 16.05 35.87 -18.88
CA ALA A 284 16.53 36.86 -17.92
C ALA A 284 15.52 38.00 -17.76
N ARG A 285 15.26 38.39 -16.51
CA ARG A 285 14.31 39.43 -16.14
C ARG A 285 14.99 40.60 -15.45
N LEU A 286 14.63 41.83 -15.85
CA LEU A 286 15.13 43.05 -15.24
C LEU A 286 14.00 43.57 -14.36
N CYS A 287 14.16 43.42 -13.04
CA CYS A 287 13.14 43.77 -12.05
C CYS A 287 13.46 45.07 -11.32
N PHE A 288 12.46 45.96 -11.21
CA PHE A 288 12.57 47.26 -10.55
C PHE A 288 11.71 47.39 -9.30
N ALA A 289 12.13 48.25 -8.36
CA ALA A 289 11.41 48.54 -7.12
C ALA A 289 11.60 50.01 -6.72
N LEU A 290 10.50 50.77 -6.68
CA LEU A 290 10.46 52.17 -6.32
C LEU A 290 10.06 52.28 -4.84
N TYR A 291 10.95 52.83 -4.00
CA TYR A 291 10.72 52.97 -2.56
C TYR A 291 11.29 54.28 -1.97
N ALA A 292 10.91 54.58 -0.71
CA ALA A 292 11.35 55.78 0.01
C ALA A 292 12.02 55.41 1.34
N ASP A 311 11.60 52.58 6.03
CA ASP A 311 11.39 51.80 4.82
C ASP A 311 9.92 51.83 4.40
N CYS A 312 9.66 52.16 3.10
CA CYS A 312 8.30 52.24 2.54
C CYS A 312 8.28 51.95 1.03
N PRO A 313 7.78 50.77 0.59
CA PRO A 313 7.74 50.49 -0.86
C PRO A 313 6.54 51.16 -1.54
N ILE A 314 6.76 51.66 -2.78
CA ILE A 314 5.72 52.35 -3.54
C ILE A 314 5.21 51.51 -4.72
N ALA A 315 6.10 51.16 -5.67
CA ALA A 315 5.73 50.40 -6.86
C ALA A 315 6.85 49.46 -7.37
N TRP A 316 6.49 48.55 -8.31
CA TRP A 316 7.41 47.60 -8.94
C TRP A 316 7.08 47.40 -10.44
N ALA A 317 8.10 47.03 -11.25
CA ALA A 317 7.97 46.77 -12.69
C ALA A 317 9.06 45.83 -13.18
N ASN A 318 8.67 44.81 -13.96
CA ASN A 318 9.59 43.81 -14.49
C ASN A 318 9.53 43.79 -16.02
N LEU A 319 10.65 43.41 -16.67
CA LEU A 319 10.71 43.31 -18.13
C LEU A 319 11.71 42.27 -18.62
N MET A 320 11.39 41.66 -19.77
CA MET A 320 12.26 40.67 -20.40
C MET A 320 13.33 41.41 -21.20
N LEU A 321 14.60 40.94 -21.12
CA LEU A 321 15.71 41.56 -21.84
C LEU A 321 15.69 41.26 -23.33
N PHE A 322 15.05 40.14 -23.71
CA PHE A 322 14.86 39.70 -25.09
C PHE A 322 13.37 39.78 -25.42
N ASP A 323 13.03 40.06 -26.69
CA ASP A 323 11.63 40.16 -27.11
C ASP A 323 11.04 38.77 -27.44
N TYR A 324 9.80 38.74 -27.96
CA TYR A 324 9.12 37.51 -28.34
C TYR A 324 9.72 36.87 -29.61
N LYS A 325 10.45 37.68 -30.41
CA LYS A 325 11.11 37.26 -31.66
C LYS A 325 12.59 36.84 -31.40
N ASP A 326 12.98 36.72 -30.11
CA ASP A 326 14.31 36.33 -29.59
C ASP A 326 15.41 37.40 -29.64
N GLN A 327 15.13 38.54 -30.29
CA GLN A 327 16.04 39.68 -30.43
C GLN A 327 16.19 40.41 -29.09
N LEU A 328 17.41 40.90 -28.79
CA LEU A 328 17.70 41.67 -27.58
C LEU A 328 17.07 43.05 -27.74
N LYS A 329 16.31 43.50 -26.72
CA LYS A 329 15.57 44.76 -26.73
C LYS A 329 16.43 46.02 -26.73
N THR A 330 16.11 46.96 -27.66
CA THR A 330 16.73 48.28 -27.86
C THR A 330 15.67 49.26 -28.42
N GLY A 331 15.55 50.47 -27.86
CA GLY A 331 16.34 50.98 -26.74
C GLY A 331 15.50 51.61 -25.65
N GLU A 332 14.71 52.64 -25.99
CA GLU A 332 13.86 53.34 -25.02
C GLU A 332 12.58 52.57 -24.73
N ARG A 333 12.23 52.46 -23.42
CA ARG A 333 11.03 51.77 -22.94
C ARG A 333 10.43 52.45 -21.71
N CYS A 334 9.12 52.75 -21.77
CA CYS A 334 8.38 53.36 -20.67
C CYS A 334 7.73 52.24 -19.87
N LEU A 335 8.18 52.05 -18.62
CA LEU A 335 7.68 50.99 -17.74
C LEU A 335 6.56 51.45 -16.82
N TYR A 336 5.31 51.07 -17.13
CA TYR A 336 4.15 51.40 -16.29
C TYR A 336 4.14 50.43 -15.12
N MET A 337 4.35 50.97 -13.90
CA MET A 337 4.50 50.20 -12.68
C MET A 337 3.21 49.72 -12.01
N TRP A 338 3.34 48.65 -11.21
CA TRP A 338 2.27 48.03 -10.41
C TRP A 338 2.54 48.39 -8.94
N PRO A 339 1.50 48.69 -8.11
CA PRO A 339 1.77 49.02 -6.70
C PRO A 339 2.32 47.86 -5.87
N SER A 340 3.15 48.18 -4.85
CA SER A 340 3.77 47.21 -3.96
C SER A 340 2.96 47.03 -2.67
N LEU A 348 11.13 43.61 -1.05
CA LEU A 348 10.55 44.69 -1.86
C LEU A 348 10.57 44.35 -3.34
N LEU A 349 11.73 43.87 -3.86
CA LEU A 349 11.94 43.48 -5.25
C LEU A 349 11.11 42.22 -5.57
N ASN A 350 10.24 42.31 -6.58
CA ASN A 350 9.33 41.22 -6.96
C ASN A 350 9.67 40.57 -8.32
N PRO A 351 10.44 39.47 -8.35
CA PRO A 351 10.77 38.83 -9.63
C PRO A 351 9.65 37.95 -10.22
N ALA A 352 8.77 37.42 -9.36
CA ALA A 352 7.64 36.54 -9.74
C ALA A 352 6.55 37.24 -10.56
N GLY A 353 6.41 38.56 -10.35
CA GLY A 353 5.42 39.40 -11.02
C GLY A 353 5.49 39.46 -12.53
N THR A 354 4.39 39.93 -13.15
CA THR A 354 4.23 40.05 -14.60
C THR A 354 5.25 40.99 -15.26
N VAL A 355 5.66 40.62 -16.49
CA VAL A 355 6.62 41.39 -17.29
C VAL A 355 5.94 42.49 -18.13
N ARG A 356 4.61 42.59 -18.05
CA ARG A 356 3.83 43.58 -18.76
C ARG A 356 3.39 44.71 -17.84
N GLY A 357 3.39 45.92 -18.37
CA GLY A 357 3.02 47.13 -17.64
C GLY A 357 1.56 47.22 -17.28
N ASN A 358 1.25 48.18 -16.38
CA ASN A 358 -0.10 48.46 -15.88
C ASN A 358 -0.98 49.04 -17.01
N PRO A 359 -2.22 48.51 -17.22
CA PRO A 359 -3.07 49.06 -18.29
C PRO A 359 -3.67 50.42 -17.97
N ASN A 360 -3.72 50.78 -16.66
CA ASN A 360 -4.23 52.05 -16.14
C ASN A 360 -3.10 53.09 -16.24
N THR A 361 -2.86 53.60 -17.47
CA THR A 361 -1.83 54.58 -17.78
C THR A 361 -2.09 55.97 -17.19
N GLU A 362 -3.36 56.27 -16.84
CA GLU A 362 -3.81 57.54 -16.27
C GLU A 362 -3.30 57.78 -14.84
N SER A 363 -3.27 56.73 -13.99
CA SER A 363 -2.86 56.85 -12.59
C SER A 363 -1.53 56.18 -12.21
N ALA A 364 -1.09 55.17 -12.98
CA ALA A 364 0.15 54.43 -12.71
C ALA A 364 1.43 55.25 -12.89
N ALA A 365 2.38 55.06 -11.96
CA ALA A 365 3.70 55.68 -11.97
C ALA A 365 4.53 54.96 -13.04
N ALA A 366 5.28 55.73 -13.85
CA ALA A 366 6.09 55.16 -14.93
C ALA A 366 7.59 55.19 -14.64
N LEU A 367 8.39 54.54 -15.51
CA LEU A 367 9.84 54.49 -15.43
C LEU A 367 10.43 54.39 -16.83
N VAL A 368 10.97 55.52 -17.32
CA VAL A 368 11.59 55.61 -18.65
C VAL A 368 13.05 55.17 -18.52
N ILE A 369 13.44 54.13 -19.26
CA ILE A 369 14.79 53.58 -19.27
C ILE A 369 15.29 53.39 -20.70
N TYR A 370 16.63 53.49 -20.90
CA TYR A 370 17.24 53.29 -22.21
C TYR A 370 18.17 52.09 -22.20
N LEU A 371 17.92 51.16 -23.13
CA LEU A 371 18.73 49.94 -23.30
C LEU A 371 19.78 50.24 -24.38
N PRO A 372 21.08 50.31 -24.01
CA PRO A 372 22.11 50.65 -25.01
C PRO A 372 22.23 49.67 -26.17
N GLU A 373 22.41 50.21 -27.38
CA GLU A 373 22.57 49.43 -28.61
C GLU A 373 23.99 48.88 -28.71
N VAL A 374 24.14 47.59 -28.33
CA VAL A 374 25.40 46.85 -28.33
C VAL A 374 25.99 46.61 -29.73
N ALA A 375 25.14 46.65 -30.77
CA ALA A 375 25.52 46.46 -32.18
C ALA A 375 24.64 47.31 -33.09
N PRO A 378 21.22 44.10 -35.40
CA PRO A 378 20.30 43.43 -34.46
C PRO A 378 20.90 42.14 -33.89
N VAL A 379 20.82 41.97 -32.56
CA VAL A 379 21.36 40.79 -31.86
C VAL A 379 20.26 39.84 -31.33
N TYR A 380 20.12 38.68 -31.99
CA TYR A 380 19.16 37.63 -31.66
C TYR A 380 19.83 36.56 -30.80
N PHE A 381 19.05 35.91 -29.90
CA PHE A 381 19.57 34.84 -29.05
C PHE A 381 19.88 33.61 -29.91
N PRO A 382 21.06 32.96 -29.72
CA PRO A 382 21.42 31.79 -30.57
C PRO A 382 20.36 30.70 -30.67
N ALA A 383 20.07 30.28 -31.92
CA ALA A 383 19.07 29.24 -32.26
C ALA A 383 19.44 27.85 -31.73
N LEU A 384 18.44 26.92 -31.71
CA LEU A 384 18.55 25.53 -31.25
C LEU A 384 19.85 24.84 -31.65
N GLU A 385 20.10 24.71 -32.97
CA GLU A 385 21.31 24.09 -33.56
C GLU A 385 22.62 24.72 -33.11
N LYS A 386 22.65 26.06 -32.95
CA LYS A 386 23.83 26.81 -32.51
C LYS A 386 24.18 26.54 -31.05
N ILE A 387 23.15 26.29 -30.20
CA ILE A 387 23.31 25.98 -28.77
C ILE A 387 23.91 24.57 -28.60
N LEU A 388 23.41 23.60 -29.40
CA LEU A 388 23.83 22.19 -29.40
C LEU A 388 25.34 21.98 -29.59
N GLU A 389 25.98 22.81 -30.44
CA GLU A 389 27.42 22.76 -30.70
C GLU A 389 28.23 23.19 -29.47
N LEU A 390 27.86 24.34 -28.86
CA LEU A 390 28.52 24.88 -27.67
C LEU A 390 28.10 24.09 -26.42
N GLU A 421 27.74 23.68 -0.11
CA GLU A 421 28.33 24.36 -1.24
C GLU A 421 29.15 23.40 -2.13
N HIS A 422 29.97 22.52 -1.50
CA HIS A 422 30.79 21.53 -2.21
C HIS A 422 29.95 20.44 -2.89
N GLU A 423 28.70 20.26 -2.42
CA GLU A 423 27.73 19.28 -2.95
C GLU A 423 27.29 19.70 -4.35
N LYS A 424 26.98 21.00 -4.55
CA LYS A 424 26.55 21.60 -5.82
C LYS A 424 27.56 21.36 -6.94
N ASP A 425 28.87 21.53 -6.63
CA ASP A 425 29.98 21.34 -7.57
C ASP A 425 30.13 19.87 -7.97
N LEU A 426 29.86 18.94 -7.02
CA LEU A 426 29.93 17.49 -7.22
C LEU A 426 28.80 17.01 -8.13
N VAL A 427 27.58 17.57 -7.96
CA VAL A 427 26.39 17.24 -8.76
C VAL A 427 26.60 17.72 -10.21
N TRP A 428 27.19 18.93 -10.38
CA TRP A 428 27.49 19.51 -11.69
C TRP A 428 28.58 18.72 -12.42
N LYS A 429 29.54 18.14 -11.66
CA LYS A 429 30.62 17.30 -12.18
C LYS A 429 30.05 15.99 -12.72
N MET A 430 29.04 15.43 -12.03
CA MET A 430 28.36 14.17 -12.38
C MET A 430 27.07 14.41 -13.20
N ARG A 431 27.05 15.47 -14.05
CA ARG A 431 25.90 15.83 -14.89
C ARG A 431 25.53 14.77 -15.94
N HIS A 432 26.53 14.03 -16.45
CA HIS A 432 26.34 12.97 -17.45
C HIS A 432 25.81 11.70 -16.80
N GLU A 433 26.26 11.41 -15.55
CA GLU A 433 25.84 10.25 -14.76
C GLU A 433 24.40 10.44 -14.28
N VAL A 434 23.99 11.70 -14.03
CA VAL A 434 22.63 12.07 -13.64
C VAL A 434 21.72 11.95 -14.88
N GLN A 435 22.22 12.34 -16.07
CA GLN A 435 21.50 12.25 -17.34
C GLN A 435 21.19 10.79 -17.72
N GLU A 436 22.13 9.87 -17.40
CA GLU A 436 22.03 8.45 -17.74
C GLU A 436 21.40 7.57 -16.64
N HIS A 437 21.89 7.67 -15.39
CA HIS A 437 21.43 6.83 -14.28
C HIS A 437 20.33 7.39 -13.39
N PHE A 438 20.21 8.73 -13.27
CA PHE A 438 19.19 9.36 -12.42
C PHE A 438 18.38 10.44 -13.19
N PRO A 439 17.56 10.08 -14.22
CA PRO A 439 16.83 11.12 -14.98
C PRO A 439 15.81 11.96 -14.20
N GLU A 440 15.23 11.40 -13.12
CA GLU A 440 14.25 12.08 -12.27
C GLU A 440 14.85 13.21 -11.43
N ALA A 441 16.19 13.21 -11.26
CA ALA A 441 16.93 14.22 -10.50
C ALA A 441 17.26 15.50 -11.31
N LEU A 442 16.59 15.69 -12.46
CA LEU A 442 16.75 16.86 -13.36
C LEU A 442 16.53 18.19 -12.61
N ALA A 443 15.47 18.26 -11.77
CA ALA A 443 15.11 19.43 -10.98
C ALA A 443 16.27 19.89 -10.08
N ARG A 444 16.97 18.93 -9.44
CA ARG A 444 18.12 19.19 -8.58
C ARG A 444 19.34 19.61 -9.42
N LEU A 445 19.46 19.05 -10.64
CA LEU A 445 20.54 19.35 -11.59
C LEU A 445 20.38 20.76 -12.19
N LEU A 446 19.12 21.22 -12.35
CA LEU A 446 18.82 22.56 -12.86
C LEU A 446 19.03 23.63 -11.80
N LEU A 447 18.91 23.25 -10.51
CA LEU A 447 19.11 24.16 -9.37
C LEU A 447 20.60 24.38 -9.07
N VAL A 448 21.47 23.45 -9.50
CA VAL A 448 22.92 23.53 -9.28
C VAL A 448 23.67 24.26 -10.41
N THR A 449 23.14 24.21 -11.65
CA THR A 449 23.75 24.84 -12.82
C THR A 449 23.79 26.37 -12.75
N LYS A 450 24.92 26.96 -13.16
CA LYS A 450 25.13 28.41 -13.18
C LYS A 450 24.36 29.01 -14.35
N TRP A 451 23.22 29.67 -14.06
CA TRP A 451 22.38 30.30 -15.07
C TRP A 451 22.95 31.60 -15.63
N ASN A 452 23.91 32.21 -14.90
CA ASN A 452 24.61 33.42 -15.32
C ASN A 452 25.75 33.09 -16.28
N LYS A 453 26.46 31.97 -16.06
CA LYS A 453 27.55 31.50 -16.92
C LYS A 453 26.95 30.82 -18.15
N HIS A 454 27.12 31.42 -19.35
CA HIS A 454 26.58 30.92 -20.62
C HIS A 454 27.09 29.55 -21.06
N GLU A 455 28.33 29.18 -20.66
CA GLU A 455 28.95 27.89 -20.99
C GLU A 455 28.24 26.74 -20.28
N ASP A 456 27.84 26.95 -19.00
CA ASP A 456 27.11 25.98 -18.18
C ASP A 456 25.67 25.78 -18.67
N VAL A 457 25.03 26.85 -19.19
CA VAL A 457 23.66 26.84 -19.71
C VAL A 457 23.57 25.98 -20.98
N ALA A 458 24.50 26.19 -21.95
CA ALA A 458 24.57 25.44 -23.21
C ALA A 458 24.93 23.97 -22.97
N GLN A 459 25.70 23.70 -21.89
CA GLN A 459 26.11 22.36 -21.46
C GLN A 459 24.88 21.61 -20.93
N MET A 460 24.07 22.31 -20.11
CA MET A 460 22.82 21.82 -19.51
C MET A 460 21.77 21.54 -20.58
N LEU A 461 21.64 22.45 -21.56
CA LEU A 461 20.68 22.35 -22.66
C LEU A 461 20.89 21.11 -23.55
N TYR A 462 22.15 20.71 -23.81
CA TYR A 462 22.47 19.53 -24.62
C TYR A 462 22.07 18.23 -23.91
N LEU A 463 22.17 18.21 -22.56
CA LEU A 463 21.78 17.08 -21.72
C LEU A 463 20.25 16.97 -21.71
N LEU A 464 19.57 18.14 -21.66
CA LEU A 464 18.10 18.28 -21.66
C LEU A 464 17.49 17.94 -23.03
N CYS A 465 18.21 18.24 -24.13
CA CYS A 465 17.78 17.96 -25.51
C CYS A 465 17.76 16.46 -25.82
N SER A 466 18.54 15.66 -25.07
CA SER A 466 18.65 14.20 -25.21
C SER A 466 18.04 13.46 -24.01
N TRP A 467 17.58 14.22 -22.98
CA TRP A 467 16.95 13.70 -21.75
C TRP A 467 15.69 12.89 -22.05
N PRO A 468 15.54 11.66 -21.51
CA PRO A 468 14.33 10.87 -21.78
C PRO A 468 13.10 11.39 -21.03
N GLU A 469 11.89 10.96 -21.45
CA GLU A 469 10.60 11.35 -20.86
C GLU A 469 10.55 11.09 -19.36
N LEU A 470 10.06 12.09 -18.61
CA LEU A 470 9.96 12.02 -17.15
C LEU A 470 8.52 11.80 -16.67
N PRO A 471 8.29 11.17 -15.48
CA PRO A 471 6.91 10.97 -15.01
C PRO A 471 6.17 12.29 -14.69
N VAL A 472 4.83 12.23 -14.66
CA VAL A 472 3.89 13.33 -14.39
C VAL A 472 4.28 14.16 -13.15
N LEU A 473 4.61 13.48 -12.04
CA LEU A 473 5.02 14.10 -10.77
C LEU A 473 6.25 15.00 -10.94
N SER A 474 7.27 14.51 -11.66
CA SER A 474 8.52 15.22 -11.94
C SER A 474 8.29 16.40 -12.88
N ALA A 475 7.40 16.22 -13.89
CA ALA A 475 7.05 17.24 -14.89
C ALA A 475 6.27 18.41 -14.28
N LEU A 476 5.39 18.14 -13.29
CA LEU A 476 4.59 19.16 -12.59
C LEU A 476 5.48 20.04 -11.70
N GLU A 477 6.57 19.46 -11.17
CA GLU A 477 7.57 20.13 -10.35
C GLU A 477 8.36 21.15 -11.20
N LEU A 478 8.62 20.81 -12.48
CA LEU A 478 9.37 21.62 -13.44
C LEU A 478 8.64 22.87 -13.93
N LEU A 479 7.30 22.94 -13.75
CA LEU A 479 6.47 24.08 -14.17
C LEU A 479 6.50 25.24 -13.16
N ASP A 480 7.19 25.05 -12.02
CA ASP A 480 7.36 26.05 -10.97
C ASP A 480 8.26 27.19 -11.45
N PHE A 481 8.15 28.37 -10.81
CA PHE A 481 8.93 29.56 -11.15
C PHE A 481 10.45 29.41 -10.93
N SER A 482 10.87 28.42 -10.11
CA SER A 482 12.27 28.11 -9.85
C SER A 482 12.98 27.55 -11.10
N PHE A 483 12.19 27.07 -12.09
CA PHE A 483 12.67 26.53 -13.37
C PHE A 483 12.02 27.38 -14.49
N PRO A 484 12.58 28.58 -14.80
CA PRO A 484 11.92 29.46 -15.78
C PRO A 484 12.32 29.31 -17.26
N ASP A 485 13.45 28.64 -17.55
CA ASP A 485 13.97 28.45 -18.91
C ASP A 485 12.92 27.88 -19.88
N CYS A 486 12.82 28.48 -21.07
CA CYS A 486 11.87 28.12 -22.13
C CYS A 486 11.99 26.68 -22.62
N TYR A 487 13.23 26.17 -22.75
CA TYR A 487 13.48 24.79 -23.17
C TYR A 487 13.15 23.78 -22.07
N VAL A 488 13.26 24.21 -20.80
CA VAL A 488 12.91 23.40 -19.61
C VAL A 488 11.38 23.26 -19.57
N GLY A 489 10.69 24.36 -19.89
CA GLY A 489 9.24 24.42 -19.97
C GLY A 489 8.68 23.58 -21.11
N SER A 490 9.38 23.60 -22.27
CA SER A 490 9.02 22.82 -23.47
C SER A 490 9.17 21.32 -23.22
N PHE A 491 10.21 20.93 -22.45
CA PHE A 491 10.48 19.54 -22.08
C PHE A 491 9.42 19.05 -21.07
N ALA A 492 9.03 19.93 -20.12
CA ALA A 492 8.02 19.65 -19.10
C ALA A 492 6.64 19.42 -19.73
N ILE A 493 6.30 20.17 -20.79
CA ILE A 493 5.04 20.07 -21.54
C ILE A 493 4.98 18.77 -22.34
N LYS A 494 6.10 18.38 -22.99
CA LYS A 494 6.19 17.14 -23.77
C LYS A 494 6.01 15.92 -22.86
N SER A 495 6.49 16.00 -21.60
CA SER A 495 6.36 14.95 -20.59
C SER A 495 4.92 14.87 -20.05
N LEU A 496 4.11 15.92 -20.28
CA LEU A 496 2.71 15.99 -19.85
C LEU A 496 1.72 15.69 -20.99
N ARG A 497 2.24 15.25 -22.16
CA ARG A 497 1.43 14.86 -23.32
C ARG A 497 0.74 13.52 -23.03
N LYS A 498 1.34 12.69 -22.14
CA LYS A 498 0.84 11.38 -21.72
C LYS A 498 -0.30 11.44 -20.66
N LEU A 499 -0.75 12.67 -20.30
CA LEU A 499 -1.84 12.89 -19.38
C LEU A 499 -3.16 12.50 -20.04
N THR A 500 -4.05 11.85 -19.29
CA THR A 500 -5.37 11.48 -19.78
C THR A 500 -6.29 12.68 -19.56
N ASP A 501 -7.47 12.72 -20.21
CA ASP A 501 -8.45 13.80 -20.05
C ASP A 501 -8.87 13.98 -18.59
N ASP A 502 -8.92 12.88 -17.81
CA ASP A 502 -9.28 12.88 -16.40
C ASP A 502 -8.13 13.36 -15.51
N GLU A 503 -6.88 13.01 -15.88
CA GLU A 503 -5.65 13.41 -15.19
C GLU A 503 -5.43 14.92 -15.37
N LEU A 504 -5.60 15.40 -16.64
CA LEU A 504 -5.48 16.80 -17.05
C LEU A 504 -6.49 17.68 -16.30
N PHE A 505 -7.73 17.18 -16.15
CA PHE A 505 -8.85 17.84 -15.44
C PHE A 505 -8.52 18.11 -13.97
N GLN A 506 -7.82 17.16 -13.31
CA GLN A 506 -7.42 17.25 -11.90
C GLN A 506 -6.36 18.35 -11.66
N TYR A 507 -5.42 18.50 -12.62
CA TYR A 507 -4.33 19.48 -12.52
C TYR A 507 -4.58 20.78 -13.29
N LEU A 508 -5.69 20.86 -14.05
CA LEU A 508 -6.11 22.02 -14.85
C LEU A 508 -6.07 23.34 -14.08
N LEU A 509 -6.49 23.33 -12.78
CA LEU A 509 -6.46 24.50 -11.90
C LEU A 509 -5.01 25.02 -11.72
N GLN A 510 -4.06 24.10 -11.54
CA GLN A 510 -2.65 24.44 -11.37
C GLN A 510 -2.05 24.90 -12.71
N LEU A 511 -2.47 24.29 -13.84
CA LEU A 511 -2.00 24.64 -15.18
C LEU A 511 -2.38 26.06 -15.61
N VAL A 512 -3.56 26.53 -15.16
CA VAL A 512 -4.07 27.89 -15.41
C VAL A 512 -3.24 28.88 -14.55
N GLN A 513 -2.81 28.44 -13.35
CA GLN A 513 -1.98 29.24 -12.44
C GLN A 513 -0.57 29.45 -12.96
N VAL A 514 -0.01 28.44 -13.68
CA VAL A 514 1.33 28.48 -14.29
C VAL A 514 1.39 29.56 -15.41
N LEU A 515 0.22 29.86 -16.04
CA LEU A 515 0.11 30.90 -17.08
C LEU A 515 0.51 32.30 -16.56
N LYS A 516 0.35 32.54 -15.24
CA LYS A 516 0.72 33.79 -14.57
C LYS A 516 2.23 33.97 -14.51
N TYR A 517 2.99 32.84 -14.46
CA TYR A 517 4.46 32.82 -14.43
C TYR A 517 5.06 33.01 -15.83
N GLU A 518 4.29 32.69 -16.88
CA GLU A 518 4.72 32.79 -18.29
C GLU A 518 5.12 34.21 -18.69
N SER A 519 6.22 34.33 -19.43
CA SER A 519 6.79 35.61 -19.88
C SER A 519 6.20 36.09 -21.21
N TYR A 520 6.02 35.17 -22.17
CA TYR A 520 5.49 35.51 -23.49
C TYR A 520 4.12 34.90 -23.71
N LEU A 521 3.28 35.59 -24.50
CA LEU A 521 1.91 35.17 -24.82
C LEU A 521 1.89 33.84 -25.55
N ASP A 522 2.72 33.69 -26.61
CA ASP A 522 2.82 32.46 -27.38
C ASP A 522 3.83 31.51 -26.72
N CYS A 523 3.33 30.65 -25.82
CA CYS A 523 4.12 29.66 -25.08
C CYS A 523 3.58 28.24 -25.29
N GLU A 524 4.39 27.23 -24.92
CA GLU A 524 4.06 25.81 -25.07
C GLU A 524 2.88 25.34 -24.21
N LEU A 525 2.69 25.96 -23.03
CA LEU A 525 1.60 25.64 -22.12
C LEU A 525 0.25 26.06 -22.74
N THR A 526 0.21 27.26 -23.36
CA THR A 526 -0.97 27.81 -24.04
C THR A 526 -1.39 26.90 -25.19
N LYS A 527 -0.41 26.44 -26.02
CA LYS A 527 -0.64 25.54 -27.14
C LYS A 527 -1.22 24.21 -26.66
N PHE A 528 -0.68 23.69 -25.54
CA PHE A 528 -1.10 22.44 -24.91
C PHE A 528 -2.53 22.55 -24.36
N LEU A 529 -2.81 23.59 -23.54
CA LEU A 529 -4.12 23.83 -22.95
C LEU A 529 -5.22 24.03 -24.01
N LEU A 530 -4.93 24.82 -25.06
CA LEU A 530 -5.86 25.09 -26.17
C LEU A 530 -6.16 23.82 -26.96
N GLY A 531 -5.10 23.09 -27.35
CA GLY A 531 -5.18 21.84 -28.09
C GLY A 531 -5.98 20.77 -27.38
N ARG A 532 -5.77 20.63 -26.06
CA ARG A 532 -6.47 19.67 -25.22
C ARG A 532 -7.94 20.08 -24.99
N ALA A 533 -8.20 21.40 -24.90
CA ALA A 533 -9.54 21.98 -24.72
C ALA A 533 -10.39 21.83 -25.98
N LEU A 534 -9.75 21.85 -27.17
CA LEU A 534 -10.40 21.69 -28.46
C LEU A 534 -10.74 20.21 -28.72
N ALA A 535 -9.96 19.29 -28.13
CA ALA A 535 -10.14 17.84 -28.25
C ALA A 535 -11.22 17.32 -27.28
N ASN A 536 -11.46 18.04 -26.17
CA ASN A 536 -12.44 17.67 -25.15
C ASN A 536 -13.24 18.89 -24.67
N ARG A 537 -14.57 18.88 -24.94
CA ARG A 537 -15.53 19.94 -24.60
C ARG A 537 -15.67 20.22 -23.08
N LYS A 538 -15.43 19.20 -22.22
CA LYS A 538 -15.48 19.36 -20.76
C LYS A 538 -14.24 20.08 -20.26
N ILE A 539 -13.07 19.84 -20.92
CA ILE A 539 -11.80 20.49 -20.61
C ILE A 539 -11.90 21.98 -21.01
N GLY A 540 -12.47 22.24 -22.19
CA GLY A 540 -12.68 23.57 -22.74
C GLY A 540 -13.58 24.43 -21.87
N HIS A 541 -14.64 23.81 -21.32
CA HIS A 541 -15.63 24.40 -20.42
C HIS A 541 -14.93 25.00 -19.19
N PHE A 542 -14.21 24.18 -18.42
CA PHE A 542 -13.50 24.61 -17.21
C PHE A 542 -12.31 25.52 -17.49
N LEU A 543 -11.61 25.35 -18.63
CA LEU A 543 -10.52 26.24 -19.01
C LEU A 543 -11.08 27.64 -19.23
N PHE A 544 -12.24 27.74 -19.92
CA PHE A 544 -12.93 29.02 -20.15
C PHE A 544 -13.25 29.71 -18.82
N TRP A 545 -13.96 29.00 -17.90
CA TRP A 545 -14.38 29.52 -16.59
C TRP A 545 -13.25 29.89 -15.66
N HIS A 546 -12.12 29.18 -15.74
CA HIS A 546 -10.94 29.47 -14.91
C HIS A 546 -10.27 30.77 -15.38
N LEU A 547 -10.32 31.07 -16.69
CA LEU A 547 -9.75 32.29 -17.27
C LEU A 547 -10.73 33.46 -17.14
N ARG A 548 -12.04 33.20 -17.37
CA ARG A 548 -13.12 34.18 -17.26
C ARG A 548 -13.28 34.76 -15.85
N SER A 549 -13.03 33.94 -14.82
CA SER A 549 -13.13 34.34 -13.41
C SER A 549 -12.05 35.33 -12.97
N GLU A 550 -10.94 35.41 -13.73
CA GLU A 550 -9.78 36.27 -13.44
C GLU A 550 -9.66 37.48 -14.37
N MET A 551 -10.71 37.76 -15.18
CA MET A 551 -10.73 38.89 -16.14
C MET A 551 -10.69 40.27 -15.48
N HIS A 552 -11.16 40.36 -14.23
CA HIS A 552 -11.18 41.60 -13.44
C HIS A 552 -9.75 41.99 -12.98
N VAL A 553 -8.85 41.00 -12.89
CA VAL A 553 -7.45 41.17 -12.48
C VAL A 553 -6.67 41.75 -13.69
N PRO A 554 -6.10 42.98 -13.56
CA PRO A 554 -5.41 43.60 -14.71
C PRO A 554 -4.16 42.90 -15.24
N SER A 555 -3.40 42.21 -14.37
CA SER A 555 -2.18 41.50 -14.72
C SER A 555 -2.37 40.34 -15.70
N VAL A 556 -3.54 39.68 -15.65
CA VAL A 556 -3.87 38.54 -16.51
C VAL A 556 -4.93 38.78 -17.59
N ALA A 557 -5.75 39.86 -17.43
CA ALA A 557 -6.83 40.23 -18.35
C ALA A 557 -6.46 40.15 -19.86
N LEU A 558 -5.24 40.58 -20.24
CA LEU A 558 -4.80 40.54 -21.63
C LEU A 558 -4.54 39.10 -22.09
N ARG A 559 -3.66 38.37 -21.36
CA ARG A 559 -3.31 36.98 -21.66
C ARG A 559 -4.55 36.07 -21.68
N PHE A 560 -5.34 36.10 -20.59
CA PHE A 560 -6.55 35.28 -20.42
C PHE A 560 -7.63 35.57 -21.46
N GLY A 561 -7.79 36.85 -21.83
CA GLY A 561 -8.74 37.29 -22.83
C GLY A 561 -8.40 36.81 -24.23
N LEU A 562 -7.09 36.75 -24.56
CA LEU A 562 -6.59 36.30 -25.86
C LEU A 562 -6.75 34.79 -26.07
N ILE A 563 -6.49 33.99 -25.00
CA ILE A 563 -6.63 32.52 -25.01
C ILE A 563 -8.11 32.15 -25.23
N MET A 564 -9.02 32.83 -24.50
CA MET A 564 -10.48 32.63 -24.61
C MET A 564 -10.97 32.99 -26.00
N GLU A 565 -10.45 34.09 -26.58
CA GLU A 565 -10.78 34.55 -27.94
C GLU A 565 -10.35 33.48 -28.95
N ALA A 566 -9.12 32.92 -28.78
CA ALA A 566 -8.58 31.85 -29.61
C ALA A 566 -9.45 30.60 -29.53
N TYR A 567 -9.84 30.18 -28.30
CA TYR A 567 -10.72 29.02 -28.06
C TYR A 567 -12.08 29.20 -28.75
N CYS A 568 -12.64 30.42 -28.71
CA CYS A 568 -13.92 30.75 -29.33
C CYS A 568 -13.86 30.62 -30.85
N ARG A 569 -12.71 30.98 -31.47
CA ARG A 569 -12.47 30.85 -32.92
C ARG A 569 -12.46 29.36 -33.29
N GLY A 570 -12.05 28.52 -32.34
CA GLY A 570 -12.01 27.07 -32.45
C GLY A 570 -13.34 26.39 -32.20
N SER A 571 -14.20 26.98 -31.33
CA SER A 571 -15.52 26.42 -31.05
C SER A 571 -16.61 27.49 -31.01
N THR A 572 -17.25 27.72 -32.18
CA THR A 572 -18.32 28.70 -32.37
C THR A 572 -19.61 28.26 -31.65
N HIS A 573 -19.93 26.95 -31.69
CA HIS A 573 -21.13 26.42 -31.02
C HIS A 573 -21.03 26.48 -29.50
N HIS A 574 -19.89 26.02 -28.92
CA HIS A 574 -19.66 26.04 -27.48
C HIS A 574 -19.62 27.46 -26.92
N MET A 575 -19.19 28.45 -27.75
CA MET A 575 -19.16 29.88 -27.43
C MET A 575 -20.59 30.32 -27.11
N LYS A 576 -21.57 29.92 -27.95
CA LYS A 576 -23.00 30.20 -27.80
C LYS A 576 -23.57 29.55 -26.53
N VAL A 577 -23.12 28.31 -26.24
CA VAL A 577 -23.51 27.52 -25.06
C VAL A 577 -23.06 28.24 -23.78
N LEU A 578 -21.82 28.78 -23.79
CA LEU A 578 -21.24 29.52 -22.68
C LEU A 578 -21.87 30.90 -22.50
N MET A 579 -22.40 31.49 -23.60
CA MET A 579 -23.08 32.80 -23.58
C MET A 579 -24.39 32.70 -22.79
N LYS A 580 -25.06 31.54 -22.90
CA LYS A 580 -26.30 31.22 -22.19
C LYS A 580 -26.02 31.15 -20.67
N GLN A 581 -24.85 30.60 -20.30
CA GLN A 581 -24.40 30.49 -18.90
C GLN A 581 -24.01 31.86 -18.35
N GLY A 582 -23.39 32.68 -19.20
CA GLY A 582 -22.98 34.05 -18.88
C GLY A 582 -24.15 34.98 -18.63
N GLU A 583 -25.22 34.81 -19.44
CA GLU A 583 -26.46 35.59 -19.34
C GLU A 583 -27.28 35.17 -18.11
N ALA A 584 -27.18 33.89 -17.69
CA ALA A 584 -27.83 33.34 -16.50
C ALA A 584 -27.19 33.92 -15.24
N LEU A 585 -25.83 33.98 -15.23
CA LEU A 585 -25.02 34.52 -14.14
C LEU A 585 -25.17 36.03 -14.04
N SER A 586 -25.48 36.68 -15.18
CA SER A 586 -25.70 38.12 -15.24
C SER A 586 -26.99 38.45 -14.47
N LYS A 587 -28.05 37.65 -14.70
CA LYS A 587 -29.34 37.78 -14.03
C LYS A 587 -29.28 37.37 -12.56
N LEU A 588 -28.39 36.42 -12.21
CA LEU A 588 -28.18 35.97 -10.83
C LEU A 588 -27.54 37.09 -10.00
N LYS A 589 -26.62 37.86 -10.64
CA LYS A 589 -25.93 39.01 -10.06
C LYS A 589 -26.96 40.13 -9.80
N ALA A 590 -27.81 40.42 -10.80
CA ALA A 590 -28.86 41.44 -10.73
C ALA A 590 -29.90 41.09 -9.66
N LEU A 591 -30.28 39.80 -9.57
CA LEU A 591 -31.21 39.25 -8.57
C LEU A 591 -30.63 39.36 -7.16
N ASN A 592 -29.33 39.04 -7.00
CA ASN A 592 -28.61 39.12 -5.72
C ASN A 592 -28.47 40.58 -5.27
N ASP A 593 -28.24 41.51 -6.24
CA ASP A 593 -28.15 42.95 -5.97
C ASP A 593 -29.49 43.45 -5.43
N PHE A 594 -30.60 42.95 -6.01
CA PHE A 594 -31.98 43.25 -5.62
C PHE A 594 -32.29 42.71 -4.22
N VAL A 595 -31.82 41.48 -3.91
CA VAL A 595 -31.99 40.83 -2.59
C VAL A 595 -31.18 41.59 -1.52
N LYS A 596 -29.97 42.05 -1.87
CA LYS A 596 -29.08 42.83 -0.99
C LYS A 596 -29.74 44.13 -0.54
N VAL A 597 -30.39 44.85 -1.48
CA VAL A 597 -31.09 46.12 -1.22
C VAL A 597 -32.38 45.86 -0.42
N SER A 598 -33.23 44.92 -0.89
CA SER A 598 -34.51 44.55 -0.28
C SER A 598 -34.42 44.06 1.18
N SER A 599 -33.32 43.35 1.54
CA SER A 599 -33.10 42.82 2.89
C SER A 599 -32.88 43.94 3.91
N GLN A 600 -32.25 45.05 3.48
CA GLN A 600 -31.98 46.21 4.32
C GLN A 600 -33.26 47.01 4.59
N LYS A 601 -34.23 46.94 3.67
CA LYS A 601 -35.51 47.67 3.74
C LYS A 601 -36.65 46.90 4.40
N THR A 602 -36.67 45.55 4.30
CA THR A 602 -37.75 44.73 4.87
C THR A 602 -37.30 43.41 5.54
N THR A 603 -38.26 42.69 6.17
CA THR A 603 -38.04 41.42 6.87
C THR A 603 -37.62 40.28 5.92
N LYS A 604 -37.08 39.18 6.50
CA LYS A 604 -36.63 37.99 5.78
C LYS A 604 -37.73 37.32 4.91
N PRO A 605 -38.99 37.06 5.42
CA PRO A 605 -40.01 36.45 4.53
C PRO A 605 -40.51 37.38 3.45
N GLN A 606 -40.43 38.71 3.66
CA GLN A 606 -40.84 39.72 2.70
C GLN A 606 -39.82 39.86 1.58
N THR A 607 -38.52 39.64 1.89
CA THR A 607 -37.41 39.68 0.96
C THR A 607 -37.42 38.41 0.08
N LYS A 608 -37.96 37.29 0.63
CA LYS A 608 -38.09 36.01 -0.07
C LYS A 608 -39.15 36.11 -1.16
N GLU A 609 -40.31 36.73 -0.85
CA GLU A 609 -41.39 36.96 -1.81
C GLU A 609 -40.96 38.01 -2.86
N MET A 610 -40.10 38.95 -2.44
CA MET A 610 -39.53 39.99 -3.28
C MET A 610 -38.61 39.34 -4.32
N MET A 611 -37.76 38.39 -3.87
CA MET A 611 -36.83 37.60 -4.69
C MET A 611 -37.61 36.79 -5.72
N HIS A 612 -38.74 36.19 -5.29
CA HIS A 612 -39.63 35.36 -6.10
C HIS A 612 -40.32 36.13 -7.24
N MET A 613 -40.74 37.39 -6.98
CA MET A 613 -41.37 38.28 -7.97
C MET A 613 -40.37 38.64 -9.06
N CYS A 614 -39.12 38.94 -8.67
CA CYS A 614 -38.00 39.28 -9.55
C CYS A 614 -37.65 38.11 -10.48
N MET A 615 -37.74 36.87 -9.96
CA MET A 615 -37.47 35.65 -10.71
C MET A 615 -38.56 35.35 -11.72
N ARG A 616 -39.83 35.58 -11.34
CA ARG A 616 -41.02 35.35 -12.18
C ARG A 616 -41.12 36.24 -13.41
N GLN A 617 -40.22 37.24 -13.55
CA GLN A 617 -40.14 38.15 -14.69
C GLN A 617 -39.75 37.35 -15.94
N GLU A 618 -40.45 37.60 -17.07
CA GLU A 618 -40.26 36.94 -18.38
C GLU A 618 -38.79 36.78 -18.78
N THR A 619 -38.02 37.89 -18.80
CA THR A 619 -36.59 37.88 -19.17
C THR A 619 -35.75 37.02 -18.23
N TYR A 620 -36.04 37.12 -16.91
CA TYR A 620 -35.37 36.36 -15.84
C TYR A 620 -35.66 34.88 -15.92
N MET A 621 -36.93 34.48 -16.20
CA MET A 621 -37.32 33.08 -16.31
C MET A 621 -36.61 32.40 -17.48
N GLU A 622 -36.52 33.09 -18.64
CA GLU A 622 -35.85 32.59 -19.84
C GLU A 622 -34.33 32.49 -19.66
N ALA A 623 -33.71 33.51 -19.04
CA ALA A 623 -32.27 33.56 -18.80
C ALA A 623 -31.79 32.54 -17.77
N LEU A 624 -32.56 32.34 -16.69
CA LEU A 624 -32.20 31.40 -15.63
C LEU A 624 -32.50 29.94 -15.97
N SER A 625 -33.27 29.69 -17.04
CA SER A 625 -33.66 28.32 -17.42
C SER A 625 -33.04 27.84 -18.74
N HIS A 626 -33.00 26.50 -18.91
CA HIS A 626 -32.53 25.76 -20.10
C HIS A 626 -31.09 26.07 -20.47
N LEU A 627 -30.17 25.62 -19.62
CA LEU A 627 -28.73 25.84 -19.78
C LEU A 627 -27.92 24.66 -19.25
N GLN A 628 -26.63 24.61 -19.62
CA GLN A 628 -25.69 23.63 -19.12
C GLN A 628 -25.20 24.14 -17.77
N SER A 629 -25.05 23.26 -16.78
CA SER A 629 -24.55 23.72 -15.48
C SER A 629 -23.06 24.10 -15.58
N PRO A 630 -22.68 25.34 -15.19
CA PRO A 630 -21.25 25.70 -15.23
C PRO A 630 -20.39 24.86 -14.28
N LEU A 631 -21.00 24.23 -13.25
CA LEU A 631 -20.33 23.38 -12.27
C LEU A 631 -20.05 21.97 -12.80
N ASP A 632 -20.88 21.51 -13.75
CA ASP A 632 -20.79 20.20 -14.39
C ASP A 632 -21.57 20.27 -15.71
N PRO A 633 -20.89 20.43 -16.88
CA PRO A 633 -21.65 20.54 -18.15
C PRO A 633 -22.53 19.35 -18.52
N SER A 634 -22.33 18.17 -17.89
CA SER A 634 -23.15 16.96 -18.09
C SER A 634 -24.55 17.16 -17.51
N THR A 635 -24.66 18.01 -16.46
CA THR A 635 -25.91 18.35 -15.77
C THR A 635 -26.57 19.52 -16.50
N LEU A 636 -27.85 19.37 -16.86
CA LEU A 636 -28.64 20.40 -17.52
C LEU A 636 -29.57 21.07 -16.50
N LEU A 637 -29.54 22.41 -16.44
CA LEU A 637 -30.39 23.20 -15.55
C LEU A 637 -31.64 23.57 -16.34
N GLU A 638 -32.68 22.71 -16.27
CA GLU A 638 -33.91 22.89 -17.04
C GLU A 638 -34.88 23.95 -16.51
N GLU A 639 -35.87 23.55 -15.69
CA GLU A 639 -36.89 24.45 -15.16
C GLU A 639 -36.54 24.98 -13.78
N VAL A 640 -36.41 26.32 -13.65
CA VAL A 640 -36.10 26.97 -12.37
C VAL A 640 -37.32 26.89 -11.43
N CYS A 641 -37.12 26.37 -10.22
CA CYS A 641 -38.18 26.19 -9.22
C CYS A 641 -38.21 27.35 -8.23
N VAL A 642 -38.83 28.47 -8.67
CA VAL A 642 -38.98 29.74 -7.94
C VAL A 642 -39.41 29.56 -6.47
N GLU A 643 -40.41 28.72 -6.20
CA GLU A 643 -40.90 28.46 -4.85
C GLU A 643 -39.89 27.74 -3.94
N GLN A 644 -38.97 26.98 -4.53
CA GLN A 644 -37.91 26.27 -3.80
C GLN A 644 -36.65 27.13 -3.63
N CYS A 645 -36.60 28.31 -4.30
CA CYS A 645 -35.49 29.27 -4.25
C CYS A 645 -35.54 30.18 -3.02
N THR A 646 -34.38 30.41 -2.40
CA THR A 646 -34.25 31.24 -1.20
C THR A 646 -32.87 31.94 -1.09
N PHE A 647 -32.62 32.63 0.03
CA PHE A 647 -31.38 33.34 0.31
C PHE A 647 -30.96 33.16 1.79
N MET A 648 -29.68 33.44 2.09
CA MET A 648 -29.13 33.37 3.45
C MET A 648 -29.12 34.78 4.02
N ASP A 649 -29.75 34.99 5.19
CA ASP A 649 -29.85 36.30 5.84
C ASP A 649 -28.53 36.67 6.56
N SER A 650 -27.42 36.69 5.81
CA SER A 650 -26.11 37.03 6.36
C SER A 650 -25.24 37.78 5.35
N LYS A 651 -24.68 38.92 5.79
CA LYS A 651 -23.79 39.86 5.10
C LYS A 651 -23.85 39.95 3.56
N MET A 652 -23.28 38.97 2.83
CA MET A 652 -23.26 38.99 1.36
C MET A 652 -24.50 38.42 0.67
N LYS A 653 -25.47 37.93 1.48
CA LYS A 653 -26.78 37.39 1.06
C LYS A 653 -26.71 36.33 -0.09
N PRO A 654 -26.04 35.17 0.08
CA PRO A 654 -26.00 34.18 -1.03
C PRO A 654 -27.36 33.58 -1.38
N LEU A 655 -27.54 33.20 -2.65
CA LEU A 655 -28.80 32.65 -3.16
C LEU A 655 -28.78 31.14 -3.35
N TRP A 656 -29.89 30.48 -3.01
CA TRP A 656 -30.12 29.04 -3.15
C TRP A 656 -31.08 28.89 -4.33
N ILE A 657 -30.58 28.43 -5.49
CA ILE A 657 -31.39 28.28 -6.69
C ILE A 657 -31.65 26.81 -6.99
N MET A 658 -32.93 26.44 -7.13
CA MET A 658 -33.35 25.06 -7.38
C MET A 658 -33.87 24.85 -8.80
N TYR A 659 -33.64 23.64 -9.34
CA TYR A 659 -34.06 23.26 -10.69
C TYR A 659 -34.71 21.90 -10.74
N SER A 660 -35.59 21.70 -11.73
CA SER A 660 -36.24 20.43 -12.02
C SER A 660 -36.26 20.20 -13.53
N SER A 661 -36.39 18.94 -13.94
CA SER A 661 -36.44 18.52 -15.34
C SER A 661 -37.45 17.41 -15.50
N GLU A 662 -38.43 17.63 -16.41
CA GLU A 662 -39.49 16.69 -16.76
C GLU A 662 -38.88 15.49 -17.48
N GLU A 663 -37.95 15.76 -18.42
CA GLU A 663 -37.23 14.78 -19.23
C GLU A 663 -36.27 13.91 -18.41
N ALA A 664 -35.50 14.51 -17.49
CA ALA A 664 -34.50 13.82 -16.64
C ALA A 664 -35.06 13.10 -15.41
N GLY A 665 -36.26 13.50 -14.98
CA GLY A 665 -36.89 12.93 -13.80
C GLY A 665 -36.26 13.42 -12.51
N SER A 666 -36.00 12.50 -11.56
CA SER A 666 -35.40 12.81 -10.26
C SER A 666 -33.93 13.23 -10.35
N ALA A 667 -33.22 12.76 -11.39
CA ALA A 667 -31.81 13.11 -11.65
C ALA A 667 -31.65 14.60 -12.00
N GLY A 668 -32.67 15.19 -12.64
CA GLY A 668 -32.71 16.60 -13.00
C GLY A 668 -33.00 17.55 -11.86
N ASN A 669 -33.19 17.02 -10.64
CA ASN A 669 -33.44 17.83 -9.44
C ASN A 669 -32.07 18.22 -8.93
N VAL A 670 -31.70 19.47 -9.22
CA VAL A 670 -30.39 20.04 -8.90
C VAL A 670 -30.52 21.42 -8.27
N GLY A 671 -29.58 21.72 -7.37
CA GLY A 671 -29.48 22.99 -6.68
C GLY A 671 -28.12 23.64 -6.84
N ILE A 672 -28.10 24.98 -6.82
CA ILE A 672 -26.88 25.79 -6.94
C ILE A 672 -26.90 26.95 -5.96
N ILE A 673 -25.78 27.17 -5.26
CA ILE A 673 -25.61 28.31 -4.36
C ILE A 673 -24.86 29.36 -5.18
N PHE A 674 -25.45 30.55 -5.34
CA PHE A 674 -24.81 31.65 -6.04
C PHE A 674 -24.25 32.61 -4.99
N LYS A 675 -22.93 32.85 -5.03
CA LYS A 675 -22.26 33.76 -4.10
C LYS A 675 -21.68 34.96 -4.82
N ASN A 676 -22.04 36.16 -4.35
CA ASN A 676 -21.57 37.43 -4.89
C ASN A 676 -21.09 38.30 -3.71
N GLY A 677 -19.79 38.55 -3.67
CA GLY A 677 -19.14 39.33 -2.61
C GLY A 677 -18.14 38.53 -1.80
N ASP A 678 -18.34 37.20 -1.71
CA ASP A 678 -17.44 36.27 -1.03
C ASP A 678 -16.51 35.64 -2.05
N ASP A 679 -15.24 35.42 -1.67
CA ASP A 679 -14.25 34.79 -2.57
C ASP A 679 -14.31 33.27 -2.43
N LEU A 680 -14.35 32.56 -3.57
CA LEU A 680 -14.45 31.09 -3.62
C LEU A 680 -13.19 30.36 -4.13
N ARG A 681 -12.07 31.08 -4.30
CA ARG A 681 -10.79 30.50 -4.77
C ARG A 681 -10.23 29.48 -3.78
N GLN A 682 -10.17 29.84 -2.48
CA GLN A 682 -9.66 28.99 -1.40
C GLN A 682 -10.56 27.76 -1.17
N ASP A 683 -11.88 27.93 -1.34
CA ASP A 683 -12.88 26.86 -1.21
C ASP A 683 -12.69 25.83 -2.31
N MET A 684 -12.50 26.30 -3.57
CA MET A 684 -12.28 25.47 -4.76
C MET A 684 -11.02 24.63 -4.62
N LEU A 685 -9.91 25.24 -4.16
CA LEU A 685 -8.63 24.57 -3.95
C LEU A 685 -8.73 23.44 -2.93
N THR A 686 -9.31 23.72 -1.75
CA THR A 686 -9.51 22.76 -0.66
C THR A 686 -10.32 21.55 -1.14
N LEU A 687 -11.39 21.81 -1.92
CA LEU A 687 -12.25 20.76 -2.48
C LEU A 687 -11.56 19.91 -3.54
N GLN A 688 -10.67 20.53 -4.34
CA GLN A 688 -9.91 19.82 -5.36
C GLN A 688 -8.85 18.92 -4.71
N MET A 689 -8.30 19.34 -3.56
CA MET A 689 -7.32 18.57 -2.78
C MET A 689 -8.00 17.36 -2.12
N ILE A 690 -9.24 17.56 -1.60
CA ILE A 690 -10.07 16.51 -1.00
C ILE A 690 -10.44 15.49 -2.10
N GLN A 691 -10.70 15.97 -3.32
CA GLN A 691 -11.00 15.15 -4.51
C GLN A 691 -9.77 14.31 -4.88
N LEU A 692 -8.56 14.93 -4.85
CA LEU A 692 -7.28 14.27 -5.13
C LEU A 692 -7.01 13.17 -4.11
N MET A 693 -7.25 13.48 -2.80
CA MET A 693 -7.11 12.54 -1.68
C MET A 693 -7.97 11.31 -1.95
N ASP A 694 -9.26 11.52 -2.35
CA ASP A 694 -10.23 10.49 -2.68
C ASP A 694 -9.75 9.64 -3.87
N VAL A 695 -9.22 10.28 -4.92
CA VAL A 695 -8.68 9.65 -6.13
C VAL A 695 -7.47 8.76 -5.77
N LEU A 696 -6.52 9.32 -4.99
CA LEU A 696 -5.30 8.63 -4.53
C LEU A 696 -5.61 7.43 -3.64
N TRP A 697 -6.63 7.55 -2.76
CA TRP A 697 -7.06 6.47 -1.88
C TRP A 697 -7.67 5.34 -2.69
N LYS A 698 -8.50 5.68 -3.70
CA LYS A 698 -9.16 4.74 -4.60
C LYS A 698 -8.17 3.98 -5.48
N GLN A 699 -7.01 4.61 -5.79
CA GLN A 699 -5.92 4.02 -6.57
C GLN A 699 -5.22 2.90 -5.81
N GLU A 700 -5.38 2.87 -4.46
CA GLU A 700 -4.84 1.84 -3.58
C GLU A 700 -5.97 0.92 -3.08
N GLY A 701 -7.14 1.01 -3.73
CA GLY A 701 -8.33 0.20 -3.43
C GLY A 701 -9.15 0.65 -2.24
N LEU A 702 -8.95 1.90 -1.78
CA LEU A 702 -9.67 2.44 -0.62
C LEU A 702 -10.73 3.51 -0.96
N ASP A 703 -12.00 3.17 -0.76
CA ASP A 703 -13.11 4.10 -0.98
C ASP A 703 -13.57 4.61 0.39
N LEU A 704 -13.23 5.87 0.71
CA LEU A 704 -13.62 6.48 1.97
C LEU A 704 -14.92 7.27 1.92
N ARG A 705 -15.71 7.08 0.84
CA ARG A 705 -17.05 7.66 0.63
C ARG A 705 -17.10 9.20 0.81
N MET A 706 -16.12 9.89 0.22
CA MET A 706 -15.97 11.35 0.28
C MET A 706 -17.04 12.10 -0.54
N THR A 707 -17.23 13.39 -0.25
CA THR A 707 -18.20 14.24 -0.96
C THR A 707 -17.50 15.52 -1.48
N PRO A 708 -16.67 15.43 -2.55
CA PRO A 708 -16.01 16.65 -3.05
C PRO A 708 -16.93 17.37 -4.04
N TYR A 709 -17.93 18.09 -3.51
CA TYR A 709 -18.92 18.86 -4.29
C TYR A 709 -18.26 19.97 -5.08
N GLY A 710 -18.88 20.34 -6.21
CA GLY A 710 -18.39 21.36 -7.10
C GLY A 710 -18.43 22.78 -6.57
N CYS A 711 -17.34 23.52 -6.81
CA CYS A 711 -17.19 24.94 -6.47
C CYS A 711 -16.48 25.59 -7.64
N LEU A 712 -17.07 26.67 -8.19
CA LEU A 712 -16.51 27.35 -9.33
C LEU A 712 -16.63 28.89 -9.30
N PRO A 713 -15.52 29.62 -9.08
CA PRO A 713 -15.56 31.09 -9.20
C PRO A 713 -15.81 31.43 -10.68
N THR A 714 -16.66 32.43 -10.94
CA THR A 714 -17.03 32.81 -12.31
C THR A 714 -16.65 34.25 -12.64
N GLY A 715 -16.40 35.05 -11.61
CA GLY A 715 -16.03 36.46 -11.76
C GLY A 715 -15.46 37.07 -10.49
N ASP A 716 -15.46 38.42 -10.43
CA ASP A 716 -14.95 39.21 -9.31
C ASP A 716 -15.82 38.99 -8.08
N ARG A 717 -15.30 38.18 -7.11
CA ARG A 717 -15.98 37.79 -5.86
C ARG A 717 -17.34 37.09 -6.14
N THR A 718 -17.47 36.51 -7.35
CA THR A 718 -18.65 35.83 -7.86
C THR A 718 -18.34 34.38 -8.23
N GLY A 719 -19.25 33.47 -7.89
CA GLY A 719 -19.09 32.05 -8.19
C GLY A 719 -20.28 31.18 -7.83
N LEU A 720 -20.16 29.88 -8.14
CA LEU A 720 -21.21 28.88 -7.89
C LEU A 720 -20.73 27.72 -7.04
N ILE A 721 -21.64 27.16 -6.23
CA ILE A 721 -21.40 26.00 -5.37
C ILE A 721 -22.48 24.97 -5.70
N GLU A 722 -22.09 23.69 -5.79
CA GLU A 722 -23.00 22.58 -6.07
C GLU A 722 -23.69 22.18 -4.77
N VAL A 723 -25.03 22.07 -4.81
CA VAL A 723 -25.82 21.66 -3.66
C VAL A 723 -25.89 20.14 -3.63
N VAL A 724 -25.48 19.56 -2.51
CA VAL A 724 -25.57 18.13 -2.29
C VAL A 724 -26.94 17.96 -1.63
N LEU A 725 -27.93 17.54 -2.41
CA LEU A 725 -29.29 17.36 -1.91
C LEU A 725 -29.39 16.15 -0.98
N HIS A 726 -30.41 16.14 -0.11
CA HIS A 726 -30.66 15.10 0.90
C HIS A 726 -29.50 15.03 1.92
N SER A 727 -29.04 16.22 2.34
CA SER A 727 -27.97 16.41 3.32
C SER A 727 -28.33 17.63 4.17
N ASP A 728 -27.89 17.62 5.44
CA ASP A 728 -28.16 18.70 6.39
C ASP A 728 -26.99 18.89 7.36
N THR A 729 -26.84 20.09 7.92
CA THR A 729 -25.78 20.42 8.89
C THR A 729 -26.05 19.73 10.23
N ILE A 730 -25.00 19.60 11.08
CA ILE A 730 -25.09 19.03 12.43
C ILE A 730 -26.01 19.92 13.28
N ALA A 731 -25.88 21.25 13.12
CA ALA A 731 -26.67 22.28 13.81
C ALA A 731 -28.16 22.13 13.52
N ASN A 732 -28.55 21.97 12.23
CA ASN A 732 -29.95 21.82 11.82
C ASN A 732 -30.59 20.53 12.36
N ILE A 733 -29.78 19.45 12.46
CA ILE A 733 -30.21 18.16 13.01
C ILE A 733 -30.42 18.31 14.53
N GLN A 734 -29.50 19.01 15.21
CA GLN A 734 -29.57 19.29 16.66
C GLN A 734 -30.78 20.17 17.01
N LEU A 735 -31.17 21.09 16.10
CA LEU A 735 -32.32 21.99 16.27
C LEU A 735 -33.65 21.24 16.13
N THR A 743 -36.49 11.45 18.60
CA THR A 743 -35.84 12.71 18.95
C THR A 743 -34.79 12.47 20.04
N ALA A 744 -33.55 12.93 19.80
CA ALA A 744 -32.43 12.75 20.72
C ALA A 744 -32.49 13.55 22.02
N ALA A 745 -32.38 12.81 23.14
CA ALA A 745 -32.36 13.36 24.50
C ALA A 745 -31.05 14.10 24.76
N PHE A 746 -29.95 13.59 24.18
CA PHE A 746 -28.60 14.13 24.29
C PHE A 746 -28.00 14.32 22.89
N ASN A 747 -27.18 15.37 22.70
CA ASN A 747 -26.54 15.71 21.43
C ASN A 747 -25.62 14.62 20.85
N LYS A 748 -25.05 13.77 21.72
CA LYS A 748 -24.21 12.64 21.31
C LYS A 748 -25.01 11.58 20.52
N ASP A 749 -26.34 11.50 20.77
CA ASP A 749 -27.28 10.58 20.13
C ASP A 749 -27.94 11.15 18.86
N ALA A 750 -27.83 12.48 18.63
CA ALA A 750 -28.45 13.20 17.51
C ALA A 750 -28.20 12.64 16.11
N LEU A 751 -26.94 12.32 15.78
CA LEU A 751 -26.57 11.82 14.46
C LEU A 751 -27.12 10.43 14.14
N LEU A 752 -27.01 9.49 15.09
CA LEU A 752 -27.52 8.12 14.96
C LEU A 752 -29.05 8.10 14.86
N ASN A 753 -29.74 8.91 15.70
CA ASN A 753 -31.19 9.05 15.72
C ASN A 753 -31.71 9.55 14.37
N TRP A 754 -30.98 10.52 13.77
CA TRP A 754 -31.29 11.10 12.46
C TRP A 754 -31.11 10.04 11.36
N LEU A 755 -30.01 9.27 11.42
CA LEU A 755 -29.72 8.20 10.46
C LEU A 755 -30.69 7.03 10.55
N LYS A 756 -31.18 6.71 11.77
CA LYS A 756 -32.15 5.65 12.04
C LYS A 756 -33.47 5.93 11.31
N SER A 757 -33.95 7.19 11.37
CA SER A 757 -35.18 7.64 10.72
C SER A 757 -35.07 7.65 9.19
N LYS A 758 -33.89 8.00 8.65
CA LYS A 758 -33.66 8.05 7.20
C LYS A 758 -33.37 6.66 6.62
N ASN A 759 -32.73 5.78 7.40
CA ASN A 759 -32.38 4.41 7.00
C ASN A 759 -33.04 3.37 7.95
N PRO A 760 -34.35 3.06 7.78
CA PRO A 760 -34.98 2.10 8.68
C PRO A 760 -34.70 0.64 8.32
N GLY A 761 -34.56 -0.19 9.35
CA GLY A 761 -34.30 -1.62 9.21
C GLY A 761 -32.87 -1.96 8.85
N GLU A 762 -32.68 -2.82 7.83
CA GLU A 762 -31.38 -3.29 7.35
C GLU A 762 -30.53 -2.21 6.66
N ALA A 763 -31.16 -1.10 6.22
CA ALA A 763 -30.49 0.03 5.56
C ALA A 763 -29.53 0.79 6.50
N LEU A 764 -29.79 0.75 7.82
CA LEU A 764 -29.02 1.42 8.87
C LEU A 764 -27.56 0.97 8.95
N ASP A 765 -27.30 -0.35 8.78
CA ASP A 765 -25.95 -0.93 8.84
C ASP A 765 -25.01 -0.35 7.77
N ARG A 766 -25.55 -0.08 6.56
CA ARG A 766 -24.81 0.52 5.44
C ARG A 766 -24.51 1.99 5.75
N ALA A 767 -25.51 2.73 6.30
CA ALA A 767 -25.41 4.14 6.68
C ALA A 767 -24.34 4.38 7.76
N ILE A 768 -24.22 3.43 8.72
CA ILE A 768 -23.21 3.48 9.79
C ILE A 768 -21.82 3.30 9.17
N GLU A 769 -21.70 2.37 8.19
CA GLU A 769 -20.47 2.11 7.45
C GLU A 769 -20.10 3.33 6.60
N GLU A 770 -21.10 3.96 5.93
CA GLU A 770 -20.96 5.17 5.11
C GLU A 770 -20.39 6.30 5.96
N PHE A 771 -20.92 6.46 7.19
CA PHE A 771 -20.49 7.46 8.16
C PHE A 771 -19.06 7.23 8.61
N THR A 772 -18.73 5.98 9.02
CA THR A 772 -17.41 5.57 9.54
C THR A 772 -16.29 5.86 8.52
N LEU A 773 -16.48 5.43 7.26
CA LEU A 773 -15.51 5.63 6.18
C LEU A 773 -15.30 7.12 5.88
N SER A 774 -16.41 7.89 5.74
CA SER A 774 -16.39 9.33 5.46
C SER A 774 -15.83 10.15 6.63
N CYS A 775 -16.17 9.76 7.88
CA CYS A 775 -15.67 10.42 9.09
C CYS A 775 -14.16 10.25 9.14
N ALA A 776 -13.65 9.01 8.87
CA ALA A 776 -12.22 8.70 8.82
C ALA A 776 -11.50 9.54 7.77
N GLY A 777 -12.07 9.59 6.56
CA GLY A 777 -11.56 10.35 5.43
C GLY A 777 -11.44 11.83 5.72
N TYR A 778 -12.53 12.44 6.25
CA TYR A 778 -12.54 13.86 6.60
C TYR A 778 -11.71 14.22 7.84
N CYS A 779 -11.52 13.26 8.79
CA CYS A 779 -10.68 13.48 9.97
C CYS A 779 -9.23 13.67 9.55
N VAL A 780 -8.77 12.87 8.56
CA VAL A 780 -7.42 12.94 8.00
C VAL A 780 -7.30 14.18 7.11
N ALA A 781 -8.29 14.39 6.21
CA ALA A 781 -8.37 15.54 5.29
C ALA A 781 -8.29 16.89 6.01
N THR A 782 -9.07 17.06 7.10
CA THR A 782 -9.09 18.31 7.88
C THR A 782 -7.81 18.52 8.67
N TYR A 783 -7.15 17.43 9.10
CA TYR A 783 -5.89 17.50 9.83
C TYR A 783 -4.73 17.83 8.89
N VAL A 784 -4.62 17.12 7.75
CA VAL A 784 -3.57 17.29 6.74
C VAL A 784 -3.63 18.69 6.10
N LEU A 785 -4.81 19.10 5.60
CA LEU A 785 -5.00 20.41 4.96
C LEU A 785 -5.09 21.58 5.94
N GLY A 786 -5.26 21.27 7.23
CA GLY A 786 -5.34 22.25 8.31
C GLY A 786 -6.60 23.08 8.32
N ILE A 787 -7.74 22.44 8.02
CA ILE A 787 -9.05 23.10 7.96
C ILE A 787 -9.53 23.48 9.38
N GLY A 788 -9.54 24.79 9.63
CA GLY A 788 -9.95 25.37 10.91
C GLY A 788 -11.34 25.98 10.85
N ASP A 789 -11.72 26.71 11.93
CA ASP A 789 -13.03 27.38 12.09
C ASP A 789 -14.18 26.36 11.90
N ARG A 790 -14.06 25.20 12.59
CA ARG A 790 -15.03 24.11 12.50
C ARG A 790 -16.08 24.13 13.59
N HIS A 791 -17.36 24.20 13.17
CA HIS A 791 -18.55 24.22 14.03
C HIS A 791 -19.64 23.30 13.46
N SER A 792 -20.78 23.17 14.16
CA SER A 792 -21.92 22.33 13.75
C SER A 792 -22.61 22.80 12.45
N ASP A 793 -22.45 24.09 12.09
CA ASP A 793 -23.05 24.67 10.88
C ASP A 793 -22.22 24.46 9.59
N ASN A 794 -20.93 24.09 9.72
CA ASN A 794 -20.05 23.84 8.57
C ASN A 794 -19.67 22.36 8.34
N ILE A 795 -20.31 21.45 9.10
CA ILE A 795 -20.14 19.99 8.96
C ILE A 795 -21.52 19.45 8.59
N MET A 796 -21.59 18.73 7.46
CA MET A 796 -22.84 18.17 6.93
C MET A 796 -22.82 16.65 6.84
N ILE A 797 -24.02 16.05 6.77
CA ILE A 797 -24.20 14.61 6.66
C ILE A 797 -25.34 14.28 5.69
N ARG A 798 -25.08 13.36 4.76
CA ARG A 798 -26.04 12.89 3.76
C ARG A 798 -27.03 11.93 4.42
N GLU A 799 -28.24 11.79 3.86
CA GLU A 799 -29.27 10.87 4.35
C GLU A 799 -28.81 9.41 4.24
N SER A 800 -27.85 9.14 3.33
CA SER A 800 -27.26 7.82 3.10
C SER A 800 -26.15 7.45 4.10
N GLY A 801 -25.73 8.40 4.92
CA GLY A 801 -24.72 8.18 5.94
C GLY A 801 -23.46 9.03 5.87
N GLN A 802 -23.04 9.40 4.64
CA GLN A 802 -21.82 10.18 4.39
C GLN A 802 -21.69 11.51 5.13
N LEU A 803 -20.57 11.66 5.85
CA LEU A 803 -20.21 12.86 6.60
C LEU A 803 -19.26 13.69 5.70
N PHE A 804 -19.51 15.02 5.60
CA PHE A 804 -18.69 15.93 4.79
C PHE A 804 -18.62 17.36 5.32
N HIS A 805 -17.51 18.05 5.02
CA HIS A 805 -17.27 19.43 5.46
C HIS A 805 -17.61 20.45 4.37
N ILE A 806 -18.08 21.63 4.81
CA ILE A 806 -18.44 22.75 3.94
C ILE A 806 -17.78 24.05 4.40
N ASP A 807 -17.79 25.08 3.53
CA ASP A 807 -17.26 26.43 3.77
C ASP A 807 -15.79 26.43 4.24
N PHE A 808 -14.86 26.39 3.28
CA PHE A 808 -13.43 26.36 3.56
C PHE A 808 -12.79 27.75 3.43
N GLY A 809 -13.06 28.59 4.43
CA GLY A 809 -12.55 29.96 4.48
C GLY A 809 -11.17 30.08 5.06
N HIS A 810 -10.77 29.10 5.89
CA HIS A 810 -9.46 29.06 6.55
C HIS A 810 -8.86 27.67 6.54
N PHE A 811 -7.63 27.55 5.99
CA PHE A 811 -6.89 26.30 5.89
C PHE A 811 -5.39 26.49 6.24
N LEU A 812 -4.63 25.37 6.32
CA LEU A 812 -3.19 25.34 6.66
C LEU A 812 -2.89 25.95 8.04
N GLY A 813 -3.66 25.53 9.04
CA GLY A 813 -3.52 25.98 10.42
C GLY A 813 -4.59 26.97 10.82
N PRO A 827 -4.52 18.53 14.95
CA PRO A 827 -5.85 18.70 15.57
C PRO A 827 -6.99 18.67 14.54
N PHE A 828 -8.09 17.99 14.90
CA PHE A 828 -9.29 17.84 14.09
C PHE A 828 -10.54 17.56 14.95
N ILE A 829 -11.74 17.71 14.38
CA ILE A 829 -13.00 17.47 15.08
C ILE A 829 -13.34 15.98 15.17
N LEU A 830 -13.28 15.43 16.39
CA LEU A 830 -13.63 14.05 16.71
C LEU A 830 -14.50 14.08 17.97
N THR A 831 -15.77 14.50 17.79
CA THR A 831 -16.75 14.60 18.87
C THR A 831 -17.39 13.25 19.15
N TYR A 832 -17.93 13.07 20.38
CA TYR A 832 -18.59 11.82 20.79
C TYR A 832 -19.89 11.55 20.03
N ASP A 833 -20.37 12.55 19.26
CA ASP A 833 -21.54 12.48 18.38
C ASP A 833 -21.17 11.52 17.23
N PHE A 834 -19.91 11.59 16.75
CA PHE A 834 -19.36 10.76 15.67
C PHE A 834 -19.08 9.36 16.20
N VAL A 835 -18.42 9.26 17.38
CA VAL A 835 -18.04 8.03 18.09
C VAL A 835 -19.27 7.13 18.31
N HIS A 836 -20.40 7.71 18.75
CA HIS A 836 -21.67 7.03 18.99
C HIS A 836 -22.22 6.30 17.74
N VAL A 837 -22.08 6.93 16.56
CA VAL A 837 -22.51 6.35 15.27
C VAL A 837 -21.55 5.22 14.88
N ILE A 838 -20.22 5.47 15.00
CA ILE A 838 -19.13 4.53 14.71
C ILE A 838 -19.26 3.26 15.58
N GLN A 839 -19.47 3.44 16.89
CA GLN A 839 -19.63 2.36 17.87
C GLN A 839 -21.03 1.71 17.87
N GLN A 840 -21.86 2.01 16.83
CA GLN A 840 -23.23 1.52 16.61
C GLN A 840 -24.28 1.92 17.67
N GLY A 841 -23.89 2.76 18.62
CA GLY A 841 -24.76 3.22 19.70
C GLY A 841 -24.33 2.74 21.07
N LYS A 842 -23.42 1.75 21.11
CA LYS A 842 -22.90 1.17 22.34
C LYS A 842 -21.91 2.14 23.01
N THR A 843 -21.95 2.22 24.35
CA THR A 843 -21.10 3.08 25.20
C THR A 843 -19.61 2.85 24.91
N ASN A 844 -19.19 1.57 24.82
CA ASN A 844 -17.82 1.18 24.53
C ASN A 844 -17.78 -0.05 23.62
N ASN A 845 -17.53 0.18 22.32
CA ASN A 845 -17.42 -0.85 21.29
C ASN A 845 -16.02 -0.72 20.68
N SER A 846 -15.05 -1.43 21.26
CA SER A 846 -13.64 -1.42 20.87
C SER A 846 -13.41 -1.90 19.44
N GLU A 847 -14.09 -3.00 19.03
CA GLU A 847 -13.99 -3.60 17.70
C GLU A 847 -14.32 -2.60 16.57
N LYS A 848 -15.42 -1.84 16.72
CA LYS A 848 -15.87 -0.85 15.73
C LYS A 848 -15.02 0.43 15.73
N PHE A 849 -14.53 0.86 16.90
CA PHE A 849 -13.70 2.06 17.01
C PHE A 849 -12.26 1.82 16.55
N GLU A 850 -11.70 0.62 16.82
CA GLU A 850 -10.33 0.28 16.41
C GLU A 850 -10.25 0.09 14.89
N ARG A 851 -11.35 -0.34 14.24
CA ARG A 851 -11.44 -0.48 12.78
C ARG A 851 -11.43 0.92 12.16
N PHE A 852 -12.17 1.87 12.78
CA PHE A 852 -12.23 3.27 12.37
C PHE A 852 -10.84 3.91 12.53
N ARG A 853 -10.16 3.63 13.66
CA ARG A 853 -8.80 4.11 13.95
C ARG A 853 -7.84 3.53 12.90
N GLY A 854 -8.08 2.26 12.52
CA GLY A 854 -7.32 1.54 11.50
C GLY A 854 -7.50 2.15 10.12
N TYR A 855 -8.75 2.56 9.81
CA TYR A 855 -9.11 3.22 8.54
C TYR A 855 -8.50 4.63 8.47
N CYS A 856 -8.38 5.31 9.63
CA CYS A 856 -7.76 6.63 9.75
C CYS A 856 -6.25 6.51 9.47
N GLU A 857 -5.61 5.48 10.09
CA GLU A 857 -4.18 5.16 9.96
C GLU A 857 -3.82 4.83 8.52
N ARG A 858 -4.69 4.04 7.85
CA ARG A 858 -4.53 3.65 6.45
C ARG A 858 -4.60 4.86 5.54
N ALA A 859 -5.61 5.73 5.75
CA ALA A 859 -5.84 6.97 4.99
C ALA A 859 -4.64 7.91 5.07
N TYR A 860 -4.11 8.10 6.28
CA TYR A 860 -2.97 8.97 6.56
C TYR A 860 -1.67 8.48 5.89
N THR A 861 -1.41 7.15 5.95
CA THR A 861 -0.22 6.52 5.34
C THR A 861 -0.19 6.59 3.81
N ILE A 862 -1.35 6.42 3.15
CA ILE A 862 -1.48 6.48 1.67
C ILE A 862 -1.13 7.90 1.17
N LEU A 863 -1.56 8.93 1.91
CA LEU A 863 -1.29 10.34 1.56
C LEU A 863 0.18 10.71 1.78
N ARG A 864 0.83 10.11 2.80
CA ARG A 864 2.25 10.32 3.15
C ARG A 864 3.18 9.98 1.99
N ARG A 865 2.87 8.88 1.26
CA ARG A 865 3.62 8.38 0.12
C ARG A 865 3.44 9.30 -1.11
N HIS A 866 2.35 10.09 -1.12
CA HIS A 866 2.03 11.05 -2.18
C HIS A 866 2.22 12.50 -1.70
N GLY A 867 2.93 12.65 -0.58
CA GLY A 867 3.23 13.93 0.07
C GLY A 867 3.85 14.97 -0.85
N LEU A 868 4.77 14.54 -1.75
CA LEU A 868 5.44 15.40 -2.73
C LEU A 868 4.47 16.02 -3.71
N LEU A 869 3.48 15.23 -4.20
CA LEU A 869 2.43 15.69 -5.12
C LEU A 869 1.63 16.85 -4.51
N PHE A 870 1.22 16.72 -3.23
CA PHE A 870 0.49 17.76 -2.50
C PHE A 870 1.33 19.03 -2.38
N LEU A 871 2.63 18.88 -2.07
CA LEU A 871 3.59 19.98 -1.93
C LEU A 871 3.83 20.69 -3.26
N HIS A 872 3.96 19.91 -4.36
CA HIS A 872 4.18 20.44 -5.72
C HIS A 872 2.99 21.26 -6.21
N LEU A 873 1.75 20.74 -6.01
CA LEU A 873 0.52 21.42 -6.43
C LEU A 873 0.24 22.68 -5.62
N PHE A 874 0.58 22.67 -4.31
CA PHE A 874 0.45 23.82 -3.42
C PHE A 874 1.50 24.89 -3.76
N ALA A 875 2.67 24.46 -4.29
CA ALA A 875 3.75 25.36 -4.72
C ALA A 875 3.37 26.08 -6.01
N LEU A 876 2.65 25.39 -6.92
CA LEU A 876 2.18 25.95 -8.19
C LEU A 876 1.00 26.90 -7.95
N MET A 877 0.28 26.73 -6.83
CA MET A 877 -0.88 27.53 -6.45
C MET A 877 -0.51 28.82 -5.68
N ARG A 878 0.81 29.12 -5.59
CA ARG A 878 1.32 30.34 -4.96
C ARG A 878 1.08 31.53 -5.88
N ALA A 879 0.98 31.27 -7.21
CA ALA A 879 0.73 32.25 -8.27
C ALA A 879 -0.68 32.84 -8.19
N ALA A 880 -1.65 32.06 -7.66
CA ALA A 880 -3.07 32.43 -7.49
C ALA A 880 -3.28 33.71 -6.67
N GLY A 881 -2.37 33.99 -5.74
CA GLY A 881 -2.40 35.16 -4.88
C GLY A 881 -3.28 34.97 -3.66
N LEU A 882 -3.34 33.72 -3.15
CA LEU A 882 -4.13 33.37 -1.97
C LEU A 882 -3.49 33.94 -0.70
N PRO A 883 -4.27 34.53 0.23
CA PRO A 883 -3.66 35.11 1.44
C PRO A 883 -3.03 34.08 2.38
N GLU A 884 -3.62 32.88 2.46
CA GLU A 884 -3.12 31.79 3.31
C GLU A 884 -2.17 30.82 2.57
N LEU A 885 -1.79 31.18 1.32
CA LEU A 885 -0.86 30.44 0.46
C LEU A 885 -0.18 31.39 -0.52
N SER A 886 0.92 32.01 -0.05
CA SER A 886 1.72 32.98 -0.82
C SER A 886 3.23 32.84 -0.54
N CYS A 887 3.60 32.42 0.68
CA CYS A 887 4.99 32.24 1.09
C CYS A 887 5.35 30.76 1.34
N SER A 888 6.64 30.48 1.58
CA SER A 888 7.19 29.14 1.84
C SER A 888 6.69 28.56 3.18
N LYS A 889 6.41 29.44 4.15
CA LYS A 889 5.92 29.09 5.49
C LYS A 889 4.48 28.55 5.49
N ASP A 890 3.69 28.87 4.45
CA ASP A 890 2.31 28.41 4.32
C ASP A 890 2.26 26.91 3.98
N ILE A 891 3.11 26.47 3.02
CA ILE A 891 3.24 25.07 2.58
C ILE A 891 3.88 24.18 3.67
N GLN A 892 4.60 24.81 4.63
CA GLN A 892 5.29 24.15 5.76
C GLN A 892 4.35 23.32 6.65
N TYR A 893 3.04 23.68 6.70
CA TYR A 893 2.05 22.93 7.47
C TYR A 893 1.91 21.51 6.94
N LEU A 894 1.94 21.32 5.60
CA LEU A 894 1.86 20.01 4.94
C LEU A 894 3.08 19.15 5.27
N LYS A 895 4.26 19.78 5.43
CA LYS A 895 5.50 19.11 5.79
C LYS A 895 5.40 18.59 7.23
N ASP A 896 4.74 19.36 8.11
CA ASP A 896 4.54 19.03 9.53
C ASP A 896 3.40 18.03 9.76
N SER A 897 2.22 18.26 9.15
CA SER A 897 1.03 17.40 9.28
C SER A 897 1.25 16.00 8.72
N LEU A 898 1.84 15.91 7.50
CA LEU A 898 2.12 14.63 6.84
C LEU A 898 3.40 13.97 7.39
N ALA A 899 4.26 14.75 8.09
CA ALA A 899 5.55 14.35 8.68
C ALA A 899 6.46 13.62 7.66
N LEU A 900 6.78 14.34 6.58
CA LEU A 900 7.59 13.86 5.45
C LEU A 900 9.00 13.37 5.80
N GLY A 901 9.63 14.00 6.80
CA GLY A 901 10.97 13.63 7.27
C GLY A 901 10.99 12.30 8.00
N LYS A 902 9.93 12.00 8.77
CA LYS A 902 9.75 10.78 9.55
C LYS A 902 9.54 9.54 8.67
N THR A 903 9.62 8.35 9.30
CA THR A 903 9.40 7.05 8.65
C THR A 903 7.95 6.62 8.94
N GLU A 904 7.46 5.57 8.24
CA GLU A 904 6.09 5.05 8.36
C GLU A 904 5.60 4.76 9.79
N GLU A 905 6.49 4.29 10.68
CA GLU A 905 6.15 3.98 12.08
C GLU A 905 6.32 5.20 13.00
N GLU A 906 7.26 6.12 12.68
CA GLU A 906 7.52 7.35 13.44
C GLU A 906 6.35 8.33 13.33
N ALA A 907 5.78 8.46 12.11
CA ALA A 907 4.65 9.32 11.83
C ALA A 907 3.34 8.73 12.34
N LEU A 908 3.23 7.38 12.37
CA LEU A 908 2.05 6.65 12.85
C LEU A 908 1.83 6.87 14.34
N LYS A 909 2.93 6.94 15.12
CA LYS A 909 2.90 7.21 16.56
C LYS A 909 2.52 8.67 16.79
N HIS A 910 3.04 9.58 15.95
CA HIS A 910 2.78 11.02 15.96
C HIS A 910 1.30 11.28 15.65
N PHE A 911 0.73 10.56 14.66
CA PHE A 911 -0.67 10.65 14.26
C PHE A 911 -1.59 10.09 15.35
N ARG A 912 -1.15 9.01 16.05
CA ARG A 912 -1.90 8.38 17.14
C ARG A 912 -2.04 9.32 18.34
N VAL A 913 -0.97 10.09 18.65
CA VAL A 913 -0.97 11.08 19.75
C VAL A 913 -1.98 12.19 19.39
N LYS A 914 -1.98 12.63 18.11
CA LYS A 914 -2.91 13.64 17.57
C LYS A 914 -4.35 13.10 17.56
N PHE A 915 -4.52 11.78 17.27
CA PHE A 915 -5.81 11.09 17.27
C PHE A 915 -6.34 11.02 18.71
N ASN A 916 -5.42 10.77 19.68
CA ASN A 916 -5.73 10.72 21.11
C ASN A 916 -6.09 12.13 21.61
N GLU A 917 -5.36 13.17 21.12
CA GLU A 917 -5.55 14.59 21.46
C GLU A 917 -6.94 15.09 21.05
N ALA A 918 -7.40 14.72 19.83
CA ALA A 918 -8.71 15.09 19.28
C ALA A 918 -9.84 14.42 20.07
N LEU A 919 -9.56 13.22 20.62
CA LEU A 919 -10.50 12.43 21.43
C LEU A 919 -10.47 12.88 22.90
N ARG A 920 -9.29 13.32 23.40
CA ARG A 920 -9.08 13.79 24.77
C ARG A 920 -9.85 15.09 25.01
N GLU A 921 -9.66 16.09 24.13
CA GLU A 921 -10.35 17.38 24.21
C GLU A 921 -11.64 17.33 23.39
N SER A 922 -12.65 16.64 23.93
CA SER A 922 -13.96 16.45 23.31
C SER A 922 -15.09 16.54 24.35
N LYS B 7 2.49 -44.27 34.63
CA LYS B 7 3.88 -44.71 34.71
C LYS B 7 4.66 -44.57 33.40
N LEU B 8 3.96 -44.67 32.25
CA LEU B 8 4.56 -44.59 30.92
C LEU B 8 5.10 -43.22 30.54
N ILE B 9 4.50 -42.13 31.10
CA ILE B 9 4.84 -40.72 30.84
C ILE B 9 6.33 -40.43 30.54
N ASN B 10 7.26 -40.90 31.41
CA ASN B 10 8.72 -40.71 31.24
C ASN B 10 9.27 -41.44 30.01
N SER B 11 8.89 -42.72 29.80
CA SER B 11 9.29 -43.53 28.66
C SER B 11 8.58 -43.04 27.37
N GLN B 12 7.38 -42.42 27.52
CA GLN B 12 6.59 -41.85 26.42
C GLN B 12 7.27 -40.62 25.83
N ILE B 13 7.89 -39.77 26.68
CA ILE B 13 8.66 -38.59 26.24
C ILE B 13 9.89 -39.09 25.49
N SER B 14 10.62 -40.07 26.08
CA SER B 14 11.82 -40.69 25.54
C SER B 14 11.64 -41.22 24.11
N LEU B 15 10.50 -41.90 23.86
CA LEU B 15 10.16 -42.45 22.55
C LEU B 15 9.75 -41.37 21.56
N LEU B 16 9.03 -40.34 22.05
CA LEU B 16 8.55 -39.20 21.26
C LEU B 16 9.69 -38.28 20.82
N ILE B 17 10.66 -38.00 21.70
CA ILE B 17 11.79 -37.13 21.39
C ILE B 17 12.93 -37.86 20.67
N GLY B 18 12.94 -39.20 20.77
CA GLY B 18 13.94 -40.06 20.15
C GLY B 18 15.25 -40.13 20.91
N LYS B 19 15.20 -39.88 22.23
CA LYS B 19 16.34 -39.90 23.14
C LYS B 19 15.86 -40.17 24.56
N GLY B 20 16.52 -41.09 25.25
CA GLY B 20 16.21 -41.47 26.62
C GLY B 20 16.48 -40.34 27.59
N LEU B 21 15.54 -40.10 28.53
CA LEU B 21 15.64 -39.03 29.54
C LEU B 21 16.83 -39.18 30.50
N HIS B 22 17.31 -40.43 30.69
CA HIS B 22 18.47 -40.77 31.52
C HIS B 22 19.77 -40.16 30.98
N GLU B 23 19.85 -39.99 29.64
CA GLU B 23 21.00 -39.40 28.93
C GLU B 23 21.26 -37.95 29.35
N PHE B 24 20.22 -37.25 29.86
CA PHE B 24 20.34 -35.88 30.37
C PHE B 24 20.93 -35.95 31.78
N ASP B 25 20.47 -36.94 32.59
CA ASP B 25 20.91 -37.19 33.96
C ASP B 25 22.37 -37.68 34.02
N SER B 26 22.75 -38.56 33.07
CA SER B 26 24.09 -39.16 32.95
C SER B 26 25.20 -38.12 32.68
N LEU B 27 24.81 -36.94 32.16
CA LEU B 27 25.73 -35.82 31.87
C LEU B 27 26.28 -35.19 33.14
N ARG B 28 25.53 -35.32 34.28
CA ARG B 28 25.85 -34.80 35.62
C ARG B 28 26.06 -33.26 35.59
N ASP B 29 25.32 -32.58 34.70
CA ASP B 29 25.40 -31.13 34.49
C ASP B 29 24.42 -30.37 35.40
N PRO B 30 24.88 -29.38 36.20
CA PRO B 30 23.97 -28.64 37.07
C PRO B 30 22.99 -27.74 36.31
N GLU B 31 23.43 -27.19 35.14
CA GLU B 31 22.64 -26.33 34.26
C GLU B 31 21.47 -27.12 33.65
N VAL B 32 21.73 -28.38 33.23
CA VAL B 32 20.74 -29.29 32.64
C VAL B 32 19.65 -29.64 33.66
N ASN B 33 20.05 -30.01 34.89
CA ASN B 33 19.12 -30.36 35.98
C ASN B 33 18.28 -29.16 36.45
N ASP B 34 18.90 -27.95 36.52
CA ASP B 34 18.23 -26.71 36.92
C ASP B 34 17.16 -26.29 35.90
N PHE B 35 17.45 -26.50 34.59
CA PHE B 35 16.51 -26.21 33.50
C PHE B 35 15.32 -27.17 33.57
N ARG B 36 15.60 -28.48 33.81
CA ARG B 36 14.59 -29.53 33.91
C ARG B 36 13.60 -29.31 35.05
N THR B 37 14.08 -28.94 36.25
CA THR B 37 13.25 -28.70 37.43
C THR B 37 12.40 -27.43 37.33
N LYS B 38 13.03 -26.31 36.90
CA LYS B 38 12.36 -25.01 36.77
C LYS B 38 11.34 -24.96 35.63
N MET B 39 11.68 -25.53 34.45
CA MET B 39 10.77 -25.55 33.30
C MET B 39 9.61 -26.51 33.48
N ARG B 40 9.81 -27.60 34.26
CA ARG B 40 8.76 -28.56 34.59
C ARG B 40 7.73 -27.82 35.44
N GLN B 41 8.22 -27.01 36.40
CA GLN B 41 7.43 -26.17 37.30
C GLN B 41 6.65 -25.12 36.50
N PHE B 42 7.33 -24.47 35.53
CA PHE B 42 6.77 -23.44 34.64
C PHE B 42 5.65 -24.00 33.75
N CYS B 43 5.85 -25.19 33.17
CA CYS B 43 4.90 -25.86 32.28
C CYS B 43 3.72 -26.50 33.00
N GLU B 44 3.93 -26.99 34.24
CA GLU B 44 2.87 -27.61 35.04
C GLU B 44 1.89 -26.57 35.58
N GLU B 45 2.39 -25.36 35.91
CA GLU B 45 1.59 -24.23 36.39
C GLU B 45 0.67 -23.73 35.27
N ALA B 46 1.19 -23.71 34.02
CA ALA B 46 0.47 -23.30 32.81
C ALA B 46 -0.65 -24.31 32.51
N ALA B 47 -0.40 -25.60 32.77
CA ALA B 47 -1.35 -26.70 32.58
C ALA B 47 -2.48 -26.61 33.60
N ALA B 48 -2.16 -26.16 34.83
CA ALA B 48 -3.12 -26.00 35.94
C ALA B 48 -4.10 -24.86 35.67
N HIS B 49 -3.59 -23.72 35.14
CA HIS B 49 -4.38 -22.54 34.77
C HIS B 49 -5.34 -22.89 33.63
N ARG B 50 -4.86 -23.72 32.69
CA ARG B 50 -5.57 -24.23 31.51
C ARG B 50 -6.79 -25.08 31.89
N GLN B 51 -6.67 -25.84 33.00
CA GLN B 51 -7.73 -26.71 33.49
C GLN B 51 -8.89 -25.94 34.17
N GLN B 52 -8.71 -24.64 34.42
CA GLN B 52 -9.71 -23.78 35.04
C GLN B 52 -10.38 -22.82 34.04
N LEU B 53 -9.94 -22.82 32.77
CA LEU B 53 -10.46 -21.97 31.69
C LEU B 53 -11.94 -22.24 31.39
N GLY B 54 -12.62 -21.21 30.88
CA GLY B 54 -14.01 -21.30 30.44
C GLY B 54 -14.07 -22.11 29.16
N TRP B 55 -15.23 -22.74 28.87
CA TRP B 55 -15.38 -23.60 27.69
C TRP B 55 -14.94 -23.03 26.34
N VAL B 56 -15.24 -21.74 26.08
CA VAL B 56 -14.82 -21.05 24.85
C VAL B 56 -13.31 -20.74 24.91
N GLU B 57 -12.79 -20.36 26.10
CA GLU B 57 -11.36 -20.09 26.32
C GLU B 57 -10.54 -21.36 26.10
N TRP B 58 -11.11 -22.54 26.46
CA TRP B 58 -10.49 -23.85 26.25
C TRP B 58 -10.45 -24.12 24.75
N LEU B 59 -11.56 -23.79 24.04
CA LEU B 59 -11.68 -23.93 22.58
C LEU B 59 -10.65 -23.03 21.88
N GLN B 60 -10.40 -21.82 22.43
CA GLN B 60 -9.40 -20.88 21.88
C GLN B 60 -7.97 -21.45 21.97
N TYR B 61 -7.76 -22.46 22.85
CA TYR B 61 -6.49 -23.15 23.03
C TYR B 61 -6.45 -24.43 22.18
N SER B 62 -7.43 -25.33 22.37
CA SER B 62 -7.53 -26.65 21.75
C SER B 62 -7.96 -26.65 20.28
N PHE B 63 -8.89 -25.76 19.91
CA PHE B 63 -9.41 -25.64 18.55
C PHE B 63 -9.35 -24.16 18.11
N PRO B 64 -8.14 -23.55 17.95
CA PRO B 64 -8.09 -22.13 17.54
C PRO B 64 -8.76 -21.91 16.19
N LEU B 65 -9.61 -20.88 16.10
CA LEU B 65 -10.40 -20.54 14.92
C LEU B 65 -9.63 -20.53 13.62
N GLN B 66 -10.19 -21.24 12.61
CA GLN B 66 -9.65 -21.31 11.26
C GLN B 66 -10.45 -20.31 10.44
N LEU B 67 -9.99 -19.06 10.43
CA LEU B 67 -10.65 -17.98 9.71
C LEU B 67 -10.03 -17.81 8.34
N GLU B 68 -10.75 -17.12 7.44
CA GLU B 68 -10.29 -16.87 6.08
C GLU B 68 -9.48 -15.57 6.00
N PRO B 69 -8.27 -15.62 5.41
CA PRO B 69 -7.48 -14.37 5.29
C PRO B 69 -7.84 -13.57 4.05
N SER B 70 -8.25 -12.29 4.23
CA SER B 70 -8.61 -11.29 3.21
C SER B 70 -9.02 -9.95 3.85
N ALA B 71 -8.76 -8.82 3.15
CA ALA B 71 -9.09 -7.46 3.61
C ALA B 71 -9.30 -6.50 2.46
N VAL B 81 -20.09 -5.64 -0.58
CA VAL B 81 -21.45 -5.27 -0.16
C VAL B 81 -22.56 -6.02 -0.93
N SER B 82 -22.28 -7.31 -1.24
CA SER B 82 -23.20 -8.22 -1.93
C SER B 82 -24.17 -8.86 -0.93
N ASN B 83 -25.17 -9.62 -1.43
CA ASN B 83 -26.17 -10.31 -0.60
C ASN B 83 -26.30 -11.79 -0.99
N ARG B 84 -26.06 -12.69 -0.02
CA ARG B 84 -26.12 -14.15 -0.21
C ARG B 84 -26.71 -14.87 1.00
N ALA B 85 -27.18 -16.12 0.80
CA ALA B 85 -27.75 -17.01 1.82
C ALA B 85 -27.61 -18.46 1.35
N LEU B 86 -26.84 -19.28 2.09
CA LEU B 86 -26.58 -20.68 1.73
C LEU B 86 -26.99 -21.74 2.76
N LEU B 87 -27.23 -22.96 2.24
CA LEU B 87 -27.65 -24.18 2.95
C LEU B 87 -26.62 -24.72 3.94
N VAL B 88 -27.11 -25.45 4.99
CA VAL B 88 -26.29 -26.06 6.05
C VAL B 88 -26.98 -27.30 6.68
N ASN B 89 -26.19 -28.32 7.06
CA ASN B 89 -26.66 -29.55 7.70
C ASN B 89 -26.17 -29.57 9.16
N VAL B 90 -27.11 -29.71 10.12
CA VAL B 90 -26.79 -29.69 11.55
C VAL B 90 -27.37 -30.88 12.32
N LYS B 91 -26.53 -31.55 13.13
CA LYS B 91 -26.91 -32.69 13.96
C LYS B 91 -26.52 -32.47 15.43
N PHE B 92 -26.88 -33.42 16.31
CA PHE B 92 -26.58 -33.37 17.75
C PHE B 92 -25.66 -34.52 18.18
N GLU B 93 -25.08 -34.42 19.40
CA GLU B 93 -24.14 -35.37 19.98
C GLU B 93 -24.60 -36.83 20.01
N GLY B 94 -25.75 -37.09 20.63
CA GLY B 94 -26.31 -38.43 20.78
C GLY B 94 -26.89 -39.01 19.50
N SER B 95 -28.01 -38.44 19.03
CA SER B 95 -28.76 -38.87 17.85
C SER B 95 -27.97 -38.80 16.54
N GLU B 96 -28.31 -39.70 15.60
CA GLU B 96 -27.72 -39.80 14.26
C GLU B 96 -28.48 -38.90 13.28
N GLU B 97 -29.72 -38.51 13.66
CA GLU B 97 -30.62 -37.66 12.87
C GLU B 97 -30.08 -36.24 12.69
N SER B 98 -30.06 -35.77 11.43
CA SER B 98 -29.58 -34.44 11.06
C SER B 98 -30.71 -33.57 10.51
N PHE B 99 -30.61 -32.25 10.73
CA PHE B 99 -31.58 -31.25 10.28
C PHE B 99 -30.95 -30.31 9.27
N THR B 100 -31.49 -30.29 8.04
CA THR B 100 -31.01 -29.44 6.94
C THR B 100 -31.92 -28.21 6.78
N PHE B 101 -31.32 -27.01 6.83
CA PHE B 101 -32.02 -25.72 6.70
C PHE B 101 -31.10 -24.65 6.12
N GLN B 102 -31.68 -23.70 5.36
CA GLN B 102 -30.92 -22.61 4.75
C GLN B 102 -30.75 -21.43 5.70
N VAL B 103 -29.50 -20.96 5.83
CA VAL B 103 -29.12 -19.82 6.67
C VAL B 103 -28.54 -18.69 5.80
N SER B 104 -28.18 -17.55 6.42
CA SER B 104 -27.58 -16.43 5.71
C SER B 104 -26.05 -16.53 5.72
N THR B 105 -25.41 -15.93 4.71
CA THR B 105 -23.96 -15.88 4.53
C THR B 105 -23.32 -14.97 5.59
N LYS B 106 -24.00 -13.86 5.92
CA LYS B 106 -23.57 -12.87 6.90
C LYS B 106 -23.93 -13.27 8.34
N ASP B 107 -24.75 -14.33 8.51
CA ASP B 107 -25.19 -14.83 9.82
C ASP B 107 -24.03 -15.23 10.74
N MET B 108 -24.21 -15.03 12.05
CA MET B 108 -23.24 -15.38 13.08
C MET B 108 -23.52 -16.84 13.51
N PRO B 109 -22.53 -17.62 14.02
CA PRO B 109 -22.84 -19.00 14.47
C PRO B 109 -24.00 -19.11 15.47
N LEU B 110 -24.19 -18.08 16.34
CA LEU B 110 -25.27 -18.03 17.33
C LEU B 110 -26.66 -18.08 16.69
N ALA B 111 -26.82 -17.40 15.53
CA ALA B 111 -28.07 -17.37 14.76
C ALA B 111 -28.40 -18.76 14.22
N LEU B 112 -27.36 -19.50 13.76
CA LEU B 112 -27.48 -20.87 13.26
C LEU B 112 -27.86 -21.80 14.42
N MET B 113 -27.20 -21.63 15.59
CA MET B 113 -27.41 -22.40 16.81
C MET B 113 -28.81 -22.23 17.37
N ALA B 114 -29.37 -21.00 17.28
CA ALA B 114 -30.72 -20.69 17.73
C ALA B 114 -31.74 -21.31 16.78
N CYS B 115 -31.41 -21.31 15.46
CA CYS B 115 -32.23 -21.91 14.40
C CYS B 115 -32.21 -23.44 14.51
N ALA B 116 -31.08 -24.02 14.95
CA ALA B 116 -30.89 -25.46 15.15
C ALA B 116 -31.70 -25.99 16.32
N LEU B 117 -31.75 -25.23 17.44
CA LEU B 117 -32.50 -25.60 18.65
C LEU B 117 -34.01 -25.50 18.45
N ARG B 118 -34.47 -24.60 17.55
CA ARG B 118 -35.88 -24.42 17.22
C ARG B 118 -36.41 -25.63 16.44
N LYS B 119 -35.61 -26.12 15.46
CA LYS B 119 -35.95 -27.29 14.64
C LYS B 119 -35.80 -28.61 15.40
N LYS B 120 -34.99 -28.61 16.49
CA LYS B 120 -34.76 -29.77 17.36
C LYS B 120 -36.00 -30.04 18.22
N ALA B 121 -36.56 -28.99 18.85
CA ALA B 121 -37.74 -29.05 19.73
C ALA B 121 -39.02 -29.41 18.97
N THR B 122 -39.20 -28.89 17.73
CA THR B 122 -40.37 -29.15 16.89
C THR B 122 -40.40 -30.60 16.40
N VAL B 123 -39.21 -31.20 16.15
CA VAL B 123 -39.06 -32.57 15.69
C VAL B 123 -38.67 -33.46 16.87
N GLN B 131 -30.45 -23.25 25.39
CA GLN B 131 -30.14 -21.89 24.95
C GLN B 131 -28.97 -21.88 23.95
N PRO B 132 -29.06 -21.10 22.83
CA PRO B 132 -27.96 -21.09 21.84
C PRO B 132 -26.59 -20.65 22.33
N GLU B 133 -26.56 -19.81 23.39
CA GLU B 133 -25.33 -19.29 24.00
C GLU B 133 -24.49 -20.38 24.70
N GLU B 134 -25.14 -21.51 25.05
CA GLU B 134 -24.51 -22.65 25.73
C GLU B 134 -23.94 -23.73 24.77
N TYR B 135 -23.92 -23.44 23.46
CA TYR B 135 -23.44 -24.38 22.44
C TYR B 135 -22.28 -23.86 21.59
N ALA B 136 -21.63 -24.78 20.85
CA ALA B 136 -20.55 -24.55 19.90
C ALA B 136 -20.77 -25.50 18.72
N LEU B 137 -20.44 -25.05 17.50
CA LEU B 137 -20.62 -25.85 16.29
C LEU B 137 -19.38 -26.64 15.87
N GLN B 138 -19.38 -27.95 16.15
CA GLN B 138 -18.29 -28.87 15.82
C GLN B 138 -18.30 -29.15 14.31
N VAL B 139 -17.12 -29.06 13.65
CA VAL B 139 -16.99 -29.34 12.23
C VAL B 139 -16.77 -30.85 12.07
N ASN B 140 -17.75 -31.55 11.47
CA ASN B 140 -17.75 -33.01 11.25
C ASN B 140 -16.49 -33.54 10.60
N GLY B 141 -15.90 -34.56 11.24
CA GLY B 141 -14.69 -35.25 10.80
C GLY B 141 -13.45 -34.39 10.69
N ARG B 142 -13.45 -33.25 11.42
CA ARG B 142 -12.35 -32.29 11.45
C ARG B 142 -12.09 -31.85 12.89
N HIS B 143 -10.85 -31.44 13.18
CA HIS B 143 -10.46 -30.94 14.50
C HIS B 143 -10.68 -29.42 14.49
N GLU B 144 -11.95 -29.00 14.31
CA GLU B 144 -12.34 -27.61 14.18
C GLU B 144 -13.70 -27.32 14.82
N TYR B 145 -13.91 -26.06 15.26
CA TYR B 145 -15.14 -25.57 15.86
C TYR B 145 -15.50 -24.19 15.29
N LEU B 146 -16.80 -23.93 15.15
CA LEU B 146 -17.35 -22.68 14.63
C LEU B 146 -17.99 -21.87 15.76
N TYR B 147 -17.21 -20.95 16.35
CA TYR B 147 -17.60 -20.07 17.46
C TYR B 147 -17.11 -18.63 17.23
N GLY B 148 -17.61 -17.70 18.05
CA GLY B 148 -17.25 -16.29 18.00
C GLY B 148 -18.21 -15.40 17.25
N ASN B 149 -18.00 -14.08 17.32
CA ASN B 149 -18.83 -13.07 16.64
C ASN B 149 -18.28 -12.77 15.25
N TYR B 150 -18.37 -13.77 14.35
CA TYR B 150 -17.89 -13.67 12.97
C TYR B 150 -18.95 -14.15 11.97
N PRO B 151 -19.10 -13.51 10.78
CA PRO B 151 -20.06 -14.04 9.78
C PRO B 151 -19.60 -15.41 9.28
N LEU B 152 -20.56 -16.32 9.01
CA LEU B 152 -20.29 -17.69 8.55
C LEU B 152 -19.30 -17.82 7.40
N CYS B 153 -19.37 -16.91 6.40
CA CYS B 153 -18.48 -16.88 5.23
C CYS B 153 -17.01 -16.64 5.58
N HIS B 154 -16.72 -16.00 6.74
CA HIS B 154 -15.35 -15.73 7.19
C HIS B 154 -14.62 -16.95 7.76
N PHE B 155 -15.34 -18.04 8.05
CA PHE B 155 -14.75 -19.29 8.54
C PHE B 155 -14.25 -20.10 7.35
N GLN B 156 -12.98 -20.58 7.43
CA GLN B 156 -12.29 -21.36 6.40
C GLN B 156 -13.10 -22.54 5.87
N TYR B 157 -13.76 -23.30 6.76
CA TYR B 157 -14.57 -24.47 6.41
C TYR B 157 -15.78 -24.12 5.54
N ILE B 158 -16.56 -23.09 5.95
CA ILE B 158 -17.76 -22.62 5.24
C ILE B 158 -17.35 -22.02 3.88
N CYS B 159 -16.26 -21.24 3.87
CA CYS B 159 -15.70 -20.60 2.68
C CYS B 159 -15.29 -21.64 1.63
N SER B 160 -14.57 -22.71 2.06
CA SER B 160 -14.14 -23.82 1.19
C SER B 160 -15.34 -24.65 0.71
N CYS B 161 -16.40 -24.75 1.54
CA CYS B 161 -17.66 -25.44 1.21
C CYS B 161 -18.40 -24.64 0.13
N LEU B 162 -18.34 -23.30 0.21
CA LEU B 162 -18.97 -22.36 -0.71
C LEU B 162 -18.25 -22.33 -2.07
N HIS B 163 -16.90 -22.39 -2.05
CA HIS B 163 -16.06 -22.38 -3.24
C HIS B 163 -15.94 -23.75 -3.94
N SER B 164 -16.64 -24.77 -3.42
CA SER B 164 -16.66 -26.13 -3.97
C SER B 164 -18.07 -26.74 -4.03
N GLY B 165 -19.09 -25.90 -3.80
CA GLY B 165 -20.51 -26.28 -3.83
C GLY B 165 -20.85 -27.42 -2.90
N LEU B 166 -20.44 -27.31 -1.63
CA LEU B 166 -20.65 -28.35 -0.62
C LEU B 166 -21.56 -27.90 0.52
N THR B 167 -22.33 -28.86 1.06
CA THR B 167 -23.23 -28.65 2.19
C THR B 167 -22.47 -28.84 3.52
N PRO B 168 -22.26 -27.76 4.32
CA PRO B 168 -21.51 -27.90 5.56
C PRO B 168 -22.22 -28.76 6.60
N HIS B 169 -21.50 -29.73 7.18
CA HIS B 169 -22.01 -30.64 8.19
C HIS B 169 -21.46 -30.26 9.56
N LEU B 170 -22.35 -29.77 10.44
CA LEU B 170 -21.98 -29.32 11.77
C LEU B 170 -22.70 -30.11 12.86
N THR B 171 -22.09 -30.18 14.06
CA THR B 171 -22.64 -30.89 15.22
C THR B 171 -22.74 -29.93 16.41
N MET B 172 -23.93 -29.88 17.04
CA MET B 172 -24.19 -29.04 18.21
C MET B 172 -23.58 -29.70 19.44
N VAL B 173 -22.55 -29.07 20.02
CA VAL B 173 -21.84 -29.57 21.21
C VAL B 173 -22.07 -28.61 22.38
N HIS B 174 -22.74 -29.09 23.42
CA HIS B 174 -23.06 -28.32 24.63
C HIS B 174 -21.81 -27.98 25.46
N SER B 175 -21.87 -26.87 26.21
CA SER B 175 -20.80 -26.36 27.08
C SER B 175 -20.26 -27.43 28.04
N SER B 176 -21.16 -28.24 28.64
CA SER B 176 -20.84 -29.32 29.56
C SER B 176 -19.93 -30.37 28.92
N SER B 177 -20.18 -30.71 27.63
CA SER B 177 -19.40 -31.67 26.85
C SER B 177 -17.99 -31.14 26.59
N ILE B 178 -17.86 -29.83 26.30
CA ILE B 178 -16.58 -29.16 26.07
C ILE B 178 -15.76 -29.13 27.37
N LEU B 179 -16.43 -28.92 28.53
CA LEU B 179 -15.77 -28.95 29.84
C LEU B 179 -15.37 -30.37 30.20
N ALA B 180 -16.19 -31.38 29.81
CA ALA B 180 -15.91 -32.80 30.05
C ALA B 180 -14.65 -33.21 29.29
N MET B 181 -14.49 -32.69 28.04
CA MET B 181 -13.32 -32.90 27.18
C MET B 181 -12.10 -32.25 27.81
N ARG B 182 -12.28 -31.06 28.40
CA ARG B 182 -11.26 -30.27 29.09
C ARG B 182 -10.77 -31.02 30.34
N ASP B 183 -11.70 -31.59 31.13
CA ASP B 183 -11.40 -32.34 32.36
C ASP B 183 -10.63 -33.63 32.10
N GLU B 184 -11.05 -34.42 31.09
CA GLU B 184 -10.39 -35.69 30.73
C GLU B 184 -9.01 -35.51 30.07
N GLN B 185 -8.72 -34.32 29.52
CA GLN B 185 -7.45 -34.00 28.86
C GLN B 185 -6.42 -33.33 29.81
N SER B 186 -6.65 -33.47 31.13
CA SER B 186 -5.78 -32.93 32.19
C SER B 186 -4.51 -33.76 32.37
N ASN B 187 -3.48 -33.19 33.01
CA ASN B 187 -2.20 -33.86 33.28
C ASN B 187 -2.28 -34.76 34.51
N GLU B 216 40.27 -6.17 36.67
CA GLU B 216 41.28 -5.11 36.74
C GLU B 216 42.55 -5.43 35.94
N GLN B 217 42.97 -6.71 35.94
CA GLN B 217 44.16 -7.23 35.25
C GLN B 217 43.85 -7.65 33.79
N PRO B 218 44.84 -7.67 32.86
CA PRO B 218 44.54 -8.12 31.49
C PRO B 218 44.16 -9.60 31.46
N PHE B 219 43.18 -9.96 30.60
CA PHE B 219 42.69 -11.33 30.47
C PHE B 219 43.73 -12.27 29.89
N SER B 220 43.92 -13.43 30.55
CA SER B 220 44.88 -14.46 30.16
C SER B 220 44.34 -15.87 30.39
N ILE B 221 44.77 -16.83 29.55
CA ILE B 221 44.43 -18.26 29.62
C ILE B 221 45.65 -19.11 29.29
N GLU B 222 45.85 -20.21 30.03
CA GLU B 222 46.97 -21.11 29.75
C GLU B 222 46.50 -22.26 28.87
N LEU B 223 47.09 -22.35 27.68
CA LEU B 223 46.81 -23.39 26.68
C LEU B 223 47.67 -24.61 27.01
N ILE B 224 47.04 -25.66 27.61
CA ILE B 224 47.75 -26.88 28.01
C ILE B 224 47.99 -27.90 26.87
N GLU B 225 47.00 -28.79 26.58
CA GLU B 225 47.13 -29.87 25.58
C GLU B 225 45.87 -30.14 24.73
N GLY B 226 46.03 -31.01 23.72
CA GLY B 226 44.96 -31.41 22.81
C GLY B 226 45.04 -32.86 22.32
N ARG B 227 44.13 -33.26 21.39
CA ARG B 227 44.07 -34.62 20.80
C ARG B 227 43.66 -34.67 19.30
N LYS B 228 44.40 -33.95 18.44
CA LYS B 228 44.12 -33.83 17.00
C LYS B 228 44.67 -34.90 16.04
N VAL B 229 44.27 -34.80 14.74
CA VAL B 229 44.64 -35.66 13.62
C VAL B 229 44.86 -34.76 12.37
N ASN B 230 46.10 -34.73 11.82
CA ASN B 230 46.52 -33.99 10.60
C ASN B 230 47.97 -34.26 10.17
N ALA B 231 48.38 -33.70 9.00
CA ALA B 231 49.73 -33.84 8.43
C ALA B 231 50.74 -33.01 9.18
N MET B 235 53.96 -30.29 7.98
CA MET B 235 53.14 -29.22 8.52
C MET B 235 53.24 -29.05 10.04
N LYS B 236 52.80 -27.89 10.57
CA LYS B 236 52.83 -27.53 11.98
C LYS B 236 51.42 -27.40 12.60
N LEU B 237 51.33 -26.84 13.84
CA LEU B 237 50.07 -26.66 14.57
C LEU B 237 49.99 -25.29 15.23
N VAL B 238 48.87 -24.58 15.01
CA VAL B 238 48.61 -23.25 15.58
C VAL B 238 47.18 -23.20 16.15
N VAL B 239 47.04 -22.73 17.41
CA VAL B 239 45.74 -22.56 18.07
C VAL B 239 45.48 -21.05 18.17
N GLN B 240 44.46 -20.56 17.45
CA GLN B 240 44.09 -19.15 17.45
C GLN B 240 42.99 -18.89 18.46
N ALA B 241 43.21 -17.92 19.35
CA ALA B 241 42.26 -17.52 20.38
C ALA B 241 41.78 -16.11 20.10
N GLY B 242 40.50 -15.86 20.37
CA GLY B 242 39.89 -14.55 20.13
C GLY B 242 38.67 -14.32 21.01
N LEU B 243 38.50 -13.07 21.46
CA LEU B 243 37.38 -12.68 22.31
C LEU B 243 36.30 -11.98 21.48
N PHE B 244 35.04 -12.41 21.66
CA PHE B 244 33.90 -11.88 20.92
C PHE B 244 32.68 -11.59 21.79
N HIS B 245 31.93 -10.56 21.38
CA HIS B 245 30.63 -10.18 21.94
C HIS B 245 29.72 -10.15 20.72
N GLY B 246 29.45 -11.34 20.19
CA GLY B 246 28.67 -11.54 18.98
C GLY B 246 29.57 -11.79 17.79
N ASN B 247 29.44 -10.94 16.76
CA ASN B 247 30.22 -11.04 15.52
C ASN B 247 31.49 -10.16 15.53
N GLU B 248 31.57 -9.19 16.45
CA GLU B 248 32.70 -8.27 16.54
C GLU B 248 33.72 -8.63 17.62
N MET B 249 35.01 -8.45 17.30
CA MET B 249 36.15 -8.73 18.18
C MET B 249 36.23 -7.72 19.34
N LEU B 250 36.31 -8.24 20.59
CA LEU B 250 36.43 -7.41 21.79
C LEU B 250 37.86 -6.90 21.97
N CYS B 251 38.85 -7.65 21.46
CA CYS B 251 40.28 -7.34 21.49
C CYS B 251 41.01 -8.04 20.32
N LYS B 252 42.36 -8.01 20.30
CA LYS B 252 43.15 -8.64 19.24
C LYS B 252 43.14 -10.17 19.33
N THR B 253 43.23 -10.84 18.16
CA THR B 253 43.25 -12.30 18.06
C THR B 253 44.66 -12.84 18.28
N VAL B 254 44.91 -13.38 19.48
CA VAL B 254 46.22 -13.92 19.84
C VAL B 254 46.50 -15.28 19.21
N SER B 255 47.63 -15.39 18.52
CA SER B 255 48.05 -16.60 17.82
C SER B 255 49.19 -17.29 18.57
N SER B 256 49.00 -18.56 18.95
CA SER B 256 49.98 -19.37 19.67
C SER B 256 51.17 -19.73 18.77
N SER B 257 52.31 -20.10 19.38
CA SER B 257 53.54 -20.49 18.68
C SER B 257 53.35 -21.77 17.86
N GLU B 258 54.11 -21.89 16.74
CA GLU B 258 54.07 -23.04 15.84
C GLU B 258 54.73 -24.25 16.51
N VAL B 259 53.92 -25.29 16.78
CA VAL B 259 54.33 -26.55 17.42
C VAL B 259 54.12 -27.69 16.42
N ASN B 260 55.06 -28.66 16.37
CA ASN B 260 54.98 -29.80 15.44
C ASN B 260 53.79 -30.73 15.67
N VAL B 261 53.30 -31.35 14.57
CA VAL B 261 52.15 -32.25 14.55
C VAL B 261 52.35 -33.49 15.43
N CYS B 262 51.46 -33.63 16.41
CA CYS B 262 51.42 -34.74 17.37
C CYS B 262 49.97 -35.02 17.75
N SER B 263 49.65 -36.29 18.08
CA SER B 263 48.30 -36.68 18.50
C SER B 263 47.93 -35.97 19.80
N GLU B 264 48.88 -35.81 20.73
CA GLU B 264 48.70 -35.11 22.01
C GLU B 264 49.68 -33.90 22.06
N PRO B 265 49.38 -32.76 21.37
CA PRO B 265 50.32 -31.64 21.39
C PRO B 265 50.29 -30.84 22.68
N VAL B 266 51.48 -30.53 23.23
CA VAL B 266 51.66 -29.77 24.47
C VAL B 266 52.13 -28.35 24.14
N TRP B 267 51.44 -27.34 24.72
CA TRP B 267 51.79 -25.93 24.53
C TRP B 267 52.27 -25.30 25.84
N LYS B 268 51.47 -25.43 26.93
CA LYS B 268 51.72 -24.86 28.27
C LYS B 268 52.01 -23.33 28.26
N GLN B 269 51.71 -22.69 27.11
CA GLN B 269 51.91 -21.27 26.81
C GLN B 269 50.73 -20.43 27.30
N ARG B 270 51.03 -19.32 28.00
CA ARG B 270 50.03 -18.39 28.51
C ARG B 270 49.64 -17.43 27.39
N LEU B 271 48.32 -17.25 27.17
CA LEU B 271 47.78 -16.37 26.14
C LEU B 271 47.10 -15.13 26.75
N GLU B 272 47.83 -14.00 26.75
CA GLU B 272 47.37 -12.71 27.29
C GLU B 272 46.63 -11.91 26.21
N PHE B 273 45.47 -11.34 26.58
CA PHE B 273 44.58 -10.60 25.70
C PHE B 273 44.59 -9.08 25.94
N ASP B 274 44.22 -8.30 24.90
CA ASP B 274 44.16 -6.84 24.89
C ASP B 274 42.82 -6.32 25.53
N ILE B 275 42.44 -6.92 26.67
CA ILE B 275 41.21 -6.59 27.40
C ILE B 275 41.35 -6.86 28.91
N SER B 276 40.74 -6.00 29.75
CA SER B 276 40.74 -6.11 31.21
C SER B 276 39.61 -7.05 31.67
N VAL B 277 39.78 -7.68 32.87
CA VAL B 277 38.81 -8.60 33.48
C VAL B 277 37.53 -7.85 33.86
N CYS B 278 37.66 -6.64 34.45
CA CYS B 278 36.56 -5.76 34.85
C CYS B 278 35.78 -5.25 33.62
N ASP B 279 36.49 -5.12 32.48
CA ASP B 279 35.98 -4.65 31.20
C ASP B 279 35.12 -5.71 30.48
N LEU B 280 35.38 -7.02 30.74
CA LEU B 280 34.69 -8.15 30.11
C LEU B 280 33.14 -8.11 30.22
N PRO B 281 32.42 -8.13 29.08
CA PRO B 281 30.94 -8.12 29.15
C PRO B 281 30.36 -9.47 29.56
N ARG B 282 29.08 -9.48 29.96
CA ARG B 282 28.34 -10.67 30.39
C ARG B 282 28.25 -11.77 29.32
N MET B 283 28.09 -11.37 28.05
CA MET B 283 27.96 -12.30 26.93
C MET B 283 29.25 -12.47 26.10
N ALA B 284 30.42 -12.39 26.77
CA ALA B 284 31.72 -12.55 26.14
C ALA B 284 32.01 -14.02 25.85
N ARG B 285 32.50 -14.30 24.63
CA ARG B 285 32.82 -15.64 24.15
C ARG B 285 34.31 -15.79 23.85
N LEU B 286 34.89 -16.91 24.30
CA LEU B 286 36.29 -17.24 24.01
C LEU B 286 36.25 -18.30 22.92
N CYS B 287 36.61 -17.90 21.69
CA CYS B 287 36.57 -18.75 20.50
C CYS B 287 37.94 -19.25 20.08
N PHE B 288 38.04 -20.56 19.79
CA PHE B 288 39.28 -21.22 19.38
C PHE B 288 39.21 -21.77 17.96
N ALA B 289 40.39 -21.88 17.30
CA ALA B 289 40.54 -22.43 15.95
C ALA B 289 41.87 -23.18 15.82
N LEU B 290 41.78 -24.49 15.57
CA LEU B 290 42.93 -25.38 15.40
C LEU B 290 43.19 -25.54 13.90
N TYR B 291 44.38 -25.12 13.43
CA TYR B 291 44.77 -25.19 12.02
C TYR B 291 46.25 -25.52 11.81
N ALA B 292 46.62 -25.83 10.55
CA ALA B 292 47.99 -26.19 10.16
C ALA B 292 48.51 -25.27 9.06
N ASP B 311 47.53 -23.01 4.17
CA ASP B 311 46.45 -22.86 5.15
C ASP B 311 45.49 -24.04 5.09
N CYS B 312 45.18 -24.65 6.27
CA CYS B 312 44.27 -25.79 6.39
C CYS B 312 43.60 -25.84 7.78
N PRO B 313 42.29 -25.50 7.88
CA PRO B 313 41.62 -25.56 9.20
C PRO B 313 41.22 -26.98 9.60
N ILE B 314 41.36 -27.32 10.90
CA ILE B 314 41.04 -28.66 11.41
C ILE B 314 39.76 -28.65 12.26
N ALA B 315 39.75 -27.88 13.37
CA ALA B 315 38.61 -27.83 14.29
C ALA B 315 38.43 -26.47 14.97
N TRP B 316 37.26 -26.26 15.64
CA TRP B 316 36.90 -25.05 16.37
C TRP B 316 36.15 -25.39 17.68
N ALA B 317 36.21 -24.50 18.68
CA ALA B 317 35.54 -24.64 19.98
C ALA B 317 35.34 -23.28 20.65
N ASN B 318 34.12 -23.02 21.13
CA ASN B 318 33.77 -21.76 21.80
C ASN B 318 33.29 -22.02 23.21
N LEU B 319 33.46 -21.04 24.11
CA LEU B 319 33.01 -21.13 25.50
C LEU B 319 32.67 -19.77 26.11
N MET B 320 31.70 -19.77 27.04
CA MET B 320 31.29 -18.56 27.76
C MET B 320 32.26 -18.34 28.92
N LEU B 321 32.69 -17.09 29.15
CA LEU B 321 33.62 -16.76 30.22
C LEU B 321 32.95 -16.78 31.60
N PHE B 322 31.63 -16.60 31.62
CA PHE B 322 30.78 -16.64 32.82
C PHE B 322 29.86 -17.85 32.71
N ASP B 323 29.50 -18.46 33.85
CA ASP B 323 28.62 -19.63 33.85
C ASP B 323 27.13 -19.22 33.82
N TYR B 324 26.22 -20.20 33.95
CA TYR B 324 24.77 -19.96 33.95
C TYR B 324 24.29 -19.27 35.24
N LYS B 325 25.10 -19.36 36.32
CA LYS B 325 24.84 -18.76 37.63
C LYS B 325 25.47 -17.36 37.77
N ASP B 326 25.99 -16.80 36.63
CA ASP B 326 26.63 -15.48 36.47
C ASP B 326 28.08 -15.36 36.99
N GLN B 327 28.58 -16.42 37.68
CA GLN B 327 29.95 -16.48 38.22
C GLN B 327 30.97 -16.66 37.08
N LEU B 328 32.15 -16.02 37.22
CA LEU B 328 33.25 -16.13 36.26
C LEU B 328 33.86 -17.54 36.41
N LYS B 329 34.03 -18.25 35.29
CA LYS B 329 34.53 -19.62 35.23
C LYS B 329 36.00 -19.80 35.66
N THR B 330 36.24 -20.78 36.57
CA THR B 330 37.54 -21.20 37.10
C THR B 330 37.49 -22.71 37.45
N GLY B 331 38.48 -23.51 37.05
CA GLY B 331 39.67 -23.10 36.29
C GLY B 331 39.95 -23.96 35.09
N GLU B 332 40.15 -25.29 35.31
CA GLU B 332 40.44 -26.24 34.24
C GLU B 332 39.18 -26.65 33.48
N ARG B 333 39.26 -26.66 32.13
CA ARG B 333 38.17 -27.04 31.23
C ARG B 333 38.67 -27.75 29.98
N CYS B 334 38.10 -28.93 29.70
CA CYS B 334 38.44 -29.72 28.51
C CYS B 334 37.43 -29.37 27.42
N LEU B 335 37.92 -28.74 26.34
CA LEU B 335 37.07 -28.29 25.24
C LEU B 335 37.01 -29.30 24.10
N TYR B 336 35.89 -30.03 23.98
CA TYR B 336 35.68 -30.99 22.89
C TYR B 336 35.27 -30.20 21.66
N MET B 337 36.16 -30.19 20.66
CA MET B 337 36.04 -29.42 19.43
C MET B 337 35.12 -30.00 18.35
N TRP B 338 34.61 -29.10 17.47
CA TRP B 338 33.76 -29.41 16.33
C TRP B 338 34.61 -29.22 15.05
N PRO B 339 34.46 -30.08 14.01
CA PRO B 339 35.28 -29.88 12.79
C PRO B 339 34.98 -28.60 12.02
N SER B 340 36.00 -28.05 11.34
CA SER B 340 35.90 -26.83 10.54
C SER B 340 35.66 -27.15 9.06
N LEU B 348 38.40 -18.59 9.49
CA LEU B 348 38.62 -19.84 10.22
C LEU B 348 37.95 -19.83 11.60
N LEU B 349 38.13 -18.72 12.36
CA LEU B 349 37.56 -18.52 13.69
C LEU B 349 36.04 -18.37 13.58
N ASN B 350 35.30 -19.22 14.31
CA ASN B 350 33.83 -19.26 14.27
C ASN B 350 33.14 -18.77 15.57
N PRO B 351 32.78 -17.47 15.67
CA PRO B 351 32.12 -17.00 16.89
C PRO B 351 30.63 -17.33 17.01
N ALA B 352 29.95 -17.54 15.87
CA ALA B 352 28.52 -17.86 15.79
C ALA B 352 28.16 -19.25 16.34
N GLY B 353 29.11 -20.18 16.29
CA GLY B 353 28.97 -21.56 16.74
C GLY B 353 28.61 -21.75 18.20
N THR B 354 28.08 -22.96 18.52
CA THR B 354 27.65 -23.39 19.86
C THR B 354 28.77 -23.35 20.91
N VAL B 355 28.42 -22.95 22.15
CA VAL B 355 29.34 -22.85 23.29
C VAL B 355 29.50 -24.18 24.05
N ARG B 356 28.75 -25.22 23.63
CA ARG B 356 28.80 -26.56 24.22
C ARG B 356 29.65 -27.50 23.35
N GLY B 357 30.43 -28.35 24.03
CA GLY B 357 31.34 -29.30 23.41
C GLY B 357 30.70 -30.41 22.61
N ASN B 358 31.48 -31.00 21.69
CA ASN B 358 31.08 -32.11 20.83
C ASN B 358 30.73 -33.34 21.69
N PRO B 359 29.49 -33.88 21.62
CA PRO B 359 29.13 -35.05 22.45
C PRO B 359 29.86 -36.35 22.10
N ASN B 360 30.41 -36.45 20.87
CA ASN B 360 31.18 -37.61 20.41
C ASN B 360 32.61 -37.47 20.93
N THR B 361 32.81 -37.79 22.22
CA THR B 361 34.07 -37.71 22.95
C THR B 361 35.12 -38.74 22.47
N GLU B 362 34.67 -39.82 21.81
CA GLU B 362 35.51 -40.90 21.30
C GLU B 362 36.40 -40.47 20.10
N SER B 363 35.86 -39.64 19.18
CA SER B 363 36.59 -39.20 17.98
C SER B 363 37.01 -37.73 17.94
N ALA B 364 36.30 -36.85 18.67
CA ALA B 364 36.56 -35.40 18.69
C ALA B 364 37.89 -35.02 19.32
N ALA B 365 38.58 -34.04 18.71
CA ALA B 365 39.83 -33.48 19.20
C ALA B 365 39.50 -32.55 20.36
N ALA B 366 40.29 -32.61 21.45
CA ALA B 366 40.04 -31.80 22.63
C ALA B 366 41.05 -30.65 22.80
N LEU B 367 40.79 -29.75 23.77
CA LEU B 367 41.64 -28.62 24.12
C LEU B 367 41.53 -28.32 25.61
N VAL B 368 42.56 -28.72 26.37
CA VAL B 368 42.61 -28.50 27.82
C VAL B 368 43.19 -27.11 28.07
N ILE B 369 42.43 -26.25 28.75
CA ILE B 369 42.83 -24.88 29.09
C ILE B 369 42.58 -24.58 30.58
N TYR B 370 43.39 -23.68 31.16
CA TYR B 370 43.23 -23.29 32.55
C TYR B 370 42.89 -21.81 32.67
N LEU B 371 41.77 -21.52 33.35
CA LEU B 371 41.30 -20.16 33.59
C LEU B 371 41.83 -19.72 34.96
N PRO B 372 42.77 -18.74 35.01
CA PRO B 372 43.35 -18.34 36.30
C PRO B 372 42.36 -17.77 37.30
N GLU B 373 42.51 -18.17 38.57
CA GLU B 373 41.67 -17.71 39.69
C GLU B 373 42.07 -16.30 40.12
N VAL B 374 41.31 -15.31 39.64
CA VAL B 374 41.50 -13.87 39.89
C VAL B 374 41.27 -13.46 41.36
N ALA B 375 40.49 -14.28 42.12
CA ALA B 375 40.18 -14.05 43.52
C ALA B 375 40.04 -15.39 44.26
N PRO B 378 34.93 -16.18 45.00
CA PRO B 378 34.14 -16.29 43.76
C PRO B 378 33.69 -14.93 43.24
N VAL B 379 33.90 -14.68 41.93
CA VAL B 379 33.53 -13.42 41.26
C VAL B 379 32.32 -13.55 40.32
N TYR B 380 31.18 -12.99 40.75
CA TYR B 380 29.91 -12.98 40.02
C TYR B 380 29.76 -11.66 39.25
N PHE B 381 29.07 -11.70 38.09
CA PHE B 381 28.82 -10.50 37.28
C PHE B 381 27.84 -9.57 38.03
N PRO B 382 28.12 -8.24 38.10
CA PRO B 382 27.23 -7.33 38.85
C PRO B 382 25.75 -7.40 38.50
N ALA B 383 24.90 -7.51 39.54
CA ALA B 383 23.44 -7.61 39.44
C ALA B 383 22.77 -6.35 38.85
N LEU B 384 21.50 -6.48 38.42
CA LEU B 384 20.65 -5.44 37.82
C LEU B 384 20.82 -4.06 38.49
N GLU B 385 20.49 -3.96 39.80
CA GLU B 385 20.58 -2.75 40.61
C GLU B 385 21.97 -2.11 40.66
N LYS B 386 23.03 -2.96 40.70
CA LYS B 386 24.43 -2.51 40.72
C LYS B 386 24.86 -1.87 39.39
N ILE B 387 24.31 -2.36 38.26
CA ILE B 387 24.59 -1.85 36.92
C ILE B 387 23.94 -0.46 36.74
N LEU B 388 22.68 -0.30 37.22
CA LEU B 388 21.88 0.93 37.14
C LEU B 388 22.58 2.16 37.74
N GLU B 389 23.34 1.98 38.85
CA GLU B 389 24.10 3.06 39.51
C GLU B 389 25.24 3.54 38.63
N LEU B 390 26.05 2.61 38.09
CA LEU B 390 27.20 2.92 37.23
C LEU B 390 26.72 3.28 35.82
N GLU B 421 33.73 6.78 10.63
CA GLU B 421 34.28 6.64 11.98
C GLU B 421 33.80 7.76 12.91
N HIS B 422 33.79 9.02 12.43
CA HIS B 422 33.35 10.19 13.20
C HIS B 422 31.84 10.17 13.47
N GLU B 423 31.08 9.42 12.65
CA GLU B 423 29.63 9.25 12.76
C GLU B 423 29.28 8.47 14.02
N LYS B 424 30.03 7.37 14.30
CA LYS B 424 29.86 6.50 15.47
C LYS B 424 29.97 7.26 16.79
N ASP B 425 30.96 8.17 16.88
CA ASP B 425 31.23 9.01 18.05
C ASP B 425 30.10 10.02 18.29
N LEU B 426 29.52 10.54 17.18
CA LEU B 426 28.42 11.51 17.20
C LEU B 426 27.13 10.86 17.68
N VAL B 427 26.85 9.61 17.25
CA VAL B 427 25.67 8.84 17.64
C VAL B 427 25.75 8.47 19.13
N TRP B 428 26.95 8.11 19.62
CA TRP B 428 27.20 7.79 21.04
C TRP B 428 27.05 9.03 21.93
N LYS B 429 27.41 10.21 21.40
CA LYS B 429 27.30 11.50 22.08
C LYS B 429 25.81 11.85 22.27
N MET B 430 24.98 11.57 21.25
CA MET B 430 23.54 11.84 21.22
C MET B 430 22.71 10.62 21.66
N ARG B 431 23.23 9.79 22.59
CA ARG B 431 22.56 8.59 23.12
C ARG B 431 21.26 8.86 23.87
N HIS B 432 21.16 10.03 24.54
CA HIS B 432 19.97 10.45 25.28
C HIS B 432 18.89 10.97 24.34
N GLU B 433 19.31 11.66 23.25
CA GLU B 433 18.42 12.20 22.23
C GLU B 433 17.83 11.07 21.37
N VAL B 434 18.60 9.97 21.19
CA VAL B 434 18.17 8.77 20.47
C VAL B 434 17.17 8.01 21.38
N GLN B 435 17.42 7.97 22.70
CA GLN B 435 16.55 7.33 23.69
C GLN B 435 15.17 8.00 23.76
N GLU B 436 15.14 9.35 23.61
CA GLU B 436 13.93 10.16 23.69
C GLU B 436 13.20 10.41 22.36
N HIS B 437 13.93 10.87 21.33
CA HIS B 437 13.36 11.22 20.02
C HIS B 437 13.38 10.15 18.93
N PHE B 438 14.33 9.20 18.98
CA PHE B 438 14.43 8.14 17.96
C PHE B 438 14.53 6.73 18.60
N PRO B 439 13.47 6.22 19.30
CA PRO B 439 13.59 4.89 19.96
C PRO B 439 13.83 3.69 19.03
N GLU B 440 13.37 3.77 17.78
CA GLU B 440 13.53 2.71 16.77
C GLU B 440 14.97 2.53 16.30
N ALA B 441 15.84 3.54 16.53
CA ALA B 441 17.25 3.54 16.15
C ALA B 441 18.16 2.85 17.19
N LEU B 442 17.57 2.06 18.13
CA LEU B 442 18.27 1.30 19.17
C LEU B 442 19.34 0.36 18.60
N ALA B 443 19.01 -0.36 17.51
CA ALA B 443 19.90 -1.29 16.81
C ALA B 443 21.19 -0.61 16.35
N ARG B 444 21.08 0.62 15.82
CA ARG B 444 22.22 1.42 15.36
C ARG B 444 23.03 1.94 16.56
N LEU B 445 22.32 2.25 17.69
CA LEU B 445 22.93 2.73 18.93
C LEU B 445 23.70 1.61 19.64
N LEU B 446 23.24 0.35 19.50
CA LEU B 446 23.90 -0.82 20.08
C LEU B 446 25.14 -1.22 19.28
N LEU B 447 25.17 -0.90 17.97
CA LEU B 447 26.28 -1.19 17.08
C LEU B 447 27.44 -0.19 17.24
N VAL B 448 27.13 1.02 17.78
CA VAL B 448 28.13 2.07 18.00
C VAL B 448 28.80 2.00 19.37
N THR B 449 28.08 1.48 20.40
CA THR B 449 28.58 1.37 21.77
C THR B 449 29.76 0.41 21.93
N LYS B 450 30.76 0.81 22.73
CA LYS B 450 31.96 0.03 23.00
C LYS B 450 31.61 -1.10 23.97
N TRP B 451 31.50 -2.34 23.46
CA TRP B 451 31.16 -3.51 24.27
C TRP B 451 32.32 -4.01 25.13
N ASN B 452 33.56 -3.60 24.80
CA ASN B 452 34.76 -3.92 25.55
C ASN B 452 34.92 -2.99 26.76
N LYS B 453 34.58 -1.69 26.59
CA LYS B 453 34.64 -0.69 27.66
C LYS B 453 33.41 -0.86 28.56
N HIS B 454 33.62 -1.28 29.83
CA HIS B 454 32.55 -1.53 30.80
C HIS B 454 31.71 -0.30 31.18
N GLU B 455 32.30 0.91 31.11
CA GLU B 455 31.62 2.17 31.42
C GLU B 455 30.53 2.49 30.39
N ASP B 456 30.82 2.23 29.10
CA ASP B 456 29.90 2.42 27.97
C ASP B 456 28.74 1.42 28.00
N VAL B 457 29.00 0.17 28.45
CA VAL B 457 28.02 -0.92 28.55
C VAL B 457 26.95 -0.60 29.62
N ALA B 458 27.40 -0.16 30.82
CA ALA B 458 26.53 0.21 31.94
C ALA B 458 25.71 1.48 31.62
N GLN B 459 26.27 2.37 30.78
CA GLN B 459 25.65 3.61 30.31
C GLN B 459 24.51 3.25 29.35
N MET B 460 24.78 2.30 28.43
CA MET B 460 23.85 1.77 27.43
C MET B 460 22.69 1.03 28.11
N LEU B 461 23.00 0.22 29.13
CA LEU B 461 22.03 -0.58 29.88
C LEU B 461 20.98 0.25 30.61
N TYR B 462 21.36 1.43 31.17
CA TYR B 462 20.45 2.33 31.87
C TYR B 462 19.44 2.97 30.91
N LEU B 463 19.88 3.25 29.66
CA LEU B 463 19.04 3.81 28.59
C LEU B 463 18.05 2.74 28.13
N LEU B 464 18.52 1.46 28.04
CA LEU B 464 17.74 0.30 27.63
C LEU B 464 16.72 -0.12 28.70
N CYS B 465 17.06 0.07 30.00
CA CYS B 465 16.19 -0.26 31.14
C CYS B 465 14.97 0.67 31.22
N SER B 466 15.08 1.87 30.64
CA SER B 466 14.01 2.89 30.60
C SER B 466 13.44 3.08 29.18
N TRP B 467 14.01 2.37 28.18
CA TRP B 467 13.62 2.42 26.76
C TRP B 467 12.16 1.96 26.58
N PRO B 468 11.31 2.73 25.84
CA PRO B 468 9.92 2.30 25.64
C PRO B 468 9.79 1.15 24.64
N GLU B 469 8.63 0.47 24.64
CA GLU B 469 8.31 -0.67 23.77
C GLU B 469 8.53 -0.35 22.29
N LEU B 470 9.19 -1.25 21.58
CA LEU B 470 9.50 -1.09 20.15
C LEU B 470 8.62 -1.96 19.25
N PRO B 471 8.37 -1.56 17.98
CA PRO B 471 7.52 -2.41 17.10
C PRO B 471 8.15 -3.76 16.77
N VAL B 472 7.30 -4.72 16.35
CA VAL B 472 7.64 -6.10 15.97
C VAL B 472 8.85 -6.19 15.02
N LEU B 473 8.87 -5.35 13.96
CA LEU B 473 9.95 -5.28 12.96
C LEU B 473 11.31 -4.97 13.61
N SER B 474 11.35 -3.99 14.52
CA SER B 474 12.54 -3.57 15.25
C SER B 474 13.01 -4.64 16.23
N ALA B 475 12.04 -5.32 16.90
CA ALA B 475 12.30 -6.37 17.89
C ALA B 475 12.87 -7.65 17.25
N LEU B 476 12.44 -7.99 16.02
CA LEU B 476 12.92 -9.15 15.27
C LEU B 476 14.36 -8.97 14.80
N GLU B 477 14.74 -7.70 14.55
CA GLU B 477 16.09 -7.29 14.13
C GLU B 477 17.07 -7.47 15.32
N LEU B 478 16.60 -7.22 16.56
CA LEU B 478 17.38 -7.32 17.79
C LEU B 478 17.72 -8.76 18.21
N LEU B 479 17.01 -9.77 17.66
CA LEU B 479 17.24 -11.19 17.97
C LEU B 479 18.41 -11.80 17.18
N ASP B 480 19.02 -11.01 16.28
CA ASP B 480 20.16 -11.40 15.46
C ASP B 480 21.42 -11.54 16.33
N PHE B 481 22.42 -12.31 15.86
CA PHE B 481 23.67 -12.56 16.56
C PHE B 481 24.54 -11.30 16.77
N SER B 482 24.29 -10.22 15.98
CA SER B 482 24.97 -8.93 16.09
C SER B 482 24.63 -8.21 17.41
N PHE B 483 23.51 -8.61 18.06
CA PHE B 483 23.03 -8.08 19.34
C PHE B 483 22.93 -9.27 20.32
N PRO B 484 24.08 -9.67 20.94
CA PRO B 484 24.05 -10.87 21.80
C PRO B 484 23.76 -10.67 23.29
N ASP B 485 23.85 -9.43 23.81
CA ASP B 485 23.63 -9.10 25.22
C ASP B 485 22.29 -9.63 25.75
N CYS B 486 22.33 -10.26 26.95
CA CYS B 486 21.19 -10.87 27.64
C CYS B 486 20.05 -9.89 27.92
N TYR B 487 20.38 -8.66 28.34
CA TYR B 487 19.38 -7.63 28.63
C TYR B 487 18.76 -7.06 27.36
N VAL B 488 19.50 -7.09 26.22
CA VAL B 488 19.04 -6.66 24.89
C VAL B 488 18.02 -7.71 24.40
N GLY B 489 18.33 -8.98 24.66
CA GLY B 489 17.48 -10.11 24.32
C GLY B 489 16.20 -10.13 25.12
N SER B 490 16.29 -9.77 26.43
CA SER B 490 15.14 -9.70 27.35
C SER B 490 14.19 -8.57 26.94
N PHE B 491 14.75 -7.44 26.47
CA PHE B 491 13.98 -6.27 26.00
C PHE B 491 13.28 -6.61 24.68
N ALA B 492 13.96 -7.35 23.79
CA ALA B 492 13.45 -7.79 22.49
C ALA B 492 12.27 -8.75 22.65
N ILE B 493 12.32 -9.64 23.67
CA ILE B 493 11.27 -10.61 23.99
C ILE B 493 10.02 -9.91 24.56
N LYS B 494 10.21 -8.90 25.44
CA LYS B 494 9.13 -8.12 26.04
C LYS B 494 8.37 -7.34 24.96
N SER B 495 9.09 -6.86 23.93
CA SER B 495 8.52 -6.14 22.78
C SER B 495 7.75 -7.08 21.83
N LEU B 496 7.98 -8.41 21.96
CA LEU B 496 7.31 -9.45 21.17
C LEU B 496 6.16 -10.12 21.92
N ARG B 497 5.81 -9.60 23.12
CA ARG B 497 4.70 -10.10 23.92
C ARG B 497 3.36 -9.71 23.27
N LYS B 498 3.37 -8.59 22.49
CA LYS B 498 2.21 -8.05 21.76
C LYS B 498 1.89 -8.80 20.45
N LEU B 499 2.63 -9.88 20.15
CA LEU B 499 2.40 -10.72 18.97
C LEU B 499 1.12 -11.53 19.17
N THR B 500 0.32 -11.66 18.10
CA THR B 500 -0.90 -12.47 18.14
C THR B 500 -0.48 -13.91 17.82
N ASP B 501 -1.37 -14.90 18.11
CA ASP B 501 -1.10 -16.31 17.83
C ASP B 501 -0.79 -16.55 16.35
N ASP B 502 -1.41 -15.77 15.45
CA ASP B 502 -1.22 -15.84 14.00
C ASP B 502 0.08 -15.18 13.56
N GLU B 503 0.46 -14.06 14.22
CA GLU B 503 1.72 -13.33 13.98
C GLU B 503 2.90 -14.18 14.43
N LEU B 504 2.80 -14.79 15.64
CA LEU B 504 3.79 -15.67 16.26
C LEU B 504 4.05 -16.90 15.37
N PHE B 505 2.98 -17.48 14.80
CA PHE B 505 3.00 -18.63 13.91
C PHE B 505 3.82 -18.38 12.64
N GLN B 506 3.74 -17.15 12.09
CA GLN B 506 4.45 -16.72 10.88
C GLN B 506 5.97 -16.62 11.13
N TYR B 507 6.38 -16.16 12.32
CA TYR B 507 7.79 -15.98 12.67
C TYR B 507 8.39 -17.12 13.50
N LEU B 508 7.56 -18.13 13.89
CA LEU B 508 7.97 -19.29 14.69
C LEU B 508 9.21 -20.01 14.15
N LEU B 509 9.29 -20.20 12.82
CA LEU B 509 10.44 -20.81 12.14
C LEU B 509 11.74 -20.05 12.44
N GLN B 510 11.68 -18.71 12.43
CA GLN B 510 12.83 -17.84 12.75
C GLN B 510 13.15 -17.87 14.23
N LEU B 511 12.11 -17.95 15.10
CA LEU B 511 12.26 -18.00 16.56
C LEU B 511 12.96 -19.27 17.05
N VAL B 512 12.73 -20.40 16.34
CA VAL B 512 13.36 -21.69 16.63
C VAL B 512 14.84 -21.62 16.17
N GLN B 513 15.12 -20.85 15.10
CA GLN B 513 16.47 -20.65 14.59
C GLN B 513 17.34 -19.80 15.53
N VAL B 514 16.72 -18.82 16.23
CA VAL B 514 17.38 -17.92 17.20
C VAL B 514 17.89 -18.74 18.42
N LEU B 515 17.24 -19.89 18.73
CA LEU B 515 17.64 -20.80 19.82
C LEU B 515 19.07 -21.34 19.62
N LYS B 516 19.53 -21.44 18.36
CA LYS B 516 20.87 -21.90 17.99
C LYS B 516 21.95 -20.89 18.39
N TYR B 517 21.58 -19.57 18.43
CA TYR B 517 22.46 -18.47 18.81
C TYR B 517 22.56 -18.34 20.33
N GLU B 518 21.55 -18.85 21.07
CA GLU B 518 21.47 -18.79 22.54
C GLU B 518 22.66 -19.48 23.21
N SER B 519 23.21 -18.84 24.25
CA SER B 519 24.36 -19.31 25.01
C SER B 519 23.99 -20.24 26.16
N TYR B 520 22.92 -19.92 26.90
CA TYR B 520 22.46 -20.70 28.05
C TYR B 520 21.11 -21.34 27.78
N LEU B 521 20.89 -22.53 28.38
CA LEU B 521 19.66 -23.30 28.24
C LEU B 521 18.43 -22.54 28.75
N ASP B 522 18.53 -21.96 29.97
CA ASP B 522 17.46 -21.17 30.56
C ASP B 522 17.56 -19.71 30.09
N CYS B 523 16.87 -19.40 28.98
CA CYS B 523 16.83 -18.07 28.38
C CYS B 523 15.40 -17.57 28.22
N GLU B 524 15.23 -16.25 27.97
CA GLU B 524 13.93 -15.58 27.83
C GLU B 524 13.13 -16.02 26.61
N LEU B 525 13.81 -16.42 25.52
CA LEU B 525 13.17 -16.89 24.30
C LEU B 525 12.49 -18.25 24.55
N THR B 526 13.17 -19.16 25.29
CA THR B 526 12.67 -20.47 25.66
C THR B 526 11.40 -20.35 26.52
N LYS B 527 11.41 -19.42 27.51
CA LYS B 527 10.27 -19.14 28.40
C LYS B 527 9.08 -18.63 27.58
N PHE B 528 9.35 -17.74 26.61
CA PHE B 528 8.35 -17.15 25.72
C PHE B 528 7.72 -18.22 24.81
N LEU B 529 8.57 -19.00 24.09
CA LEU B 529 8.12 -20.06 23.19
C LEU B 529 7.28 -21.13 23.90
N LEU B 530 7.74 -21.57 25.09
CA LEU B 530 7.05 -22.58 25.92
C LEU B 530 5.69 -22.07 26.40
N GLY B 531 5.68 -20.85 26.96
CA GLY B 531 4.49 -20.18 27.48
C GLY B 531 3.41 -19.98 26.43
N ARG B 532 3.84 -19.56 25.22
CA ARG B 532 2.94 -19.35 24.08
C ARG B 532 2.43 -20.67 23.49
N ALA B 533 3.26 -21.74 23.53
CA ALA B 533 2.90 -23.07 23.04
C ALA B 533 1.89 -23.75 23.98
N LEU B 534 1.98 -23.46 25.29
CA LEU B 534 1.07 -23.99 26.30
C LEU B 534 -0.30 -23.30 26.23
N ALA B 535 -0.33 -22.04 25.74
CA ALA B 535 -1.55 -21.25 25.59
C ALA B 535 -2.31 -21.57 24.30
N ASN B 536 -1.59 -22.02 23.25
CA ASN B 536 -2.16 -22.37 21.95
C ASN B 536 -1.64 -23.72 21.44
N ARG B 537 -2.51 -24.76 21.46
CA ARG B 537 -2.20 -26.14 21.01
C ARG B 537 -1.65 -26.22 19.58
N LYS B 538 -2.07 -25.31 18.67
CA LYS B 538 -1.59 -25.26 17.29
C LYS B 538 -0.14 -24.79 17.27
N ILE B 539 0.20 -23.78 18.11
CA ILE B 539 1.55 -23.24 18.28
C ILE B 539 2.44 -24.33 18.90
N GLY B 540 1.87 -25.05 19.87
CA GLY B 540 2.52 -26.16 20.56
C GLY B 540 2.87 -27.30 19.63
N HIS B 541 1.98 -27.58 18.66
CA HIS B 541 2.11 -28.61 17.61
C HIS B 541 3.31 -28.30 16.72
N PHE B 542 3.37 -27.07 16.18
CA PHE B 542 4.44 -26.65 15.27
C PHE B 542 5.78 -26.39 15.95
N LEU B 543 5.78 -26.06 17.26
CA LEU B 543 7.03 -25.86 18.01
C LEU B 543 7.71 -27.21 18.18
N PHE B 544 6.93 -28.26 18.53
CA PHE B 544 7.44 -29.61 18.70
C PHE B 544 8.14 -30.13 17.44
N TRP B 545 7.47 -30.02 16.28
CA TRP B 545 8.02 -30.50 15.00
C TRP B 545 9.25 -29.76 14.50
N HIS B 546 9.36 -28.45 14.82
CA HIS B 546 10.54 -27.65 14.45
C HIS B 546 11.77 -28.03 15.28
N LEU B 547 11.56 -28.55 16.52
CA LEU B 547 12.64 -28.98 17.41
C LEU B 547 13.02 -30.45 17.15
N ARG B 548 12.00 -31.32 17.02
CA ARG B 548 12.13 -32.76 16.76
C ARG B 548 12.84 -33.05 15.43
N SER B 549 12.53 -32.27 14.38
CA SER B 549 13.14 -32.42 13.05
C SER B 549 14.65 -32.12 13.04
N GLU B 550 15.19 -31.55 14.14
CA GLU B 550 16.61 -31.21 14.28
C GLU B 550 17.33 -32.01 15.39
N MET B 551 16.67 -33.06 15.92
CA MET B 551 17.24 -33.93 16.96
C MET B 551 18.47 -34.73 16.50
N HIS B 552 18.59 -34.94 15.18
CA HIS B 552 19.72 -35.65 14.57
C HIS B 552 21.00 -34.80 14.58
N VAL B 553 20.84 -33.46 14.64
CA VAL B 553 21.93 -32.48 14.68
C VAL B 553 22.53 -32.48 16.11
N PRO B 554 23.82 -32.84 16.28
CA PRO B 554 24.39 -32.92 17.65
C PRO B 554 24.47 -31.62 18.44
N SER B 555 24.70 -30.48 17.75
CA SER B 555 24.81 -29.16 18.37
C SER B 555 23.57 -28.68 19.13
N VAL B 556 22.36 -29.06 18.67
CA VAL B 556 21.10 -28.66 19.30
C VAL B 556 20.29 -29.78 19.96
N ALA B 557 20.70 -31.05 19.76
CA ALA B 557 20.05 -32.24 20.31
C ALA B 557 19.72 -32.16 21.81
N LEU B 558 20.63 -31.60 22.63
CA LEU B 558 20.43 -31.45 24.07
C LEU B 558 19.39 -30.35 24.37
N ARG B 559 19.60 -29.13 23.84
CA ARG B 559 18.70 -27.98 24.03
C ARG B 559 17.27 -28.31 23.56
N PHE B 560 17.14 -28.78 22.30
CA PHE B 560 15.84 -29.10 21.70
C PHE B 560 15.09 -30.23 22.42
N GLY B 561 15.83 -31.23 22.89
CA GLY B 561 15.28 -32.38 23.63
C GLY B 561 14.72 -31.98 24.99
N LEU B 562 15.37 -31.01 25.66
CA LEU B 562 14.97 -30.50 26.98
C LEU B 562 13.70 -29.63 26.91
N ILE B 563 13.58 -28.78 25.85
CA ILE B 563 12.41 -27.91 25.61
C ILE B 563 11.17 -28.79 25.34
N MET B 564 11.32 -29.83 24.49
CA MET B 564 10.26 -30.78 24.15
C MET B 564 9.81 -31.56 25.39
N GLU B 565 10.77 -31.98 26.24
CA GLU B 565 10.51 -32.69 27.51
C GLU B 565 9.68 -31.78 28.43
N ALA B 566 10.07 -30.49 28.53
CA ALA B 566 9.38 -29.48 29.34
C ALA B 566 7.94 -29.28 28.83
N TYR B 567 7.76 -29.14 27.49
CA TYR B 567 6.44 -29.00 26.85
C TYR B 567 5.53 -30.20 27.16
N CYS B 568 6.10 -31.42 27.13
CA CYS B 568 5.39 -32.66 27.40
C CYS B 568 4.88 -32.72 28.83
N ARG B 569 5.66 -32.18 29.80
CA ARG B 569 5.30 -32.09 31.23
C ARG B 569 4.09 -31.16 31.37
N GLY B 570 4.01 -30.18 30.46
CA GLY B 570 2.92 -29.20 30.38
C GLY B 570 1.69 -29.72 29.68
N SER B 571 1.85 -30.62 28.69
CA SER B 571 0.71 -31.19 27.98
C SER B 571 0.85 -32.71 27.78
N THR B 572 0.29 -33.48 28.74
CA THR B 572 0.29 -34.94 28.75
C THR B 572 -0.60 -35.52 27.64
N HIS B 573 -1.78 -34.91 27.41
CA HIS B 573 -2.70 -35.36 26.36
C HIS B 573 -2.15 -35.11 24.95
N HIS B 574 -1.63 -33.89 24.70
CA HIS B 574 -1.06 -33.51 23.40
C HIS B 574 0.18 -34.34 23.05
N MET B 575 0.92 -34.83 24.09
CA MET B 575 2.09 -35.70 23.98
C MET B 575 1.63 -37.02 23.33
N LYS B 576 0.49 -37.58 23.78
CA LYS B 576 -0.13 -38.80 23.27
C LYS B 576 -0.59 -38.61 21.82
N VAL B 577 -1.14 -37.41 21.50
CA VAL B 577 -1.62 -37.02 20.16
C VAL B 577 -0.43 -37.03 19.19
N LEU B 578 0.70 -36.44 19.61
CA LEU B 578 1.94 -36.38 18.82
C LEU B 578 2.59 -37.76 18.65
N MET B 579 2.43 -38.66 19.65
CA MET B 579 2.96 -40.04 19.62
C MET B 579 2.33 -40.83 18.49
N LYS B 580 1.01 -40.64 18.28
CA LYS B 580 0.22 -41.24 17.20
C LYS B 580 0.76 -40.79 15.84
N GLN B 581 1.12 -39.50 15.71
CA GLN B 581 1.70 -38.90 14.50
C GLN B 581 3.10 -39.47 14.23
N GLY B 582 3.83 -39.74 15.31
CA GLY B 582 5.17 -40.34 15.25
C GLY B 582 5.13 -41.79 14.78
N GLU B 583 4.04 -42.52 15.14
CA GLU B 583 3.79 -43.90 14.75
C GLU B 583 3.62 -43.99 13.23
N ALA B 584 2.87 -43.02 12.65
CA ALA B 584 2.59 -42.92 11.23
C ALA B 584 3.83 -42.60 10.42
N LEU B 585 4.67 -41.67 10.91
CA LEU B 585 5.92 -41.25 10.26
C LEU B 585 6.99 -42.32 10.32
N SER B 586 6.93 -43.20 11.34
CA SER B 586 7.83 -44.32 11.53
C SER B 586 7.46 -45.41 10.52
N LYS B 587 6.15 -45.69 10.37
CA LYS B 587 5.62 -46.68 9.42
C LYS B 587 5.80 -46.22 7.98
N LEU B 588 5.70 -44.91 7.73
CA LEU B 588 5.90 -44.31 6.41
C LEU B 588 7.35 -44.46 5.97
N LYS B 589 8.30 -44.30 6.93
CA LYS B 589 9.74 -44.47 6.74
C LYS B 589 10.03 -45.94 6.37
N ALA B 590 9.36 -46.90 7.08
CA ALA B 590 9.47 -48.34 6.85
C ALA B 590 8.85 -48.75 5.51
N LEU B 591 7.79 -48.05 5.10
CA LEU B 591 7.10 -48.28 3.83
C LEU B 591 7.96 -47.74 2.68
N ASN B 592 8.56 -46.53 2.87
CA ASN B 592 9.41 -45.88 1.87
C ASN B 592 10.67 -46.69 1.60
N ASP B 593 11.26 -47.29 2.66
CA ASP B 593 12.45 -48.14 2.58
C ASP B 593 12.16 -49.36 1.69
N PHE B 594 11.00 -50.01 1.92
CA PHE B 594 10.54 -51.15 1.14
C PHE B 594 10.33 -50.76 -0.33
N VAL B 595 9.71 -49.58 -0.57
CA VAL B 595 9.43 -49.05 -1.91
C VAL B 595 10.74 -48.78 -2.68
N LYS B 596 11.76 -48.24 -2.00
CA LYS B 596 13.08 -47.93 -2.57
C LYS B 596 13.79 -49.20 -3.08
N VAL B 597 13.77 -50.28 -2.26
CA VAL B 597 14.39 -51.57 -2.58
C VAL B 597 13.64 -52.28 -3.72
N SER B 598 12.30 -52.39 -3.60
CA SER B 598 11.43 -53.04 -4.58
C SER B 598 11.43 -52.38 -5.98
N SER B 599 11.65 -51.04 -6.05
CA SER B 599 11.69 -50.29 -7.32
C SER B 599 12.90 -50.59 -8.20
N GLN B 600 13.99 -51.09 -7.59
CA GLN B 600 15.25 -51.45 -8.25
C GLN B 600 15.21 -52.90 -8.79
N LYS B 601 14.38 -53.75 -8.19
CA LYS B 601 14.25 -55.17 -8.55
C LYS B 601 13.12 -55.47 -9.54
N THR B 602 12.02 -54.69 -9.51
CA THR B 602 10.86 -54.87 -10.39
C THR B 602 10.34 -53.57 -11.01
N THR B 603 9.30 -53.68 -11.88
CA THR B 603 8.66 -52.56 -12.58
C THR B 603 7.81 -51.68 -11.66
N LYS B 604 7.45 -50.46 -12.12
CA LYS B 604 6.62 -49.49 -11.40
C LYS B 604 5.21 -50.03 -11.01
N PRO B 605 4.42 -50.67 -11.91
CA PRO B 605 3.10 -51.19 -11.49
C PRO B 605 3.20 -52.36 -10.52
N GLN B 606 4.32 -53.11 -10.56
CA GLN B 606 4.56 -54.26 -9.67
C GLN B 606 4.98 -53.79 -8.27
N THR B 607 5.72 -52.66 -8.18
CA THR B 607 6.16 -52.05 -6.92
C THR B 607 4.96 -51.42 -6.21
N LYS B 608 4.04 -50.81 -6.98
CA LYS B 608 2.82 -50.16 -6.51
C LYS B 608 1.88 -51.16 -5.82
N GLU B 609 1.64 -52.33 -6.46
CA GLU B 609 0.79 -53.40 -5.93
C GLU B 609 1.39 -53.98 -4.64
N MET B 610 2.73 -54.09 -4.57
CA MET B 610 3.44 -54.56 -3.38
C MET B 610 3.36 -53.50 -2.28
N MET B 611 3.47 -52.20 -2.62
CA MET B 611 3.36 -51.07 -1.69
C MET B 611 1.99 -51.12 -1.01
N HIS B 612 0.94 -51.43 -1.81
CA HIS B 612 -0.45 -51.58 -1.37
C HIS B 612 -0.62 -52.74 -0.38
N MET B 613 0.19 -53.81 -0.54
CA MET B 613 0.16 -54.98 0.35
C MET B 613 0.81 -54.66 1.69
N CYS B 614 1.93 -53.92 1.67
CA CYS B 614 2.66 -53.48 2.87
C CYS B 614 1.79 -52.56 3.73
N MET B 615 0.91 -51.77 3.09
CA MET B 615 -0.02 -50.84 3.75
C MET B 615 -1.21 -51.58 4.36
N ARG B 616 -1.70 -52.64 3.69
CA ARG B 616 -2.84 -53.44 4.16
C ARG B 616 -2.54 -54.30 5.41
N GLN B 617 -1.26 -54.31 5.86
CA GLN B 617 -0.79 -55.01 7.07
C GLN B 617 -1.44 -54.44 8.33
N GLU B 618 -1.51 -55.27 9.40
CA GLU B 618 -2.10 -54.95 10.71
C GLU B 618 -1.62 -53.62 11.33
N THR B 619 -0.33 -53.54 11.75
CA THR B 619 0.24 -52.34 12.37
C THR B 619 0.25 -51.13 11.45
N TYR B 620 0.38 -51.35 10.13
CA TYR B 620 0.39 -50.31 9.11
C TYR B 620 -0.95 -49.61 8.98
N MET B 621 -2.05 -50.38 8.87
CA MET B 621 -3.41 -49.83 8.78
C MET B 621 -3.80 -49.07 10.05
N GLU B 622 -3.34 -49.52 11.23
CA GLU B 622 -3.62 -48.88 12.50
C GLU B 622 -2.84 -47.57 12.64
N ALA B 623 -1.51 -47.60 12.43
CA ALA B 623 -0.64 -46.42 12.56
C ALA B 623 -0.89 -45.34 11.51
N LEU B 624 -1.16 -45.74 10.25
CA LEU B 624 -1.42 -44.79 9.16
C LEU B 624 -2.82 -44.17 9.19
N SER B 625 -3.71 -44.67 10.09
CA SER B 625 -5.09 -44.18 10.16
C SER B 625 -5.46 -43.54 11.49
N HIS B 626 -6.52 -42.69 11.46
CA HIS B 626 -7.13 -41.99 12.61
C HIS B 626 -6.16 -41.12 13.40
N LEU B 627 -5.61 -40.10 12.73
CA LEU B 627 -4.64 -39.19 13.34
C LEU B 627 -4.82 -37.74 12.90
N GLN B 628 -4.24 -36.80 13.65
CA GLN B 628 -4.23 -35.38 13.30
C GLN B 628 -3.15 -35.22 12.23
N SER B 629 -3.37 -34.34 11.25
CA SER B 629 -2.35 -34.12 10.23
C SER B 629 -1.19 -33.28 10.79
N PRO B 630 0.07 -33.75 10.73
CA PRO B 630 1.19 -32.92 11.23
C PRO B 630 1.36 -31.59 10.47
N LEU B 631 0.83 -31.50 9.23
CA LEU B 631 0.89 -30.30 8.39
C LEU B 631 -0.16 -29.27 8.77
N ASP B 632 -1.28 -29.74 9.32
CA ASP B 632 -2.41 -28.92 9.77
C ASP B 632 -3.20 -29.71 10.80
N PRO B 633 -3.00 -29.45 12.11
CA PRO B 633 -3.73 -30.22 13.15
C PRO B 633 -5.26 -30.17 13.10
N SER B 634 -5.85 -29.18 12.37
CA SER B 634 -7.30 -29.04 12.17
C SER B 634 -7.84 -30.14 11.25
N THR B 635 -6.98 -30.63 10.34
CA THR B 635 -7.28 -31.70 9.39
C THR B 635 -7.01 -33.05 10.03
N LEU B 636 -8.01 -33.95 9.99
CA LEU B 636 -7.91 -35.30 10.53
C LEU B 636 -7.73 -36.30 9.39
N LEU B 637 -6.74 -37.19 9.54
CA LEU B 637 -6.46 -38.22 8.55
C LEU B 637 -7.16 -39.48 9.06
N GLU B 638 -8.37 -39.75 8.55
CA GLU B 638 -9.16 -40.90 9.01
C GLU B 638 -8.81 -42.21 8.33
N GLU B 639 -9.44 -42.53 7.18
CA GLU B 639 -9.21 -43.79 6.47
C GLU B 639 -8.25 -43.58 5.29
N VAL B 640 -7.19 -44.39 5.23
CA VAL B 640 -6.21 -44.35 4.15
C VAL B 640 -6.76 -45.06 2.90
N CYS B 641 -6.72 -44.37 1.75
CA CYS B 641 -7.19 -44.90 0.46
C CYS B 641 -6.01 -45.58 -0.21
N VAL B 642 -5.73 -46.82 0.20
CA VAL B 642 -4.62 -47.65 -0.28
C VAL B 642 -4.53 -47.70 -1.81
N GLU B 643 -5.68 -47.91 -2.50
CA GLU B 643 -5.81 -47.95 -3.96
C GLU B 643 -5.35 -46.66 -4.65
N GLN B 644 -5.51 -45.52 -3.97
CA GLN B 644 -5.15 -44.19 -4.45
C GLN B 644 -3.69 -43.83 -4.11
N CYS B 645 -3.02 -44.63 -3.25
CA CYS B 645 -1.64 -44.41 -2.83
C CYS B 645 -0.63 -44.88 -3.88
N THR B 646 0.41 -44.07 -4.12
CA THR B 646 1.47 -44.35 -5.09
C THR B 646 2.82 -43.75 -4.66
N PHE B 647 3.82 -43.79 -5.56
CA PHE B 647 5.17 -43.27 -5.35
C PHE B 647 5.72 -42.64 -6.64
N MET B 648 6.80 -41.86 -6.53
CA MET B 648 7.46 -41.24 -7.67
C MET B 648 8.69 -42.09 -8.03
N ASP B 649 8.72 -42.63 -9.27
CA ASP B 649 9.82 -43.48 -9.74
C ASP B 649 11.04 -42.66 -10.17
N SER B 650 11.54 -41.81 -9.24
CA SER B 650 12.70 -40.96 -9.49
C SER B 650 13.49 -40.63 -8.22
N LYS B 651 14.79 -40.89 -8.25
CA LYS B 651 15.80 -40.62 -7.21
C LYS B 651 15.49 -41.13 -5.79
N MET B 652 14.78 -40.33 -4.97
CA MET B 652 14.47 -40.67 -3.57
C MET B 652 13.16 -41.40 -3.32
N LYS B 653 12.40 -41.68 -4.39
CA LYS B 653 11.11 -42.40 -4.37
C LYS B 653 10.10 -41.88 -3.31
N PRO B 654 9.66 -40.59 -3.35
CA PRO B 654 8.70 -40.11 -2.33
C PRO B 654 7.32 -40.76 -2.47
N LEU B 655 6.57 -40.85 -1.35
CA LEU B 655 5.24 -41.49 -1.31
C LEU B 655 4.08 -40.52 -1.32
N TRP B 656 3.05 -40.83 -2.11
CA TRP B 656 1.79 -40.08 -2.25
C TRP B 656 0.75 -40.84 -1.45
N ILE B 657 0.30 -40.29 -0.31
CA ILE B 657 -0.66 -40.95 0.57
C ILE B 657 -2.00 -40.23 0.57
N MET B 658 -3.07 -40.96 0.17
CA MET B 658 -4.42 -40.44 0.09
C MET B 658 -5.30 -40.88 1.25
N TYR B 659 -6.18 -39.97 1.72
CA TYR B 659 -7.10 -40.19 2.81
C TYR B 659 -8.52 -39.84 2.44
N SER B 660 -9.49 -40.43 3.18
CA SER B 660 -10.92 -40.18 3.06
C SER B 660 -11.53 -40.29 4.45
N SER B 661 -12.69 -39.65 4.65
CA SER B 661 -13.41 -39.68 5.92
C SER B 661 -14.91 -39.76 5.69
N GLU B 662 -15.57 -40.69 6.41
CA GLU B 662 -17.02 -40.91 6.33
C GLU B 662 -17.73 -39.72 7.01
N GLU B 663 -17.23 -39.34 8.21
CA GLU B 663 -17.74 -38.25 9.05
C GLU B 663 -17.59 -36.87 8.41
N ALA B 664 -16.42 -36.60 7.79
CA ALA B 664 -16.13 -35.30 7.14
C ALA B 664 -16.71 -35.15 5.74
N GLY B 665 -16.78 -36.25 4.99
CA GLY B 665 -17.29 -36.26 3.62
C GLY B 665 -16.23 -35.90 2.61
N SER B 666 -16.53 -34.95 1.71
CA SER B 666 -15.58 -34.50 0.68
C SER B 666 -14.43 -33.67 1.24
N ALA B 667 -14.64 -32.99 2.39
CA ALA B 667 -13.63 -32.18 3.10
C ALA B 667 -12.53 -33.09 3.65
N GLY B 668 -12.91 -34.34 3.96
CA GLY B 668 -12.04 -35.39 4.49
C GLY B 668 -11.16 -36.05 3.46
N ASN B 669 -11.26 -35.65 2.17
CA ASN B 669 -10.42 -36.16 1.09
C ASN B 669 -9.15 -35.33 1.08
N VAL B 670 -8.06 -35.90 1.65
CA VAL B 670 -6.78 -35.21 1.79
C VAL B 670 -5.59 -36.06 1.39
N GLY B 671 -4.61 -35.41 0.74
CA GLY B 671 -3.38 -36.06 0.30
C GLY B 671 -2.14 -35.47 0.95
N ILE B 672 -1.13 -36.33 1.18
CA ILE B 672 0.15 -35.96 1.76
C ILE B 672 1.31 -36.61 1.01
N ILE B 673 2.41 -35.86 0.79
CA ILE B 673 3.61 -36.39 0.17
C ILE B 673 4.64 -36.63 1.26
N PHE B 674 5.13 -37.87 1.38
CA PHE B 674 6.15 -38.24 2.34
C PHE B 674 7.49 -38.36 1.61
N LYS B 675 8.47 -37.58 2.06
CA LYS B 675 9.82 -37.56 1.49
C LYS B 675 10.84 -38.00 2.53
N ASN B 676 11.83 -38.79 2.09
CA ASN B 676 12.92 -39.32 2.90
C ASN B 676 14.16 -39.41 1.99
N GLY B 677 15.15 -38.59 2.29
CA GLY B 677 16.38 -38.48 1.51
C GLY B 677 16.61 -37.05 1.06
N ASP B 678 15.61 -36.46 0.38
CA ASP B 678 15.63 -35.07 -0.07
C ASP B 678 15.28 -34.17 1.12
N ASP B 679 16.06 -33.09 1.34
CA ASP B 679 15.83 -32.15 2.43
C ASP B 679 14.72 -31.14 2.10
N LEU B 680 13.88 -30.81 3.10
CA LEU B 680 12.74 -29.91 2.93
C LEU B 680 12.81 -28.57 3.68
N ARG B 681 13.99 -28.24 4.26
CA ARG B 681 14.19 -26.97 4.98
C ARG B 681 14.08 -25.76 4.06
N GLN B 682 14.76 -25.79 2.89
CA GLN B 682 14.75 -24.70 1.90
C GLN B 682 13.37 -24.52 1.26
N ASP B 683 12.63 -25.64 1.07
CA ASP B 683 11.28 -25.64 0.51
C ASP B 683 10.31 -24.97 1.47
N MET B 684 10.41 -25.30 2.78
CA MET B 684 9.59 -24.75 3.86
C MET B 684 9.77 -23.24 3.97
N LEU B 685 11.04 -22.77 3.94
CA LEU B 685 11.39 -21.35 4.02
C LEU B 685 10.78 -20.55 2.87
N THR B 686 10.98 -21.02 1.61
CA THR B 686 10.47 -20.37 0.41
C THR B 686 8.94 -20.24 0.46
N LEU B 687 8.25 -21.30 0.93
CA LEU B 687 6.79 -21.32 1.06
C LEU B 687 6.28 -20.39 2.16
N GLN B 688 7.05 -20.24 3.25
CA GLN B 688 6.70 -19.34 4.35
C GLN B 688 6.86 -17.88 3.92
N MET B 689 7.84 -17.60 3.03
CA MET B 689 8.10 -16.27 2.47
C MET B 689 6.99 -15.88 1.50
N ILE B 690 6.52 -16.86 0.68
CA ILE B 690 5.41 -16.69 -0.27
C ILE B 690 4.12 -16.44 0.52
N GLN B 691 3.96 -17.12 1.68
CA GLN B 691 2.84 -16.95 2.61
C GLN B 691 2.86 -15.53 3.20
N LEU B 692 4.06 -15.05 3.60
CA LEU B 692 4.28 -13.71 4.15
C LEU B 692 3.92 -12.64 3.11
N MET B 693 4.38 -12.85 1.85
CA MET B 693 4.09 -11.98 0.71
C MET B 693 2.57 -11.84 0.56
N ASP B 694 1.85 -12.97 0.59
CA ASP B 694 0.38 -13.06 0.49
C ASP B 694 -0.29 -12.29 1.64
N VAL B 695 0.20 -12.47 2.89
CA VAL B 695 -0.28 -11.81 4.10
C VAL B 695 -0.08 -10.28 3.99
N LEU B 696 1.13 -9.84 3.59
CA LEU B 696 1.49 -8.42 3.41
C LEU B 696 0.67 -7.74 2.33
N TRP B 697 0.39 -8.46 1.22
CA TRP B 697 -0.41 -7.94 0.11
C TRP B 697 -1.87 -7.75 0.56
N LYS B 698 -2.40 -8.73 1.32
CA LYS B 698 -3.76 -8.73 1.88
C LYS B 698 -3.96 -7.60 2.89
N GLN B 699 -2.88 -7.20 3.60
CA GLN B 699 -2.88 -6.11 4.58
C GLN B 699 -3.06 -4.73 3.90
N GLU B 700 -2.79 -4.67 2.59
CA GLU B 700 -2.97 -3.48 1.76
C GLU B 700 -4.19 -3.64 0.85
N GLY B 701 -5.01 -4.66 1.14
CA GLY B 701 -6.25 -4.99 0.45
C GLY B 701 -6.12 -5.78 -0.83
N LEU B 702 -4.91 -6.31 -1.12
CA LEU B 702 -4.63 -7.05 -2.35
C LEU B 702 -4.59 -8.58 -2.18
N ASP B 703 -5.56 -9.26 -2.79
CA ASP B 703 -5.61 -10.72 -2.78
C ASP B 703 -5.12 -11.23 -4.14
N LEU B 704 -3.90 -11.76 -4.17
CA LEU B 704 -3.32 -12.28 -5.41
C LEU B 704 -3.56 -13.77 -5.63
N ARG B 705 -4.49 -14.37 -4.86
CA ARG B 705 -4.94 -15.77 -4.96
C ARG B 705 -3.78 -16.80 -4.95
N MET B 706 -2.83 -16.62 -4.02
CA MET B 706 -1.65 -17.47 -3.85
C MET B 706 -1.99 -18.86 -3.28
N THR B 707 -1.06 -19.82 -3.44
CA THR B 707 -1.23 -21.19 -2.94
C THR B 707 -0.01 -21.59 -2.07
N PRO B 708 0.14 -21.06 -0.84
CA PRO B 708 1.28 -21.44 -0.01
C PRO B 708 0.97 -22.73 0.76
N TYR B 709 1.04 -23.87 0.07
CA TYR B 709 0.78 -25.20 0.62
C TYR B 709 1.77 -25.56 1.73
N GLY B 710 1.32 -26.40 2.65
CA GLY B 710 2.12 -26.84 3.80
C GLY B 710 3.30 -27.74 3.47
N CYS B 711 4.44 -27.46 4.10
CA CYS B 711 5.68 -28.22 4.02
C CYS B 711 6.26 -28.29 5.41
N LEU B 712 6.53 -29.51 5.90
CA LEU B 712 7.03 -29.70 7.24
C LEU B 712 8.10 -30.80 7.39
N PRO B 713 9.39 -30.43 7.59
CA PRO B 713 10.40 -31.45 7.89
C PRO B 713 10.07 -32.08 9.26
N THR B 714 10.20 -33.42 9.36
CA THR B 714 9.87 -34.16 10.57
C THR B 714 11.08 -34.84 11.23
N GLY B 715 12.17 -34.99 10.46
CA GLY B 715 13.41 -35.62 10.90
C GLY B 715 14.57 -35.42 9.95
N ASP B 716 15.60 -36.28 10.05
CA ASP B 716 16.81 -36.25 9.23
C ASP B 716 16.48 -36.54 7.76
N ARG B 717 16.47 -35.47 6.93
CA ARG B 717 16.15 -35.48 5.49
C ARG B 717 14.74 -36.06 5.23
N THR B 718 13.87 -35.98 6.25
CA THR B 718 12.51 -36.50 6.23
C THR B 718 11.49 -35.39 6.52
N GLY B 719 10.33 -35.48 5.90
CA GLY B 719 9.25 -34.52 6.07
C GLY B 719 7.99 -34.81 5.27
N LEU B 720 7.02 -33.90 5.40
CA LEU B 720 5.73 -34.00 4.72
C LEU B 720 5.40 -32.76 3.90
N ILE B 721 4.68 -32.96 2.79
CA ILE B 721 4.19 -31.91 1.88
C ILE B 721 2.68 -32.06 1.74
N GLU B 722 1.95 -30.94 1.79
CA GLU B 722 0.51 -30.91 1.65
C GLU B 722 0.17 -31.00 0.15
N VAL B 723 -0.71 -31.94 -0.21
CA VAL B 723 -1.13 -32.09 -1.60
C VAL B 723 -2.29 -31.14 -1.86
N VAL B 724 -2.15 -30.30 -2.88
CA VAL B 724 -3.22 -29.39 -3.29
C VAL B 724 -3.99 -30.20 -4.34
N LEU B 725 -5.13 -30.76 -3.94
CA LEU B 725 -5.95 -31.57 -4.84
C LEU B 725 -6.63 -30.72 -5.89
N HIS B 726 -7.02 -31.34 -7.02
CA HIS B 726 -7.65 -30.70 -8.19
C HIS B 726 -6.70 -29.67 -8.83
N SER B 727 -5.42 -30.05 -8.94
CA SER B 727 -4.35 -29.27 -9.53
C SER B 727 -3.42 -30.22 -10.29
N ASP B 728 -2.79 -29.73 -11.36
CA ASP B 728 -1.88 -30.52 -12.19
C ASP B 728 -0.76 -29.64 -12.75
N THR B 729 0.38 -30.25 -13.09
CA THR B 729 1.55 -29.56 -13.65
C THR B 729 1.27 -29.12 -15.10
N ILE B 730 2.06 -28.15 -15.61
CA ILE B 730 1.97 -27.65 -16.99
C ILE B 730 2.31 -28.82 -17.95
N ALA B 731 3.32 -29.62 -17.58
CA ALA B 731 3.80 -30.78 -18.33
C ALA B 731 2.70 -31.83 -18.51
N ASN B 732 1.97 -32.19 -17.42
CA ASN B 732 0.88 -33.18 -17.46
C ASN B 732 -0.29 -32.71 -18.33
N ILE B 733 -0.57 -31.39 -18.34
CA ILE B 733 -1.62 -30.79 -19.15
C ILE B 733 -1.21 -30.83 -20.63
N GLN B 734 0.06 -30.54 -20.92
CA GLN B 734 0.65 -30.58 -22.27
C GLN B 734 0.66 -32.00 -22.84
N LEU B 735 0.84 -33.02 -21.97
CA LEU B 735 0.86 -34.43 -22.34
C LEU B 735 -0.54 -34.94 -22.70
N THR B 743 -8.82 -30.21 -27.18
CA THR B 743 -7.40 -30.52 -27.19
C THR B 743 -6.63 -29.43 -27.94
N ALA B 744 -5.59 -28.88 -27.29
CA ALA B 744 -4.76 -27.79 -27.83
C ALA B 744 -3.84 -28.20 -28.98
N ALA B 745 -3.97 -27.48 -30.11
CA ALA B 745 -3.17 -27.65 -31.32
C ALA B 745 -1.75 -27.14 -31.08
N PHE B 746 -1.62 -26.07 -30.27
CA PHE B 746 -0.36 -25.43 -29.91
C PHE B 746 -0.27 -25.30 -28.39
N ASN B 747 0.96 -25.42 -27.83
CA ASN B 747 1.23 -25.34 -26.39
C ASN B 747 0.82 -24.02 -25.72
N LYS B 748 0.79 -22.92 -26.49
CA LYS B 748 0.36 -21.61 -26.00
C LYS B 748 -1.14 -21.60 -25.64
N ASP B 749 -1.94 -22.50 -26.27
CA ASP B 749 -3.38 -22.66 -26.05
C ASP B 749 -3.73 -23.69 -24.95
N ALA B 750 -2.75 -24.53 -24.54
CA ALA B 750 -2.92 -25.61 -23.57
C ALA B 750 -3.57 -25.23 -22.24
N LEU B 751 -3.13 -24.13 -21.60
CA LEU B 751 -3.65 -23.70 -20.31
C LEU B 751 -5.11 -23.24 -20.35
N LEU B 752 -5.47 -22.40 -21.34
CA LEU B 752 -6.83 -21.89 -21.53
C LEU B 752 -7.80 -23.03 -21.88
N ASN B 753 -7.38 -23.96 -22.77
CA ASN B 753 -8.17 -25.12 -23.19
C ASN B 753 -8.50 -26.01 -22.00
N TRP B 754 -7.51 -26.20 -21.08
CA TRP B 754 -7.65 -26.98 -19.86
C TRP B 754 -8.64 -26.29 -18.90
N LEU B 755 -8.51 -24.96 -18.74
CA LEU B 755 -9.40 -24.16 -17.89
C LEU B 755 -10.84 -24.10 -18.41
N LYS B 756 -11.01 -24.08 -19.75
CA LYS B 756 -12.32 -24.06 -20.43
C LYS B 756 -13.13 -25.31 -20.07
N SER B 757 -12.47 -26.50 -20.10
CA SER B 757 -13.08 -27.79 -19.78
C SER B 757 -13.44 -27.92 -18.29
N LYS B 758 -12.62 -27.35 -17.40
CA LYS B 758 -12.85 -27.40 -15.94
C LYS B 758 -13.88 -26.35 -15.49
N ASN B 759 -13.90 -25.18 -16.18
CA ASN B 759 -14.82 -24.08 -15.87
C ASN B 759 -15.71 -23.75 -17.11
N PRO B 760 -16.80 -24.54 -17.35
CA PRO B 760 -17.63 -24.25 -18.54
C PRO B 760 -18.63 -23.11 -18.31
N GLY B 761 -18.86 -22.32 -19.35
CA GLY B 761 -19.79 -21.21 -19.33
C GLY B 761 -19.28 -19.97 -18.62
N GLU B 762 -20.09 -19.41 -17.71
CA GLU B 762 -19.79 -18.21 -16.94
C GLU B 762 -18.67 -18.38 -15.89
N ALA B 763 -18.36 -19.64 -15.52
CA ALA B 763 -17.32 -19.98 -14.55
C ALA B 763 -15.91 -19.66 -15.05
N LEU B 764 -15.71 -19.64 -16.38
CA LEU B 764 -14.45 -19.38 -17.07
C LEU B 764 -13.86 -17.98 -16.78
N ASP B 765 -14.71 -16.95 -16.71
CA ASP B 765 -14.31 -15.56 -16.46
C ASP B 765 -13.61 -15.41 -15.10
N ARG B 766 -14.10 -16.13 -14.07
CA ARG B 766 -13.54 -16.15 -12.72
C ARG B 766 -12.18 -16.85 -12.74
N ALA B 767 -12.08 -18.00 -13.44
CA ALA B 767 -10.87 -18.80 -13.60
C ALA B 767 -9.73 -18.02 -14.26
N ILE B 768 -10.06 -17.19 -15.28
CA ILE B 768 -9.12 -16.33 -15.99
C ILE B 768 -8.59 -15.27 -15.01
N GLU B 769 -9.48 -14.69 -14.18
CA GLU B 769 -9.14 -13.71 -13.16
C GLU B 769 -8.26 -14.36 -12.08
N GLU B 770 -8.61 -15.61 -11.65
CA GLU B 770 -7.86 -16.41 -10.67
C GLU B 770 -6.42 -16.63 -11.16
N PHE B 771 -6.27 -16.96 -12.47
CA PHE B 771 -4.98 -17.18 -13.13
C PHE B 771 -4.16 -15.92 -13.18
N THR B 772 -4.76 -14.79 -13.63
CA THR B 772 -4.11 -13.48 -13.79
C THR B 772 -3.51 -12.97 -12.48
N LEU B 773 -4.31 -13.00 -11.39
CA LEU B 773 -3.88 -12.56 -10.06
C LEU B 773 -2.75 -13.43 -9.52
N SER B 774 -2.89 -14.78 -9.60
CA SER B 774 -1.89 -15.75 -9.14
C SER B 774 -0.61 -15.72 -9.99
N CYS B 775 -0.76 -15.54 -11.33
CA CYS B 775 0.36 -15.43 -12.27
C CYS B 775 1.20 -14.22 -11.91
N ALA B 776 0.53 -13.07 -11.63
CA ALA B 776 1.15 -11.82 -11.21
C ALA B 776 1.91 -11.98 -9.89
N GLY B 777 1.24 -12.59 -8.91
CA GLY B 777 1.80 -12.87 -7.60
C GLY B 777 3.05 -13.73 -7.65
N TYR B 778 2.99 -14.86 -8.37
CA TYR B 778 4.14 -15.76 -8.52
C TYR B 778 5.25 -15.22 -9.42
N CYS B 779 4.93 -14.33 -10.38
CA CYS B 779 5.95 -13.70 -11.24
C CYS B 779 6.87 -12.81 -10.40
N VAL B 780 6.26 -12.07 -9.44
CA VAL B 780 6.98 -11.19 -8.50
C VAL B 780 7.71 -12.04 -7.47
N ALA B 781 7.01 -13.03 -6.86
CA ALA B 781 7.54 -13.96 -5.86
C ALA B 781 8.79 -14.70 -6.34
N THR B 782 8.75 -15.25 -7.58
CA THR B 782 9.89 -15.99 -8.16
C THR B 782 11.06 -15.09 -8.52
N TYR B 783 10.78 -13.83 -8.89
CA TYR B 783 11.80 -12.84 -9.20
C TYR B 783 12.49 -12.33 -7.93
N VAL B 784 11.70 -11.93 -6.91
CA VAL B 784 12.18 -11.40 -5.63
C VAL B 784 13.00 -12.44 -4.86
N LEU B 785 12.43 -13.66 -4.67
CA LEU B 785 13.10 -14.75 -3.94
C LEU B 785 14.20 -15.45 -4.76
N GLY B 786 14.23 -15.21 -6.06
CA GLY B 786 15.22 -15.77 -6.98
C GLY B 786 15.06 -17.25 -7.24
N ILE B 787 13.81 -17.72 -7.36
CA ILE B 787 13.47 -19.12 -7.60
C ILE B 787 13.87 -19.54 -9.02
N GLY B 788 14.90 -20.39 -9.10
CA GLY B 788 15.45 -20.92 -10.34
C GLY B 788 15.04 -22.35 -10.60
N ASP B 789 15.65 -22.97 -11.64
CA ASP B 789 15.40 -24.35 -12.09
C ASP B 789 13.89 -24.55 -12.38
N ARG B 790 13.30 -23.61 -13.14
CA ARG B 790 11.88 -23.60 -13.48
C ARG B 790 11.55 -24.25 -14.81
N HIS B 791 10.71 -25.29 -14.78
CA HIS B 791 10.25 -26.07 -15.93
C HIS B 791 8.75 -26.34 -15.83
N SER B 792 8.15 -27.00 -16.84
CA SER B 792 6.73 -27.33 -16.89
C SER B 792 6.27 -28.33 -15.81
N ASP B 793 7.21 -29.11 -15.23
CA ASP B 793 6.93 -30.10 -14.18
C ASP B 793 6.91 -29.53 -12.75
N ASN B 794 7.46 -28.32 -12.55
CA ASN B 794 7.49 -27.66 -11.24
C ASN B 794 6.56 -26.42 -11.11
N ILE B 795 5.71 -26.18 -12.12
CA ILE B 795 4.70 -25.12 -12.14
C ILE B 795 3.35 -25.82 -12.26
N MET B 796 2.45 -25.54 -11.30
CA MET B 796 1.12 -26.16 -11.23
C MET B 796 -0.01 -25.16 -11.34
N ILE B 797 -1.21 -25.64 -11.69
CA ILE B 797 -2.41 -24.85 -11.84
C ILE B 797 -3.62 -25.60 -11.30
N ARG B 798 -4.42 -24.91 -10.46
CA ARG B 798 -5.64 -25.44 -9.86
C ARG B 798 -6.76 -25.46 -10.89
N GLU B 799 -7.77 -26.33 -10.72
CA GLU B 799 -8.93 -26.41 -11.61
C GLU B 799 -9.75 -25.13 -11.57
N SER B 800 -9.63 -24.36 -10.46
CA SER B 800 -10.32 -23.09 -10.23
C SER B 800 -9.63 -21.88 -10.91
N GLY B 801 -8.43 -22.10 -11.45
CA GLY B 801 -7.68 -21.06 -12.16
C GLY B 801 -6.30 -20.72 -11.61
N GLN B 802 -6.13 -20.81 -10.28
CA GLN B 802 -4.89 -20.46 -9.58
C GLN B 802 -3.61 -21.14 -10.07
N LEU B 803 -2.61 -20.32 -10.41
CA LEU B 803 -1.28 -20.76 -10.85
C LEU B 803 -0.36 -20.73 -9.63
N PHE B 804 0.45 -21.80 -9.43
CA PHE B 804 1.38 -21.91 -8.30
C PHE B 804 2.63 -22.73 -8.60
N HIS B 805 3.74 -22.42 -7.90
CA HIS B 805 5.03 -23.08 -8.05
C HIS B 805 5.26 -24.15 -6.99
N ILE B 806 5.98 -25.22 -7.37
CA ILE B 806 6.33 -26.35 -6.49
C ILE B 806 7.82 -26.69 -6.57
N ASP B 807 8.31 -27.48 -5.60
CA ASP B 807 9.69 -27.97 -5.49
C ASP B 807 10.75 -26.84 -5.55
N PHE B 808 10.97 -26.21 -4.39
CA PHE B 808 11.92 -25.10 -4.26
C PHE B 808 13.28 -25.59 -3.74
N GLY B 809 14.05 -26.17 -4.65
CA GLY B 809 15.38 -26.70 -4.37
C GLY B 809 16.50 -25.69 -4.51
N HIS B 810 16.26 -24.64 -5.33
CA HIS B 810 17.22 -23.56 -5.58
C HIS B 810 16.55 -22.20 -5.57
N PHE B 811 17.05 -21.28 -4.73
CA PHE B 811 16.56 -19.91 -4.58
C PHE B 811 17.71 -18.90 -4.46
N LEU B 812 17.39 -17.58 -4.47
CA LEU B 812 18.34 -16.46 -4.38
C LEU B 812 19.37 -16.46 -5.53
N GLY B 813 18.87 -16.61 -6.75
CA GLY B 813 19.68 -16.63 -7.96
C GLY B 813 19.89 -18.03 -8.52
N PRO B 827 14.88 -11.84 -13.53
CA PRO B 827 14.36 -12.84 -14.47
C PRO B 827 13.36 -13.81 -13.84
N PHE B 828 12.29 -14.12 -14.58
CA PHE B 828 11.20 -15.01 -14.16
C PHE B 828 10.49 -15.63 -15.38
N ILE B 829 9.69 -16.69 -15.16
CA ILE B 829 8.95 -17.38 -16.22
C ILE B 829 7.67 -16.63 -16.60
N LEU B 830 7.65 -16.06 -17.82
CA LEU B 830 6.53 -15.36 -18.41
C LEU B 830 6.37 -15.86 -19.85
N THR B 831 5.87 -17.09 -19.99
CA THR B 831 5.65 -17.74 -21.28
C THR B 831 4.35 -17.27 -21.92
N TYR B 832 4.24 -17.38 -23.26
CA TYR B 832 3.03 -17.00 -23.99
C TYR B 832 1.82 -17.87 -23.69
N ASP B 833 2.04 -18.99 -22.96
CA ASP B 833 1.03 -19.92 -22.47
C ASP B 833 0.21 -19.17 -21.40
N PHE B 834 0.89 -18.35 -20.57
CA PHE B 834 0.31 -17.53 -19.51
C PHE B 834 -0.41 -16.33 -20.11
N VAL B 835 0.27 -15.62 -21.04
CA VAL B 835 -0.21 -14.43 -21.78
C VAL B 835 -1.56 -14.71 -22.45
N HIS B 836 -1.70 -15.87 -23.11
CA HIS B 836 -2.90 -16.33 -23.81
C HIS B 836 -4.13 -16.41 -22.88
N VAL B 837 -3.93 -16.88 -21.63
CA VAL B 837 -4.99 -16.98 -20.62
C VAL B 837 -5.35 -15.58 -20.12
N ILE B 838 -4.31 -14.75 -19.82
CA ILE B 838 -4.42 -13.37 -19.34
C ILE B 838 -5.19 -12.51 -20.37
N GLN B 839 -4.81 -12.60 -21.66
CA GLN B 839 -5.43 -11.87 -22.77
C GLN B 839 -6.75 -12.48 -23.26
N GLN B 840 -7.33 -13.44 -22.48
CA GLN B 840 -8.60 -14.14 -22.73
C GLN B 840 -8.64 -15.04 -23.98
N GLY B 841 -7.50 -15.18 -24.67
CA GLY B 841 -7.39 -15.99 -25.87
C GLY B 841 -7.07 -15.17 -27.11
N LYS B 842 -7.26 -13.84 -27.02
CA LYS B 842 -7.00 -12.91 -28.12
C LYS B 842 -5.49 -12.73 -28.33
N THR B 843 -5.07 -12.63 -29.61
CA THR B 843 -3.67 -12.46 -30.05
C THR B 843 -3.01 -11.25 -29.38
N ASN B 844 -3.72 -10.11 -29.34
CA ASN B 844 -3.26 -8.87 -28.72
C ASN B 844 -4.41 -8.15 -28.00
N ASN B 845 -4.46 -8.30 -26.67
CA ASN B 845 -5.45 -7.67 -25.80
C ASN B 845 -4.68 -6.81 -24.80
N SER B 846 -4.44 -5.54 -25.18
CA SER B 846 -3.69 -4.55 -24.39
C SER B 846 -4.32 -4.27 -23.04
N GLU B 847 -5.66 -4.09 -23.00
CA GLU B 847 -6.43 -3.80 -21.78
C GLU B 847 -6.23 -4.84 -20.68
N LYS B 848 -6.29 -6.15 -21.03
CA LYS B 848 -6.12 -7.26 -20.09
C LYS B 848 -4.66 -7.47 -19.67
N PHE B 849 -3.71 -7.25 -20.60
CA PHE B 849 -2.27 -7.39 -20.34
C PHE B 849 -1.71 -6.26 -19.48
N GLU B 850 -2.15 -5.01 -19.73
CA GLU B 850 -1.70 -3.84 -18.95
C GLU B 850 -2.29 -3.88 -17.54
N ARG B 851 -3.46 -4.55 -17.38
CA ARG B 851 -4.15 -4.77 -16.10
C ARG B 851 -3.30 -5.74 -15.28
N PHE B 852 -2.74 -6.78 -15.95
CA PHE B 852 -1.84 -7.78 -15.36
C PHE B 852 -0.51 -7.14 -14.99
N ARG B 853 0.06 -6.32 -15.90
CA ARG B 853 1.32 -5.59 -15.71
C ARG B 853 1.18 -4.64 -14.51
N GLY B 854 0.01 -4.01 -14.38
CA GLY B 854 -0.34 -3.12 -13.28
C GLY B 854 -0.43 -3.84 -11.96
N TYR B 855 -0.97 -5.09 -11.97
CA TYR B 855 -1.07 -5.95 -10.79
C TYR B 855 0.31 -6.43 -10.35
N CYS B 856 1.22 -6.64 -11.33
CA CYS B 856 2.63 -7.04 -11.09
C CYS B 856 3.37 -5.88 -10.42
N GLU B 857 3.19 -4.65 -10.95
CA GLU B 857 3.78 -3.40 -10.47
C GLU B 857 3.33 -3.09 -9.04
N ARG B 858 2.02 -3.30 -8.75
CA ARG B 858 1.44 -3.10 -7.43
C ARG B 858 2.04 -4.09 -6.42
N ALA B 859 2.11 -5.38 -6.80
CA ALA B 859 2.67 -6.47 -5.98
C ALA B 859 4.12 -6.20 -5.59
N TYR B 860 4.94 -5.77 -6.57
CA TYR B 860 6.35 -5.46 -6.39
C TYR B 860 6.59 -4.27 -5.45
N THR B 861 5.78 -3.19 -5.60
CA THR B 861 5.87 -1.98 -4.77
C THR B 861 5.51 -2.20 -3.30
N ILE B 862 4.47 -3.03 -3.02
CA ILE B 862 4.03 -3.36 -1.66
C ILE B 862 5.13 -4.11 -0.89
N LEU B 863 5.86 -5.01 -1.57
CA LEU B 863 6.96 -5.78 -1.00
C LEU B 863 8.18 -4.92 -0.72
N ARG B 864 8.44 -3.91 -1.59
CA ARG B 864 9.55 -2.96 -1.48
C ARG B 864 9.54 -2.20 -0.16
N ARG B 865 8.33 -1.80 0.30
CA ARG B 865 8.11 -1.06 1.54
C ARG B 865 8.32 -1.97 2.77
N HIS B 866 8.23 -3.29 2.57
CA HIS B 866 8.43 -4.31 3.60
C HIS B 866 9.74 -5.08 3.38
N GLY B 867 10.62 -4.49 2.56
CA GLY B 867 11.93 -5.04 2.20
C GLY B 867 12.81 -5.39 3.38
N LEU B 868 12.79 -4.55 4.44
CA LEU B 868 13.54 -4.74 5.67
C LEU B 868 13.13 -6.01 6.40
N LEU B 869 11.80 -6.29 6.46
CA LEU B 869 11.24 -7.48 7.11
C LEU B 869 11.79 -8.76 6.46
N PHE B 870 11.81 -8.81 5.10
CA PHE B 870 12.35 -9.94 4.34
C PHE B 870 13.83 -10.13 4.63
N LEU B 871 14.60 -9.03 4.69
CA LEU B 871 16.04 -9.04 4.98
C LEU B 871 16.32 -9.50 6.42
N HIS B 872 15.51 -9.04 7.40
CA HIS B 872 15.64 -9.40 8.82
C HIS B 872 15.38 -10.89 9.05
N LEU B 873 14.30 -11.44 8.44
CA LEU B 873 13.93 -12.85 8.57
C LEU B 873 14.94 -13.77 7.89
N PHE B 874 15.51 -13.34 6.75
CA PHE B 874 16.54 -14.09 6.02
C PHE B 874 17.87 -14.06 6.78
N ALA B 875 18.12 -12.98 7.57
CA ALA B 875 19.30 -12.82 8.40
C ALA B 875 19.25 -13.76 9.61
N LEU B 876 18.03 -13.95 10.18
CA LEU B 876 17.80 -14.83 11.32
C LEU B 876 17.85 -16.30 10.89
N MET B 877 17.60 -16.57 9.59
CA MET B 877 17.61 -17.91 9.00
C MET B 877 19.01 -18.38 8.55
N ARG B 878 20.05 -17.60 8.89
CA ARG B 878 21.45 -17.93 8.59
C ARG B 878 21.92 -19.03 9.57
N ALA B 879 21.29 -19.09 10.76
CA ALA B 879 21.55 -20.06 11.82
C ALA B 879 21.15 -21.49 11.41
N ALA B 880 20.13 -21.63 10.54
CA ALA B 880 19.60 -22.90 10.02
C ALA B 880 20.65 -23.79 9.35
N GLY B 881 21.67 -23.17 8.77
CA GLY B 881 22.76 -23.87 8.08
C GLY B 881 22.42 -24.25 6.65
N LEU B 882 21.61 -23.40 5.99
CA LEU B 882 21.20 -23.58 4.59
C LEU B 882 22.38 -23.32 3.65
N PRO B 883 22.61 -24.17 2.62
CA PRO B 883 23.76 -23.95 1.73
C PRO B 883 23.66 -22.68 0.88
N GLU B 884 22.43 -22.30 0.47
CA GLU B 884 22.18 -21.11 -0.33
C GLU B 884 21.82 -19.87 0.51
N LEU B 885 21.97 -19.99 1.85
CA LEU B 885 21.74 -18.92 2.83
C LEU B 885 22.58 -19.17 4.09
N SER B 886 23.85 -18.70 4.06
CA SER B 886 24.83 -18.85 5.13
C SER B 886 25.73 -17.61 5.29
N CYS B 887 25.99 -16.91 4.17
CA CYS B 887 26.82 -15.70 4.16
C CYS B 887 26.01 -14.43 3.84
N SER B 888 26.67 -13.25 3.94
CA SER B 888 26.09 -11.94 3.67
C SER B 888 25.74 -11.75 2.18
N LYS B 889 26.50 -12.42 1.29
CA LYS B 889 26.33 -12.36 -0.16
C LYS B 889 25.06 -13.06 -0.66
N ASP B 890 24.51 -14.00 0.14
CA ASP B 890 23.28 -14.73 -0.18
C ASP B 890 22.05 -13.82 -0.07
N ILE B 891 21.98 -13.03 1.02
CA ILE B 891 20.89 -12.07 1.30
C ILE B 891 20.94 -10.87 0.33
N GLN B 892 22.11 -10.61 -0.30
CA GLN B 892 22.38 -9.53 -1.25
C GLN B 892 21.44 -9.55 -2.47
N TYR B 893 20.93 -10.74 -2.85
CA TYR B 893 19.99 -10.89 -3.98
C TYR B 893 18.70 -10.11 -3.70
N LEU B 894 18.20 -10.15 -2.45
CA LEU B 894 17.00 -9.43 -2.01
C LEU B 894 17.19 -7.91 -2.09
N LYS B 895 18.43 -7.44 -1.81
CA LYS B 895 18.80 -6.02 -1.88
C LYS B 895 18.76 -5.56 -3.35
N ASP B 896 19.18 -6.45 -4.28
CA ASP B 896 19.22 -6.19 -5.72
C ASP B 896 17.86 -6.33 -6.40
N SER B 897 17.13 -7.45 -6.13
CA SER B 897 15.81 -7.73 -6.71
C SER B 897 14.75 -6.72 -6.29
N LEU B 898 14.68 -6.39 -4.98
CA LEU B 898 13.73 -5.42 -4.45
C LEU B 898 14.17 -3.97 -4.68
N ALA B 899 15.48 -3.75 -5.00
CA ALA B 899 16.12 -2.46 -5.25
C ALA B 899 15.86 -1.45 -4.12
N LEU B 900 16.28 -1.82 -2.89
CA LEU B 900 16.10 -1.05 -1.65
C LEU B 900 16.69 0.36 -1.66
N GLY B 901 17.82 0.54 -2.33
CA GLY B 901 18.50 1.83 -2.46
C GLY B 901 17.75 2.83 -3.30
N LYS B 902 17.10 2.33 -4.38
CA LYS B 902 16.31 3.12 -5.34
C LYS B 902 15.02 3.68 -4.73
N THR B 903 14.36 4.60 -5.45
CA THR B 903 13.08 5.21 -5.07
C THR B 903 11.96 4.47 -5.81
N GLU B 904 10.68 4.70 -5.43
CA GLU B 904 9.50 4.05 -6.01
C GLU B 904 9.40 4.07 -7.55
N GLU B 905 9.84 5.15 -8.20
CA GLU B 905 9.81 5.29 -9.66
C GLU B 905 11.08 4.73 -10.33
N GLU B 906 12.23 4.77 -9.62
CA GLU B 906 13.53 4.26 -10.11
C GLU B 906 13.50 2.74 -10.22
N ALA B 907 12.90 2.07 -9.22
CA ALA B 907 12.77 0.61 -9.15
C ALA B 907 11.68 0.10 -10.09
N LEU B 908 10.63 0.92 -10.33
CA LEU B 908 9.50 0.60 -11.21
C LEU B 908 9.97 0.49 -12.67
N LYS B 909 10.92 1.36 -13.08
CA LYS B 909 11.50 1.35 -14.43
C LYS B 909 12.41 0.13 -14.56
N HIS B 910 13.17 -0.19 -13.49
CA HIS B 910 14.06 -1.34 -13.38
C HIS B 910 13.26 -2.65 -13.48
N PHE B 911 12.11 -2.71 -12.79
CA PHE B 911 11.21 -3.87 -12.80
C PHE B 911 10.54 -4.04 -14.17
N ARG B 912 10.23 -2.91 -14.86
CA ARG B 912 9.61 -2.90 -16.20
C ARG B 912 10.56 -3.46 -17.25
N VAL B 913 11.87 -3.15 -17.13
CA VAL B 913 12.92 -3.66 -18.03
C VAL B 913 13.02 -5.18 -17.84
N LYS B 914 12.98 -5.65 -16.57
CA LYS B 914 13.01 -7.06 -16.20
C LYS B 914 11.72 -7.77 -16.67
N PHE B 915 10.57 -7.07 -16.62
CA PHE B 915 9.27 -7.56 -17.09
C PHE B 915 9.31 -7.71 -18.61
N ASN B 916 9.97 -6.74 -19.29
CA ASN B 916 10.16 -6.75 -20.75
C ASN B 916 11.12 -7.87 -21.13
N GLU B 917 12.19 -8.10 -20.33
CA GLU B 917 13.22 -9.13 -20.51
C GLU B 917 12.62 -10.55 -20.45
N ALA B 918 11.72 -10.80 -19.47
CA ALA B 918 11.03 -12.08 -19.29
C ALA B 918 10.07 -12.37 -20.44
N LEU B 919 9.52 -11.30 -21.06
CA LEU B 919 8.60 -11.36 -22.20
C LEU B 919 9.38 -11.44 -23.52
N ARG B 920 10.57 -10.80 -23.59
CA ARG B 920 11.45 -10.78 -24.76
C ARG B 920 12.00 -12.18 -25.05
N GLU B 921 12.60 -12.81 -24.02
CA GLU B 921 13.15 -14.16 -24.14
C GLU B 921 12.09 -15.18 -23.73
N SER B 922 11.12 -15.40 -24.63
CA SER B 922 10.00 -16.33 -24.44
C SER B 922 9.69 -17.07 -25.74
C1 J82 C . -22.74 24.52 1.17
N2 J82 C . -23.21 23.36 0.60
C3 J82 C . -22.41 22.61 -0.36
C4 J82 C . -22.74 21.14 -0.22
O5 J82 C . -24.14 20.96 -0.46
C6 J82 C . -24.86 21.59 0.61
C7 J82 C . -24.64 23.08 0.55
N8 J82 C . -23.59 25.31 1.91
C9 J82 C . -23.12 26.40 2.43
N10 J82 C . -21.84 26.83 2.31
C11 J82 C . -20.92 26.10 1.60
C12 J82 C . -21.44 24.86 0.99
O13 J82 C . -19.75 26.42 1.44
C14 J82 C . -24.00 27.30 3.23
C15 J82 C . -24.79 28.20 2.33
O16 J82 C . -24.22 28.96 1.57
N17 J82 C . -26.17 28.03 2.43
C18 J82 C . -28.35 27.40 3.17
C19 J82 C . -26.87 27.28 3.46
C20 J82 C . -28.36 28.49 2.16
C21 J82 C . -27.10 28.82 1.76
C22 J82 C . -26.88 29.81 0.83
C23 J82 C . -27.97 30.46 0.30
C24 J82 C . -29.25 30.12 0.71
C25 J82 C . -29.46 29.13 1.64
C26 J82 C . -26.64 27.89 4.82
C1 J82 D . 4.15 -31.00 -4.80
N2 J82 D . 2.82 -30.65 -4.58
C3 J82 D . 2.42 -29.94 -3.39
C4 J82 D . 1.26 -29.05 -3.76
O5 J82 D . 0.20 -29.88 -4.22
C6 J82 D . 0.57 -30.49 -5.46
C7 J82 D . 1.75 -31.40 -5.21
N8 J82 D . 4.45 -32.02 -5.66
C9 J82 D . 5.69 -32.32 -5.83
N10 J82 D . 6.73 -31.69 -5.22
C11 J82 D . 6.52 -30.65 -4.36
C12 J82 D . 5.10 -30.30 -4.16
O13 J82 D . 7.41 -30.03 -3.80
C14 J82 D . 6.10 -33.44 -6.75
C15 J82 D . 6.08 -34.76 -6.05
O16 J82 D . 6.74 -34.94 -5.03
N17 J82 D . 5.27 -35.69 -6.68
C18 J82 D . 3.51 -36.62 -8.00
C19 J82 D . 4.47 -35.45 -7.87
C20 J82 D . 4.02 -37.54 -6.96
C21 J82 D . 5.01 -36.98 -6.21
C22 J82 D . 5.64 -37.67 -5.19
C23 J82 D . 5.20 -38.95 -4.93
C24 J82 D . 4.19 -39.52 -5.69
C25 J82 D . 3.59 -38.83 -6.70
C26 J82 D . 5.37 -35.45 -9.09
#